data_1JWE
#
_entry.id   1JWE
#
_cell.length_a   1.000
_cell.length_b   1.000
_cell.length_c   1.000
_cell.angle_alpha   90.00
_cell.angle_beta   90.00
_cell.angle_gamma   90.00
#
_symmetry.space_group_name_H-M   'P 1'
#
_entity_poly.entity_id   1
_entity_poly.type   'polypeptide(L)'
_entity_poly.pdbx_seq_one_letter_code
;MKVPPHSIEAEQSVLGGLMLDNERWDDVAERVVADDFYTRPHRHIFTEMARLQESGSPIDLITLAESLERQGQLDSVGGF
AYLAELSKNTPSAANISAYADIVRERAVVREMIS
;
_entity_poly.pdbx_strand_id   A
#
# COMPACT_ATOMS: atom_id res chain seq x y z
N MET A 1 -6.98 4.66 -27.27
CA MET A 1 -7.54 4.81 -25.92
C MET A 1 -6.64 5.74 -25.11
N LYS A 2 -7.23 6.58 -24.24
CA LYS A 2 -6.53 6.97 -23.01
C LYS A 2 -6.76 5.81 -22.06
N VAL A 3 -5.71 5.08 -21.68
CA VAL A 3 -5.80 4.10 -20.62
C VAL A 3 -5.85 4.88 -19.29
N PRO A 4 -6.66 4.46 -18.30
CA PRO A 4 -6.71 5.12 -17.00
C PRO A 4 -5.32 5.09 -16.37
N PRO A 5 -4.75 6.23 -15.94
CA PRO A 5 -3.42 6.25 -15.32
C PRO A 5 -3.53 5.65 -13.92
N HIS A 6 -2.72 4.62 -13.65
CA HIS A 6 -2.52 4.11 -12.30
C HIS A 6 -1.46 4.97 -11.61
N SER A 7 -1.09 4.57 -10.39
CA SER A 7 0.03 5.11 -9.63
C SER A 7 0.92 3.96 -9.13
N ILE A 8 0.89 2.78 -9.77
CA ILE A 8 1.53 1.51 -9.39
C ILE A 8 2.79 1.72 -8.57
N GLU A 9 3.78 2.32 -9.19
CA GLU A 9 5.12 2.46 -8.66
C GLU A 9 5.22 3.38 -7.46
N ALA A 10 4.40 4.42 -7.44
CA ALA A 10 4.19 5.27 -6.27
C ALA A 10 3.50 4.45 -5.17
N GLU A 11 2.41 3.76 -5.49
CA GLU A 11 1.66 2.85 -4.62
C GLU A 11 2.62 1.81 -4.01
N GLN A 12 3.54 1.28 -4.82
CA GLN A 12 4.55 0.34 -4.39
C GLN A 12 5.42 0.99 -3.31
N SER A 13 5.95 2.18 -3.58
CA SER A 13 6.77 2.90 -2.63
C SER A 13 6.01 3.42 -1.41
N VAL A 14 4.69 3.55 -1.46
CA VAL A 14 3.88 3.79 -0.27
C VAL A 14 3.92 2.54 0.60
N LEU A 15 3.50 1.39 0.07
CA LEU A 15 3.41 0.16 0.86
C LEU A 15 4.80 -0.24 1.35
N GLY A 16 5.79 -0.17 0.48
CA GLY A 16 7.19 -0.34 0.80
C GLY A 16 7.62 0.61 1.91
N GLY A 17 7.26 1.90 1.81
CA GLY A 17 7.63 2.88 2.81
C GLY A 17 7.00 2.61 4.17
N LEU A 18 5.79 2.05 4.21
CA LEU A 18 5.14 1.65 5.45
C LEU A 18 5.82 0.46 6.08
N MET A 19 6.26 -0.51 5.26
CA MET A 19 7.07 -1.62 5.74
C MET A 19 8.38 -1.07 6.32
N LEU A 20 8.97 -0.07 5.64
CA LEU A 20 10.23 0.57 5.98
C LEU A 20 10.12 1.31 7.31
N ASP A 21 9.04 2.08 7.49
CA ASP A 21 8.76 2.89 8.67
C ASP A 21 7.26 2.88 8.97
N ASN A 22 6.88 2.10 9.99
CA ASN A 22 5.51 1.93 10.42
C ASN A 22 4.89 3.24 10.94
N GLU A 23 5.68 4.20 11.41
CA GLU A 23 5.15 5.49 11.88
C GLU A 23 4.53 6.27 10.73
N ARG A 24 4.98 6.04 9.50
CA ARG A 24 4.42 6.73 8.35
C ARG A 24 3.04 6.20 7.99
N TRP A 25 2.49 5.25 8.76
CA TRP A 25 1.09 4.89 8.62
C TRP A 25 0.28 6.18 8.72
N ASP A 26 0.56 7.02 9.71
CA ASP A 26 -0.24 8.25 9.89
C ASP A 26 -0.15 9.18 8.68
N ASP A 27 1.00 9.17 8.02
CA ASP A 27 1.40 10.07 6.93
C ASP A 27 0.81 9.68 5.60
N VAL A 28 0.72 8.37 5.39
CA VAL A 28 0.05 7.79 4.28
C VAL A 28 -1.45 7.88 4.54
N ALA A 29 -1.91 7.35 5.66
CA ALA A 29 -3.31 7.25 6.01
C ALA A 29 -3.97 8.62 6.20
N GLU A 30 -3.21 9.71 6.34
CA GLU A 30 -3.85 11.03 6.34
C GLU A 30 -4.27 11.45 4.92
N ARG A 31 -3.60 10.92 3.89
CA ARG A 31 -3.93 11.18 2.49
C ARG A 31 -4.84 10.11 1.93
N VAL A 32 -4.60 8.85 2.25
CA VAL A 32 -5.25 7.74 1.57
C VAL A 32 -5.98 6.79 2.49
N VAL A 33 -6.85 5.99 1.88
CA VAL A 33 -7.55 4.83 2.39
C VAL A 33 -7.39 3.71 1.36
N ALA A 34 -7.83 2.49 1.67
CA ALA A 34 -7.74 1.37 0.75
C ALA A 34 -8.42 1.68 -0.59
N ASP A 35 -9.55 2.39 -0.56
CA ASP A 35 -10.33 2.71 -1.76
C ASP A 35 -9.54 3.49 -2.80
N ASP A 36 -8.44 4.15 -2.42
CA ASP A 36 -7.64 4.94 -3.32
C ASP A 36 -6.75 4.05 -4.19
N PHE A 37 -6.43 2.84 -3.74
CA PHE A 37 -5.68 1.85 -4.52
C PHE A 37 -6.67 1.13 -5.42
N TYR A 38 -6.67 1.42 -6.72
CA TYR A 38 -7.41 0.63 -7.70
C TYR A 38 -6.74 -0.74 -7.90
N THR A 39 -5.46 -0.86 -7.57
CA THR A 39 -4.63 -2.03 -7.71
C THR A 39 -5.00 -3.06 -6.65
N ARG A 40 -5.79 -4.08 -7.00
CA ARG A 40 -6.27 -5.06 -6.04
C ARG A 40 -5.18 -5.66 -5.13
N PRO A 41 -3.99 -6.08 -5.59
CA PRO A 41 -2.95 -6.57 -4.66
C PRO A 41 -2.42 -5.44 -3.77
N HIS A 42 -2.23 -4.23 -4.29
CA HIS A 42 -1.84 -3.09 -3.46
C HIS A 42 -2.93 -2.82 -2.39
N ARG A 43 -4.21 -2.98 -2.75
CA ARG A 43 -5.36 -2.82 -1.87
C ARG A 43 -5.38 -3.85 -0.78
N HIS A 44 -5.29 -5.13 -1.12
CA HIS A 44 -5.16 -6.21 -0.17
C HIS A 44 -4.14 -5.89 0.90
N ILE A 45 -2.94 -5.51 0.48
CA ILE A 45 -1.82 -5.23 1.36
C ILE A 45 -2.20 -4.04 2.26
N PHE A 46 -2.74 -2.96 1.70
CA PHE A 46 -3.17 -1.81 2.50
C PHE A 46 -4.29 -2.16 3.49
N THR A 47 -5.32 -2.93 3.09
CA THR A 47 -6.40 -3.29 4.00
C THR A 47 -5.87 -4.20 5.12
N GLU A 48 -4.83 -4.99 4.85
CA GLU A 48 -4.23 -5.84 5.86
C GLU A 48 -3.37 -5.02 6.82
N MET A 49 -2.67 -3.98 6.34
CA MET A 49 -2.01 -3.00 7.19
C MET A 49 -3.05 -2.30 8.07
N ALA A 50 -4.16 -1.85 7.47
CA ALA A 50 -5.24 -1.19 8.18
C ALA A 50 -5.84 -2.10 9.25
N ARG A 51 -6.01 -3.39 8.95
CA ARG A 51 -6.47 -4.40 9.90
C ARG A 51 -5.49 -4.48 11.05
N LEU A 52 -4.20 -4.70 10.77
CA LEU A 52 -3.18 -4.86 11.77
C LEU A 52 -3.14 -3.65 12.68
N GLN A 53 -3.17 -2.43 12.14
CA GLN A 53 -3.16 -1.21 12.94
C GLN A 53 -4.40 -1.14 13.81
N GLU A 54 -5.57 -1.49 13.27
CA GLU A 54 -6.81 -1.58 14.03
C GLU A 54 -6.66 -2.62 15.17
N SER A 55 -5.94 -3.71 14.92
CA SER A 55 -5.63 -4.77 15.86
C SER A 55 -4.40 -4.42 16.73
N GLY A 56 -3.90 -3.18 16.66
CA GLY A 56 -2.85 -2.69 17.53
C GLY A 56 -1.53 -3.38 17.23
N SER A 57 -1.35 -3.84 16.00
CA SER A 57 -0.26 -4.72 15.60
C SER A 57 0.72 -3.96 14.70
N PRO A 58 1.96 -4.46 14.52
CA PRO A 58 2.92 -3.92 13.58
C PRO A 58 2.39 -4.00 12.14
N ILE A 59 2.99 -3.24 11.22
CA ILE A 59 2.69 -3.30 9.78
C ILE A 59 3.97 -3.48 8.95
N ASP A 60 5.07 -3.86 9.61
CA ASP A 60 6.29 -4.29 8.93
C ASP A 60 6.04 -5.56 8.12
N LEU A 61 6.99 -5.84 7.22
CA LEU A 61 6.88 -6.85 6.18
C LEU A 61 6.39 -8.18 6.70
N ILE A 62 7.16 -8.84 7.57
CA ILE A 62 6.92 -10.18 8.00
C ILE A 62 5.60 -10.27 8.77
N THR A 63 5.29 -9.26 9.59
CA THR A 63 4.01 -9.19 10.29
C THR A 63 2.85 -9.18 9.29
N LEU A 64 2.97 -8.35 8.26
CA LEU A 64 1.98 -8.16 7.21
C LEU A 64 1.79 -9.42 6.39
N ALA A 65 2.92 -10.04 6.02
CA ALA A 65 2.97 -11.30 5.29
C ALA A 65 2.21 -12.36 6.06
N GLU A 66 2.57 -12.59 7.33
CA GLU A 66 1.91 -13.56 8.18
C GLU A 66 0.43 -13.21 8.37
N SER A 67 0.03 -11.93 8.30
CA SER A 67 -1.36 -11.54 8.37
C SER A 67 -2.09 -12.07 7.14
N LEU A 68 -1.59 -11.78 5.95
CA LEU A 68 -2.13 -12.28 4.68
C LEU A 68 -2.07 -13.81 4.62
N GLU A 69 -1.08 -14.45 5.22
CA GLU A 69 -1.01 -15.90 5.34
C GLU A 69 -2.13 -16.43 6.23
N ARG A 70 -2.44 -15.80 7.37
CA ARG A 70 -3.63 -16.18 8.14
C ARG A 70 -4.91 -15.98 7.32
N GLN A 71 -4.96 -15.00 6.41
CA GLN A 71 -6.08 -14.86 5.49
C GLN A 71 -6.07 -15.92 4.38
N GLY A 72 -4.93 -16.58 4.12
CA GLY A 72 -4.79 -17.40 2.94
C GLY A 72 -4.90 -16.54 1.68
N GLN A 73 -4.36 -15.31 1.72
CA GLN A 73 -4.34 -14.33 0.64
C GLN A 73 -2.91 -13.87 0.30
N LEU A 74 -1.89 -14.48 0.91
CA LEU A 74 -0.48 -14.21 0.57
C LEU A 74 -0.29 -14.49 -0.93
N ASP A 75 -0.73 -15.66 -1.40
CA ASP A 75 -0.61 -15.98 -2.82
C ASP A 75 -1.47 -15.02 -3.64
N SER A 76 -2.66 -14.66 -3.14
CA SER A 76 -3.59 -13.73 -3.76
C SER A 76 -3.05 -12.30 -3.92
N VAL A 77 -1.84 -11.98 -3.44
CA VAL A 77 -1.16 -10.72 -3.76
C VAL A 77 0.14 -10.93 -4.54
N GLY A 78 0.60 -12.17 -4.71
CA GLY A 78 1.84 -12.51 -5.40
C GLY A 78 2.86 -13.22 -4.52
N GLY A 79 2.46 -13.72 -3.34
CA GLY A 79 3.33 -14.44 -2.44
C GLY A 79 4.25 -13.47 -1.68
N PHE A 80 5.10 -14.04 -0.82
CA PHE A 80 6.07 -13.27 -0.05
C PHE A 80 7.01 -12.52 -0.98
N ALA A 81 7.31 -13.04 -2.18
CA ALA A 81 8.14 -12.36 -3.16
C ALA A 81 7.60 -10.98 -3.52
N TYR A 82 6.29 -10.86 -3.79
CA TYR A 82 5.70 -9.57 -4.16
C TYR A 82 5.77 -8.59 -3.01
N LEU A 83 5.57 -9.07 -1.78
CA LEU A 83 5.74 -8.24 -0.59
C LEU A 83 7.21 -7.83 -0.46
N ALA A 84 8.14 -8.77 -0.63
CA ALA A 84 9.56 -8.54 -0.48
C ALA A 84 10.05 -7.50 -1.49
N GLU A 85 9.48 -7.51 -2.70
CA GLU A 85 9.73 -6.51 -3.72
C GLU A 85 9.34 -5.13 -3.18
N LEU A 86 8.10 -4.96 -2.71
CA LEU A 86 7.60 -3.71 -2.14
C LEU A 86 8.54 -3.22 -1.04
N SER A 87 8.90 -4.11 -0.12
CA SER A 87 9.69 -3.81 1.05
C SER A 87 11.01 -3.12 0.67
N LYS A 88 11.57 -3.50 -0.49
CA LYS A 88 12.83 -2.99 -1.02
C LYS A 88 12.55 -2.21 -2.32
N ASN A 89 11.43 -1.50 -2.41
CA ASN A 89 11.07 -0.66 -3.54
C ASN A 89 10.63 0.70 -3.00
N THR A 90 11.47 1.31 -2.16
CA THR A 90 11.23 2.67 -1.68
C THR A 90 12.57 3.36 -1.43
N PRO A 91 12.73 4.65 -1.78
CA PRO A 91 13.87 5.45 -1.38
C PRO A 91 13.69 5.85 0.10
N SER A 92 13.98 4.92 1.01
CA SER A 92 14.10 5.16 2.46
C SER A 92 12.93 5.95 3.08
N ALA A 93 11.70 5.69 2.61
CA ALA A 93 10.46 6.40 2.93
C ALA A 93 10.48 7.93 2.68
N ALA A 94 11.57 8.49 2.13
CA ALA A 94 11.82 9.92 2.04
C ALA A 94 10.78 10.69 1.23
N ASN A 95 10.05 10.01 0.34
CA ASN A 95 9.05 10.59 -0.54
C ASN A 95 7.68 9.95 -0.33
N ILE A 96 7.48 9.21 0.77
CA ILE A 96 6.26 8.42 0.99
C ILE A 96 5.01 9.28 0.91
N SER A 97 5.08 10.45 1.54
CA SER A 97 4.03 11.45 1.58
C SER A 97 3.65 11.89 0.17
N ALA A 98 4.67 12.13 -0.66
CA ALA A 98 4.51 12.55 -2.04
C ALA A 98 3.84 11.44 -2.84
N TYR A 99 4.28 10.19 -2.64
CA TYR A 99 3.71 9.06 -3.33
C TYR A 99 2.25 8.87 -2.93
N ALA A 100 1.91 8.94 -1.64
CA ALA A 100 0.53 8.83 -1.18
C ALA A 100 -0.34 9.93 -1.78
N ASP A 101 0.20 11.14 -1.96
CA ASP A 101 -0.49 12.26 -2.60
C ASP A 101 -0.83 11.93 -4.06
N ILE A 102 0.08 11.24 -4.75
CA ILE A 102 -0.09 10.79 -6.13
C ILE A 102 -1.12 9.65 -6.19
N VAL A 103 -1.15 8.71 -5.24
CA VAL A 103 -2.20 7.69 -5.24
C VAL A 103 -3.56 8.35 -5.04
N ARG A 104 -3.66 9.28 -4.08
CA ARG A 104 -4.86 10.08 -3.87
C ARG A 104 -5.23 10.83 -5.14
N GLU A 105 -4.27 11.38 -5.90
CA GLU A 105 -4.54 12.04 -7.17
C GLU A 105 -5.24 11.08 -8.11
N ARG A 106 -4.64 9.91 -8.36
CA ARG A 106 -5.23 8.90 -9.25
C ARG A 106 -6.60 8.44 -8.77
N ALA A 107 -6.84 8.41 -7.46
CA ALA A 107 -8.15 8.09 -6.91
C ALA A 107 -9.14 9.20 -7.20
N VAL A 108 -8.75 10.47 -7.03
CA VAL A 108 -9.61 11.61 -7.33
C VAL A 108 -9.91 11.65 -8.84
N VAL A 109 -8.94 11.30 -9.68
CA VAL A 109 -9.13 11.18 -11.12
C VAL A 109 -10.14 10.05 -11.41
N ARG A 110 -10.12 8.95 -10.65
CA ARG A 110 -11.11 7.87 -10.73
C ARG A 110 -12.50 8.29 -10.30
N GLU A 111 -12.64 9.20 -9.33
CA GLU A 111 -13.96 9.56 -8.82
C GLU A 111 -14.59 10.68 -9.65
N MET A 112 -13.79 11.62 -10.15
CA MET A 112 -14.24 12.86 -10.79
C MET A 112 -14.38 12.71 -12.32
N ILE A 113 -14.63 11.50 -12.84
CA ILE A 113 -14.80 11.20 -14.26
C ILE A 113 -15.67 12.23 -14.99
N SER A 114 -16.91 12.46 -14.51
CA SER A 114 -17.94 13.21 -15.21
C SER A 114 -18.16 12.62 -16.60
N MET A 1 2.63 1.08 -21.93
CA MET A 1 1.40 0.28 -21.89
C MET A 1 0.25 1.16 -21.44
N LYS A 2 -0.93 0.96 -22.00
CA LYS A 2 -2.16 1.61 -21.53
C LYS A 2 -2.36 1.29 -20.05
N VAL A 3 -2.69 2.27 -19.21
CA VAL A 3 -3.08 1.96 -17.84
C VAL A 3 -3.87 3.14 -17.25
N PRO A 4 -4.96 2.90 -16.51
CA PRO A 4 -5.82 3.96 -15.97
C PRO A 4 -5.11 4.70 -14.81
N PRO A 5 -5.65 5.83 -14.35
CA PRO A 5 -5.07 6.60 -13.26
C PRO A 5 -5.03 5.77 -11.97
N HIS A 6 -3.83 5.42 -11.48
CA HIS A 6 -3.63 4.84 -10.15
C HIS A 6 -2.18 4.91 -9.66
N SER A 7 -1.20 4.96 -10.55
CA SER A 7 0.23 4.92 -10.27
C SER A 7 0.65 3.72 -9.39
N ILE A 8 0.66 2.51 -9.97
CA ILE A 8 1.07 1.26 -9.31
C ILE A 8 2.38 1.43 -8.55
N GLU A 9 3.37 2.01 -9.19
CA GLU A 9 4.69 2.16 -8.61
C GLU A 9 4.71 3.11 -7.41
N ALA A 10 3.85 4.13 -7.42
CA ALA A 10 3.61 4.97 -6.24
C ALA A 10 2.93 4.15 -5.15
N GLU A 11 1.90 3.37 -5.50
CA GLU A 11 1.23 2.44 -4.59
C GLU A 11 2.29 1.54 -3.90
N GLN A 12 3.27 1.04 -4.65
CA GLN A 12 4.37 0.24 -4.11
C GLN A 12 5.19 1.01 -3.09
N SER A 13 5.74 2.17 -3.46
CA SER A 13 6.64 2.92 -2.59
C SER A 13 5.96 3.38 -1.30
N VAL A 14 4.64 3.59 -1.32
CA VAL A 14 3.90 3.89 -0.10
C VAL A 14 3.89 2.66 0.79
N LEU A 15 3.38 1.53 0.30
CA LEU A 15 3.21 0.33 1.13
C LEU A 15 4.57 -0.19 1.61
N GLY A 16 5.57 -0.22 0.73
CA GLY A 16 6.92 -0.58 1.11
C GLY A 16 7.55 0.46 2.04
N GLY A 17 7.16 1.74 1.92
CA GLY A 17 7.62 2.83 2.78
C GLY A 17 7.13 2.65 4.20
N LEU A 18 5.89 2.22 4.37
CA LEU A 18 5.31 1.98 5.69
C LEU A 18 6.01 0.85 6.43
N MET A 19 6.59 -0.11 5.70
CA MET A 19 7.41 -1.16 6.31
C MET A 19 8.69 -0.57 6.93
N LEU A 20 9.19 0.58 6.43
CA LEU A 20 10.33 1.27 7.04
C LEU A 20 9.93 2.05 8.27
N ASP A 21 8.76 2.68 8.26
CA ASP A 21 8.40 3.64 9.30
C ASP A 21 6.91 3.60 9.60
N ASN A 22 6.61 2.85 10.66
CA ASN A 22 5.25 2.51 11.07
C ASN A 22 4.46 3.78 11.43
N GLU A 23 5.11 4.85 11.89
CA GLU A 23 4.42 6.08 12.27
C GLU A 23 3.97 6.90 11.06
N ARG A 24 4.54 6.66 9.88
CA ARG A 24 4.05 7.33 8.67
C ARG A 24 2.71 6.74 8.22
N TRP A 25 2.20 5.70 8.90
CA TRP A 25 0.84 5.20 8.74
C TRP A 25 -0.14 6.34 8.71
N ASP A 26 -0.10 7.21 9.71
CA ASP A 26 -1.04 8.32 9.82
C ASP A 26 -0.88 9.34 8.70
N ASP A 27 0.33 9.53 8.20
CA ASP A 27 0.63 10.53 7.17
C ASP A 27 0.01 10.07 5.88
N VAL A 28 0.26 8.80 5.57
CA VAL A 28 -0.32 8.11 4.45
C VAL A 28 -1.83 8.04 4.68
N ALA A 29 -2.32 7.76 5.88
CA ALA A 29 -3.76 7.71 6.15
C ALA A 29 -4.47 9.07 5.99
N GLU A 30 -3.71 10.16 5.99
CA GLU A 30 -4.13 11.51 5.69
C GLU A 30 -3.86 11.92 4.24
N ARG A 31 -3.21 11.08 3.45
CA ARG A 31 -3.11 11.25 2.01
C ARG A 31 -4.13 10.37 1.31
N VAL A 32 -4.35 9.16 1.82
CA VAL A 32 -5.10 8.12 1.14
C VAL A 32 -5.76 7.19 2.15
N VAL A 33 -6.71 6.41 1.67
CA VAL A 33 -7.30 5.28 2.36
C VAL A 33 -7.13 4.06 1.44
N ALA A 34 -7.42 2.85 1.93
CA ALA A 34 -7.26 1.66 1.09
C ALA A 34 -8.14 1.78 -0.14
N ASP A 35 -9.30 2.43 -0.02
CA ASP A 35 -10.23 2.67 -1.12
C ASP A 35 -9.58 3.37 -2.31
N ASP A 36 -8.51 4.14 -2.10
CA ASP A 36 -7.85 4.91 -3.15
C ASP A 36 -6.88 4.05 -3.97
N PHE A 37 -6.47 2.89 -3.45
CA PHE A 37 -5.56 1.98 -4.14
C PHE A 37 -6.37 1.18 -5.13
N TYR A 38 -6.05 1.31 -6.42
CA TYR A 38 -6.80 0.72 -7.50
C TYR A 38 -6.57 -0.78 -7.57
N THR A 39 -5.34 -1.24 -7.43
CA THR A 39 -4.98 -2.62 -7.72
C THR A 39 -5.34 -3.51 -6.54
N ARG A 40 -6.09 -4.59 -6.78
CA ARG A 40 -6.45 -5.58 -5.76
C ARG A 40 -5.29 -5.96 -4.84
N PRO A 41 -4.09 -6.32 -5.32
CA PRO A 41 -3.00 -6.70 -4.43
C PRO A 41 -2.59 -5.56 -3.51
N HIS A 42 -2.37 -4.35 -4.03
CA HIS A 42 -1.98 -3.26 -3.16
C HIS A 42 -3.14 -2.88 -2.20
N ARG A 43 -4.39 -2.98 -2.65
CA ARG A 43 -5.59 -2.73 -1.84
C ARG A 43 -5.66 -3.72 -0.68
N HIS A 44 -5.45 -5.01 -0.95
CA HIS A 44 -5.30 -6.07 0.02
C HIS A 44 -4.21 -5.74 1.04
N ILE A 45 -3.01 -5.40 0.58
CA ILE A 45 -1.86 -5.14 1.44
C ILE A 45 -2.18 -3.93 2.34
N PHE A 46 -2.75 -2.85 1.80
CA PHE A 46 -3.19 -1.69 2.56
C PHE A 46 -4.19 -2.11 3.63
N THR A 47 -5.24 -2.86 3.28
CA THR A 47 -6.23 -3.31 4.24
C THR A 47 -5.58 -4.19 5.30
N GLU A 48 -4.58 -5.01 4.95
CA GLU A 48 -3.90 -5.84 5.94
C GLU A 48 -3.13 -4.96 6.91
N MET A 49 -2.45 -3.90 6.44
CA MET A 49 -1.81 -2.92 7.30
C MET A 49 -2.83 -2.29 8.24
N ALA A 50 -3.96 -1.81 7.70
CA ALA A 50 -5.03 -1.22 8.48
C ALA A 50 -5.57 -2.19 9.54
N ARG A 51 -5.68 -3.48 9.20
CA ARG A 51 -6.19 -4.49 10.12
C ARG A 51 -5.15 -4.86 11.16
N LEU A 52 -3.86 -4.92 10.84
CA LEU A 52 -2.81 -5.17 11.81
C LEU A 52 -2.72 -4.04 12.80
N GLN A 53 -2.80 -2.79 12.33
CA GLN A 53 -2.85 -1.62 13.19
C GLN A 53 -4.02 -1.72 14.16
N GLU A 54 -5.17 -2.14 13.65
CA GLU A 54 -6.36 -2.38 14.45
C GLU A 54 -6.18 -3.48 15.49
N SER A 55 -5.41 -4.54 15.20
CA SER A 55 -5.06 -5.56 16.18
C SER A 55 -3.82 -5.16 17.01
N GLY A 56 -3.32 -3.92 16.87
CA GLY A 56 -2.28 -3.41 17.74
C GLY A 56 -0.92 -3.98 17.35
N SER A 57 -0.70 -4.22 16.06
CA SER A 57 0.46 -4.93 15.54
C SER A 57 1.24 -4.00 14.61
N PRO A 58 2.54 -4.23 14.41
CA PRO A 58 3.30 -3.48 13.43
C PRO A 58 2.84 -3.82 12.02
N ILE A 59 3.06 -2.89 11.12
CA ILE A 59 2.87 -3.06 9.67
C ILE A 59 4.22 -3.46 9.03
N ASP A 60 5.05 -4.17 9.81
CA ASP A 60 6.27 -4.82 9.38
C ASP A 60 6.02 -5.92 8.35
N LEU A 61 6.95 -6.10 7.41
CA LEU A 61 6.81 -7.07 6.32
C LEU A 61 6.41 -8.45 6.84
N ILE A 62 7.11 -8.99 7.84
CA ILE A 62 6.88 -10.36 8.26
C ILE A 62 5.46 -10.49 8.79
N THR A 63 5.07 -9.59 9.70
CA THR A 63 3.76 -9.53 10.32
C THR A 63 2.67 -9.45 9.25
N LEU A 64 2.89 -8.62 8.24
CA LEU A 64 1.99 -8.37 7.12
C LEU A 64 1.81 -9.60 6.25
N ALA A 65 2.93 -10.21 5.85
CA ALA A 65 2.95 -11.42 5.04
C ALA A 65 2.22 -12.55 5.75
N GLU A 66 2.57 -12.77 7.02
CA GLU A 66 1.94 -13.78 7.87
C GLU A 66 0.44 -13.51 7.96
N SER A 67 0.02 -12.26 8.12
CA SER A 67 -1.39 -11.93 8.27
C SER A 67 -2.16 -12.22 6.97
N LEU A 68 -1.56 -11.95 5.81
CA LEU A 68 -2.15 -12.34 4.54
C LEU A 68 -2.21 -13.86 4.42
N GLU A 69 -1.21 -14.59 4.90
CA GLU A 69 -1.19 -16.04 4.92
C GLU A 69 -2.28 -16.59 5.86
N ARG A 70 -2.54 -15.97 7.02
CA ARG A 70 -3.68 -16.30 7.85
C ARG A 70 -4.97 -16.19 7.04
N GLN A 71 -5.11 -15.12 6.26
CA GLN A 71 -6.26 -14.94 5.38
C GLN A 71 -6.20 -15.85 4.14
N GLY A 72 -5.11 -16.60 3.90
CA GLY A 72 -4.98 -17.46 2.74
C GLY A 72 -4.90 -16.63 1.46
N GLN A 73 -4.30 -15.44 1.55
CA GLN A 73 -4.22 -14.43 0.50
C GLN A 73 -2.78 -13.94 0.30
N LEU A 74 -1.79 -14.58 0.91
CA LEU A 74 -0.39 -14.27 0.64
C LEU A 74 -0.11 -14.46 -0.85
N ASP A 75 -0.45 -15.64 -1.38
CA ASP A 75 -0.39 -15.92 -2.82
C ASP A 75 -1.26 -14.96 -3.62
N SER A 76 -2.46 -14.62 -3.13
CA SER A 76 -3.43 -13.77 -3.81
C SER A 76 -2.82 -12.43 -4.19
N VAL A 77 -2.03 -11.81 -3.31
CA VAL A 77 -1.50 -10.49 -3.59
C VAL A 77 -0.22 -10.58 -4.45
N GLY A 78 0.31 -11.79 -4.65
CA GLY A 78 1.44 -12.10 -5.48
C GLY A 78 2.31 -13.19 -4.85
N GLY A 79 2.27 -13.34 -3.53
CA GLY A 79 3.16 -14.19 -2.74
C GLY A 79 4.10 -13.34 -1.89
N PHE A 80 4.90 -13.99 -1.03
CA PHE A 80 5.86 -13.32 -0.14
C PHE A 80 6.84 -12.50 -0.98
N ALA A 81 7.38 -13.09 -2.05
CA ALA A 81 8.34 -12.47 -2.94
C ALA A 81 7.81 -11.19 -3.63
N TYR A 82 6.49 -10.98 -3.67
CA TYR A 82 5.90 -9.72 -4.12
C TYR A 82 6.10 -8.65 -3.04
N LEU A 83 5.75 -8.97 -1.80
CA LEU A 83 5.86 -8.04 -0.67
C LEU A 83 7.31 -7.67 -0.43
N ALA A 84 8.20 -8.66 -0.53
CA ALA A 84 9.63 -8.44 -0.44
C ALA A 84 10.11 -7.56 -1.59
N GLU A 85 9.51 -7.71 -2.78
CA GLU A 85 9.80 -6.79 -3.88
C GLU A 85 9.40 -5.38 -3.47
N LEU A 86 8.20 -5.17 -2.91
CA LEU A 86 7.73 -3.85 -2.45
C LEU A 86 8.75 -3.24 -1.49
N SER A 87 9.12 -4.00 -0.46
CA SER A 87 10.02 -3.54 0.59
C SER A 87 11.34 -3.12 -0.05
N LYS A 88 11.94 -3.97 -0.90
CA LYS A 88 13.22 -3.66 -1.52
C LYS A 88 13.10 -2.53 -2.56
N ASN A 89 11.93 -2.33 -3.16
CA ASN A 89 11.67 -1.36 -4.23
C ASN A 89 11.40 0.05 -3.69
N THR A 90 11.73 0.25 -2.42
CA THR A 90 11.44 1.45 -1.68
C THR A 90 12.79 2.14 -1.36
N PRO A 91 13.10 3.29 -1.98
CA PRO A 91 14.27 4.10 -1.62
C PRO A 91 14.01 4.88 -0.32
N SER A 92 13.71 4.13 0.76
CA SER A 92 13.19 4.59 2.05
C SER A 92 11.83 5.28 1.91
N ALA A 93 11.26 5.68 3.04
CA ALA A 93 10.10 6.56 3.13
C ALA A 93 10.67 7.98 3.15
N ALA A 94 11.19 8.45 2.02
CA ALA A 94 11.80 9.78 1.91
C ALA A 94 10.75 10.85 1.60
N ASN A 95 9.72 10.48 0.83
CA ASN A 95 8.72 11.34 0.21
C ASN A 95 7.40 10.58 0.20
N ILE A 96 7.13 9.76 1.22
CA ILE A 96 6.02 8.81 1.23
C ILE A 96 4.70 9.51 0.95
N SER A 97 4.50 10.64 1.61
CA SER A 97 3.31 11.46 1.49
C SER A 97 3.15 12.01 0.07
N ALA A 98 4.25 12.37 -0.59
CA ALA A 98 4.25 12.86 -1.95
C ALA A 98 4.04 11.75 -2.98
N TYR A 99 4.39 10.49 -2.67
CA TYR A 99 4.01 9.33 -3.47
C TYR A 99 2.53 9.02 -3.26
N ALA A 100 2.07 9.01 -2.01
CA ALA A 100 0.65 8.81 -1.71
C ALA A 100 -0.21 9.89 -2.35
N ASP A 101 0.29 11.12 -2.47
CA ASP A 101 -0.36 12.20 -3.20
C ASP A 101 -0.52 11.87 -4.69
N ILE A 102 0.33 11.02 -5.29
CA ILE A 102 0.12 10.57 -6.66
C ILE A 102 -1.11 9.66 -6.65
N VAL A 103 -1.11 8.63 -5.79
CA VAL A 103 -2.21 7.67 -5.68
C VAL A 103 -3.53 8.41 -5.41
N ARG A 104 -3.52 9.39 -4.49
CA ARG A 104 -4.70 10.21 -4.20
C ARG A 104 -5.12 10.99 -5.43
N GLU A 105 -4.24 11.77 -6.06
CA GLU A 105 -4.63 12.61 -7.20
C GLU A 105 -5.21 11.73 -8.31
N ARG A 106 -4.59 10.58 -8.53
CA ARG A 106 -5.10 9.60 -9.48
C ARG A 106 -6.47 9.08 -9.07
N ALA A 107 -6.73 8.82 -7.79
CA ALA A 107 -8.04 8.38 -7.31
C ALA A 107 -9.09 9.49 -7.45
N VAL A 108 -8.72 10.75 -7.18
CA VAL A 108 -9.58 11.91 -7.40
C VAL A 108 -9.96 11.97 -8.88
N VAL A 109 -8.99 11.96 -9.77
CA VAL A 109 -9.25 12.02 -11.21
C VAL A 109 -10.03 10.77 -11.66
N ARG A 110 -9.81 9.61 -11.04
CA ARG A 110 -10.59 8.40 -11.29
C ARG A 110 -12.06 8.66 -11.01
N GLU A 111 -12.38 9.10 -9.80
CA GLU A 111 -13.76 9.24 -9.35
C GLU A 111 -14.46 10.43 -10.01
N MET A 112 -13.70 11.46 -10.37
CA MET A 112 -14.14 12.59 -11.19
C MET A 112 -14.15 12.27 -12.69
N ILE A 113 -13.94 11.01 -13.08
CA ILE A 113 -14.09 10.47 -14.43
C ILE A 113 -13.21 11.21 -15.48
N SER A 114 -11.93 11.36 -15.16
CA SER A 114 -10.83 11.82 -16.02
C SER A 114 -11.03 13.19 -16.67
N MET A 1 -12.90 7.08 -24.74
CA MET A 1 -12.64 7.02 -23.30
C MET A 1 -11.19 6.53 -23.10
N LYS A 2 -10.62 6.57 -21.89
CA LYS A 2 -9.24 6.12 -21.64
C LYS A 2 -9.09 5.45 -20.27
N VAL A 3 -8.09 4.60 -20.11
CA VAL A 3 -7.74 3.90 -18.88
C VAL A 3 -7.55 4.95 -17.78
N PRO A 4 -8.09 4.80 -16.56
CA PRO A 4 -7.91 5.81 -15.52
C PRO A 4 -6.41 5.91 -15.21
N PRO A 5 -5.80 7.10 -15.15
CA PRO A 5 -4.41 7.20 -14.73
C PRO A 5 -4.33 6.76 -13.28
N HIS A 6 -3.44 5.81 -13.00
CA HIS A 6 -3.13 5.32 -11.66
C HIS A 6 -1.61 5.25 -11.55
N SER A 7 -1.07 5.04 -10.36
CA SER A 7 0.36 5.19 -10.08
C SER A 7 0.93 3.99 -9.34
N ILE A 8 0.80 2.80 -9.95
CA ILE A 8 1.32 1.50 -9.51
C ILE A 8 2.56 1.71 -8.67
N GLU A 9 3.63 2.21 -9.28
CA GLU A 9 4.93 2.26 -8.66
C GLU A 9 4.98 3.22 -7.47
N ALA A 10 4.31 4.36 -7.53
CA ALA A 10 4.19 5.26 -6.38
C ALA A 10 3.52 4.50 -5.24
N GLU A 11 2.40 3.84 -5.52
CA GLU A 11 1.70 2.95 -4.59
C GLU A 11 2.66 1.91 -4.01
N GLN A 12 3.50 1.28 -4.83
CA GLN A 12 4.45 0.27 -4.38
C GLN A 12 5.43 0.87 -3.37
N SER A 13 6.01 2.03 -3.68
CA SER A 13 6.94 2.69 -2.77
C SER A 13 6.26 3.24 -1.51
N VAL A 14 4.97 3.60 -1.57
CA VAL A 14 4.22 3.96 -0.37
C VAL A 14 4.08 2.72 0.50
N LEU A 15 3.56 1.62 -0.06
CA LEU A 15 3.37 0.38 0.68
C LEU A 15 4.70 -0.10 1.26
N GLY A 16 5.77 -0.13 0.46
CA GLY A 16 7.11 -0.43 0.93
C GLY A 16 7.51 0.50 2.08
N GLY A 17 7.34 1.81 1.90
CA GLY A 17 7.69 2.81 2.89
C GLY A 17 6.94 2.63 4.20
N LEU A 18 5.71 2.11 4.18
CA LEU A 18 4.94 1.83 5.38
C LEU A 18 5.57 0.69 6.19
N MET A 19 6.09 -0.33 5.51
CA MET A 19 6.85 -1.40 6.15
C MET A 19 8.14 -0.81 6.74
N LEU A 20 8.76 0.12 6.02
CA LEU A 20 10.04 0.71 6.35
C LEU A 20 9.97 1.71 7.50
N ASP A 21 8.89 2.47 7.60
CA ASP A 21 8.74 3.60 8.51
C ASP A 21 7.27 3.80 8.88
N ASN A 22 6.86 2.94 9.80
CA ASN A 22 5.52 2.65 10.25
C ASN A 22 4.74 3.88 10.70
N GLU A 23 5.43 4.89 11.21
CA GLU A 23 4.77 6.06 11.79
C GLU A 23 4.24 7.01 10.72
N ARG A 24 4.68 6.82 9.47
CA ARG A 24 4.09 7.51 8.33
C ARG A 24 2.76 6.87 7.93
N TRP A 25 2.31 5.77 8.56
CA TRP A 25 0.97 5.23 8.34
C TRP A 25 -0.07 6.34 8.50
N ASP A 26 0.01 7.12 9.58
CA ASP A 26 -0.97 8.19 9.84
C ASP A 26 -0.92 9.29 8.81
N ASP A 27 0.22 9.50 8.16
CA ASP A 27 0.33 10.53 7.13
C ASP A 27 -0.29 10.05 5.84
N VAL A 28 -0.01 8.79 5.51
CA VAL A 28 -0.51 8.09 4.35
C VAL A 28 -2.02 7.87 4.49
N ALA A 29 -2.55 7.49 5.66
CA ALA A 29 -4.00 7.37 5.89
C ALA A 29 -4.71 8.71 5.68
N GLU A 30 -4.00 9.80 5.96
CA GLU A 30 -4.44 11.16 5.79
C GLU A 30 -4.16 11.69 4.37
N ARG A 31 -3.68 10.84 3.48
CA ARG A 31 -3.57 11.07 2.04
C ARG A 31 -4.49 10.13 1.30
N VAL A 32 -4.64 8.89 1.74
CA VAL A 32 -5.31 7.84 1.01
C VAL A 32 -5.99 6.87 1.96
N VAL A 33 -6.98 6.14 1.44
CA VAL A 33 -7.65 5.04 2.14
C VAL A 33 -7.60 3.80 1.24
N ALA A 34 -7.97 2.61 1.73
CA ALA A 34 -7.79 1.37 0.97
C ALA A 34 -8.52 1.43 -0.38
N ASP A 35 -9.66 2.10 -0.43
CA ASP A 35 -10.47 2.23 -1.64
C ASP A 35 -9.74 2.95 -2.77
N ASP A 36 -8.71 3.74 -2.46
CA ASP A 36 -7.92 4.49 -3.42
C ASP A 36 -6.91 3.61 -4.14
N PHE A 37 -6.63 2.42 -3.61
CA PHE A 37 -5.68 1.48 -4.17
C PHE A 37 -6.44 0.58 -5.16
N TYR A 38 -6.55 1.02 -6.41
CA TYR A 38 -7.19 0.24 -7.47
C TYR A 38 -6.49 -1.10 -7.70
N THR A 39 -5.18 -1.14 -7.48
CA THR A 39 -4.39 -2.32 -7.79
C THR A 39 -4.69 -3.41 -6.76
N ARG A 40 -5.25 -4.53 -7.20
CA ARG A 40 -5.72 -5.63 -6.36
C ARG A 40 -4.74 -6.04 -5.24
N PRO A 41 -3.47 -6.37 -5.52
CA PRO A 41 -2.54 -6.76 -4.46
C PRO A 41 -2.20 -5.57 -3.57
N HIS A 42 -2.12 -4.36 -4.12
CA HIS A 42 -1.83 -3.18 -3.33
C HIS A 42 -2.98 -2.92 -2.33
N ARG A 43 -4.24 -3.11 -2.74
CA ARG A 43 -5.42 -3.06 -1.88
C ARG A 43 -5.35 -4.09 -0.77
N HIS A 44 -5.10 -5.35 -1.12
CA HIS A 44 -4.91 -6.40 -0.14
C HIS A 44 -3.90 -5.98 0.92
N ILE A 45 -2.70 -5.60 0.49
CA ILE A 45 -1.61 -5.20 1.37
C ILE A 45 -2.08 -4.04 2.25
N PHE A 46 -2.62 -2.96 1.69
CA PHE A 46 -3.10 -1.82 2.46
C PHE A 46 -4.19 -2.24 3.47
N THR A 47 -5.08 -3.16 3.10
CA THR A 47 -6.15 -3.62 4.00
C THR A 47 -5.54 -4.36 5.18
N GLU A 48 -4.61 -5.29 4.92
CA GLU A 48 -4.01 -6.09 5.96
C GLU A 48 -3.12 -5.20 6.85
N MET A 49 -2.47 -4.18 6.27
CA MET A 49 -1.71 -3.17 7.01
C MET A 49 -2.64 -2.42 7.95
N ALA A 50 -3.71 -1.84 7.40
CA ALA A 50 -4.69 -1.07 8.17
C ALA A 50 -5.22 -1.92 9.32
N ARG A 51 -5.56 -3.19 9.04
CA ARG A 51 -6.10 -4.12 10.02
C ARG A 51 -5.09 -4.44 11.11
N LEU A 52 -3.84 -4.73 10.78
CA LEU A 52 -2.81 -5.02 11.77
C LEU A 52 -2.59 -3.78 12.63
N GLN A 53 -2.42 -2.62 12.01
CA GLN A 53 -2.16 -1.38 12.73
C GLN A 53 -3.30 -1.04 13.66
N GLU A 54 -4.53 -1.24 13.19
CA GLU A 54 -5.77 -1.13 13.98
C GLU A 54 -5.73 -2.05 15.20
N SER A 55 -5.16 -3.25 15.07
CA SER A 55 -5.00 -4.16 16.19
C SER A 55 -3.76 -3.88 17.03
N GLY A 56 -3.02 -2.79 16.76
CA GLY A 56 -1.85 -2.51 17.57
C GLY A 56 -0.73 -3.50 17.22
N SER A 57 -0.73 -4.01 16.00
CA SER A 57 0.30 -4.87 15.47
C SER A 57 1.16 -4.01 14.54
N PRO A 58 2.42 -4.40 14.26
CA PRO A 58 3.21 -3.72 13.25
C PRO A 58 2.72 -4.10 11.86
N ILE A 59 3.09 -3.29 10.89
CA ILE A 59 2.93 -3.57 9.47
C ILE A 59 4.28 -4.01 8.90
N ASP A 60 5.11 -4.67 9.72
CA ASP A 60 6.37 -5.30 9.30
C ASP A 60 6.09 -6.42 8.30
N LEU A 61 7.13 -6.83 7.55
CA LEU A 61 7.03 -7.72 6.40
C LEU A 61 6.36 -9.02 6.76
N ILE A 62 7.00 -9.80 7.61
CA ILE A 62 6.56 -11.12 7.96
C ILE A 62 5.24 -11.06 8.69
N THR A 63 5.02 -10.04 9.52
CA THR A 63 3.80 -9.90 10.29
C THR A 63 2.59 -9.69 9.38
N LEU A 64 2.75 -8.91 8.31
CA LEU A 64 1.77 -8.78 7.25
C LEU A 64 1.63 -10.09 6.49
N ALA A 65 2.74 -10.67 6.06
CA ALA A 65 2.76 -11.88 5.26
C ALA A 65 2.00 -13.02 5.95
N GLU A 66 2.23 -13.18 7.24
CA GLU A 66 1.57 -14.15 8.10
C GLU A 66 0.10 -13.79 8.21
N SER A 67 -0.26 -12.52 8.37
CA SER A 67 -1.66 -12.13 8.50
C SER A 67 -2.42 -12.44 7.20
N LEU A 68 -1.81 -12.14 6.05
CA LEU A 68 -2.33 -12.49 4.74
C LEU A 68 -2.48 -14.01 4.63
N GLU A 69 -1.55 -14.82 5.13
CA GLU A 69 -1.69 -16.28 5.12
C GLU A 69 -2.83 -16.76 6.00
N ARG A 70 -3.04 -16.15 7.17
CA ARG A 70 -4.18 -16.51 8.03
C ARG A 70 -5.46 -16.28 7.26
N GLN A 71 -5.59 -15.13 6.61
CA GLN A 71 -6.79 -14.82 5.83
C GLN A 71 -6.83 -15.61 4.52
N GLY A 72 -5.71 -16.14 4.02
CA GLY A 72 -5.67 -16.90 2.78
C GLY A 72 -5.62 -15.99 1.55
N GLN A 73 -4.84 -14.90 1.62
CA GLN A 73 -4.53 -13.99 0.51
C GLN A 73 -3.02 -13.90 0.20
N LEU A 74 -2.13 -14.57 0.95
CA LEU A 74 -0.69 -14.38 0.74
C LEU A 74 -0.28 -14.71 -0.69
N ASP A 75 -0.75 -15.84 -1.23
CA ASP A 75 -0.43 -16.18 -2.60
C ASP A 75 -1.15 -15.23 -3.57
N SER A 76 -2.37 -14.82 -3.24
CA SER A 76 -3.19 -13.93 -4.07
C SER A 76 -2.50 -12.61 -4.36
N VAL A 77 -1.66 -12.09 -3.46
CA VAL A 77 -1.01 -10.79 -3.70
C VAL A 77 0.25 -10.95 -4.57
N GLY A 78 0.79 -12.16 -4.67
CA GLY A 78 2.02 -12.48 -5.38
C GLY A 78 3.04 -13.22 -4.50
N GLY A 79 2.65 -13.67 -3.31
CA GLY A 79 3.50 -14.42 -2.40
C GLY A 79 4.41 -13.51 -1.58
N PHE A 80 5.19 -14.10 -0.67
CA PHE A 80 6.14 -13.38 0.18
C PHE A 80 7.10 -12.54 -0.65
N ALA A 81 7.55 -13.04 -1.81
CA ALA A 81 8.45 -12.31 -2.68
C ALA A 81 7.85 -11.00 -3.17
N TYR A 82 6.53 -10.93 -3.39
CA TYR A 82 5.87 -9.71 -3.81
C TYR A 82 5.97 -8.65 -2.72
N LEU A 83 5.66 -9.05 -1.48
CA LEU A 83 5.74 -8.19 -0.30
C LEU A 83 7.17 -7.70 -0.14
N ALA A 84 8.13 -8.63 -0.21
CA ALA A 84 9.54 -8.35 -0.11
C ALA A 84 9.95 -7.35 -1.19
N GLU A 85 9.45 -7.53 -2.41
CA GLU A 85 9.80 -6.69 -3.54
C GLU A 85 9.20 -5.29 -3.38
N LEU A 86 8.00 -5.16 -2.79
CA LEU A 86 7.42 -3.87 -2.43
C LEU A 86 8.30 -3.18 -1.38
N SER A 87 8.70 -3.90 -0.35
CA SER A 87 9.59 -3.38 0.68
C SER A 87 10.89 -2.87 0.04
N LYS A 88 11.45 -3.63 -0.89
CA LYS A 88 12.67 -3.24 -1.62
C LYS A 88 12.39 -2.14 -2.65
N ASN A 89 11.13 -1.86 -3.00
CA ASN A 89 10.72 -0.75 -3.87
C ASN A 89 10.58 0.55 -3.07
N THR A 90 11.21 0.63 -1.90
CA THR A 90 11.26 1.82 -1.07
C THR A 90 12.52 2.61 -1.43
N PRO A 91 12.43 3.77 -2.11
CA PRO A 91 13.62 4.54 -2.43
C PRO A 91 14.25 5.23 -1.23
N SER A 92 13.50 5.38 -0.15
CA SER A 92 13.95 5.79 1.17
C SER A 92 12.83 5.78 2.21
N ALA A 93 11.58 6.01 1.81
CA ALA A 93 10.40 6.27 2.66
C ALA A 93 10.39 7.72 3.16
N ALA A 94 11.33 8.56 2.68
CA ALA A 94 11.38 9.98 2.95
C ALA A 94 10.14 10.63 2.36
N ASN A 95 10.05 10.61 1.03
CA ASN A 95 9.03 11.29 0.23
C ASN A 95 7.69 10.55 0.25
N ILE A 96 7.42 9.71 1.25
CA ILE A 96 6.30 8.78 1.28
C ILE A 96 4.97 9.49 1.15
N SER A 97 4.77 10.51 1.98
CA SER A 97 3.53 11.26 1.97
C SER A 97 3.35 11.99 0.63
N ALA A 98 4.44 12.45 0.03
CA ALA A 98 4.41 13.11 -1.28
C ALA A 98 4.05 12.11 -2.38
N TYR A 99 4.53 10.87 -2.28
CA TYR A 99 4.15 9.78 -3.17
C TYR A 99 2.66 9.43 -2.96
N ALA A 100 2.21 9.31 -1.71
CA ALA A 100 0.81 9.03 -1.40
C ALA A 100 -0.11 10.13 -1.94
N ASP A 101 0.38 11.37 -2.03
CA ASP A 101 -0.34 12.47 -2.64
C ASP A 101 -0.55 12.30 -4.14
N ILE A 102 0.33 11.54 -4.81
CA ILE A 102 0.14 11.09 -6.20
C ILE A 102 -1.08 10.17 -6.19
N VAL A 103 -1.05 9.13 -5.36
CA VAL A 103 -2.09 8.11 -5.25
C VAL A 103 -3.44 8.77 -4.97
N ARG A 104 -3.47 9.72 -4.02
CA ARG A 104 -4.61 10.56 -3.68
C ARG A 104 -5.16 11.22 -4.94
N GLU A 105 -4.33 11.98 -5.64
CA GLU A 105 -4.77 12.73 -6.81
C GLU A 105 -5.33 11.79 -7.86
N ARG A 106 -4.61 10.71 -8.17
CA ARG A 106 -5.09 9.68 -9.10
C ARG A 106 -6.44 9.12 -8.67
N ALA A 107 -6.66 8.89 -7.37
CA ALA A 107 -7.89 8.29 -6.87
C ALA A 107 -9.04 9.29 -6.93
N VAL A 108 -8.78 10.57 -6.69
CA VAL A 108 -9.77 11.63 -6.89
C VAL A 108 -10.10 11.72 -8.39
N VAL A 109 -9.10 11.65 -9.26
CA VAL A 109 -9.28 11.63 -10.72
C VAL A 109 -10.03 10.36 -11.15
N ARG A 110 -9.95 9.27 -10.38
CA ARG A 110 -10.68 8.02 -10.66
C ARG A 110 -12.19 8.24 -10.56
N GLU A 111 -12.64 9.16 -9.70
CA GLU A 111 -14.05 9.44 -9.42
C GLU A 111 -14.56 10.71 -10.10
N MET A 112 -13.63 11.58 -10.48
CA MET A 112 -13.89 12.74 -11.34
C MET A 112 -14.12 12.31 -12.81
N ILE A 113 -14.16 11.01 -13.11
CA ILE A 113 -14.28 10.46 -14.45
C ILE A 113 -15.36 9.38 -14.42
N SER A 114 -16.08 9.26 -15.54
CA SER A 114 -17.30 8.46 -15.72
C SER A 114 -16.99 6.98 -15.71
N MET A 1 -0.43 3.04 -22.64
CA MET A 1 -0.55 2.40 -23.95
C MET A 1 -1.12 1.01 -23.72
N LYS A 2 -2.46 0.91 -23.73
CA LYS A 2 -3.22 0.03 -22.84
C LYS A 2 -2.95 0.43 -21.37
N VAL A 3 -3.76 -0.06 -20.44
CA VAL A 3 -3.75 0.21 -19.01
C VAL A 3 -4.19 1.67 -18.75
N PRO A 4 -5.09 1.95 -17.79
CA PRO A 4 -5.45 3.32 -17.45
C PRO A 4 -4.27 4.02 -16.76
N PRO A 5 -4.11 5.35 -16.86
CA PRO A 5 -3.12 6.09 -16.09
C PRO A 5 -3.46 5.95 -14.60
N HIS A 6 -2.44 5.58 -13.84
CA HIS A 6 -2.51 5.14 -12.45
C HIS A 6 -1.30 5.71 -11.69
N SER A 7 -1.02 5.17 -10.51
CA SER A 7 0.18 5.46 -9.74
C SER A 7 0.87 4.19 -9.23
N ILE A 8 0.60 2.99 -9.78
CA ILE A 8 1.05 1.69 -9.25
C ILE A 8 2.47 1.76 -8.72
N GLU A 9 3.43 2.13 -9.55
CA GLU A 9 4.84 2.07 -9.15
C GLU A 9 5.21 3.05 -8.05
N ALA A 10 4.50 4.17 -7.96
CA ALA A 10 4.57 5.10 -6.82
C ALA A 10 3.91 4.45 -5.59
N GLU A 11 2.72 3.85 -5.75
CA GLU A 11 1.99 3.13 -4.72
C GLU A 11 2.87 2.02 -4.13
N GLN A 12 3.71 1.39 -4.93
CA GLN A 12 4.65 0.38 -4.48
C GLN A 12 5.59 0.95 -3.43
N SER A 13 6.16 2.14 -3.67
CA SER A 13 7.02 2.81 -2.70
C SER A 13 6.26 3.35 -1.49
N VAL A 14 4.95 3.56 -1.60
CA VAL A 14 4.11 3.85 -0.44
C VAL A 14 4.00 2.58 0.40
N LEU A 15 3.54 1.47 -0.17
CA LEU A 15 3.30 0.23 0.57
C LEU A 15 4.60 -0.33 1.14
N GLY A 16 5.69 -0.31 0.38
CA GLY A 16 7.00 -0.65 0.90
C GLY A 16 7.42 0.34 1.98
N GLY A 17 7.13 1.63 1.81
CA GLY A 17 7.41 2.69 2.77
C GLY A 17 6.75 2.46 4.13
N LEU A 18 5.58 1.84 4.15
CA LEU A 18 4.88 1.51 5.39
C LEU A 18 5.62 0.44 6.19
N MET A 19 6.15 -0.57 5.51
CA MET A 19 7.01 -1.59 6.13
C MET A 19 8.30 -0.94 6.67
N LEU A 20 8.69 0.19 6.08
CA LEU A 20 9.96 0.88 6.22
C LEU A 20 10.00 1.78 7.45
N ASP A 21 8.88 2.46 7.74
CA ASP A 21 8.77 3.46 8.80
C ASP A 21 7.32 3.58 9.22
N ASN A 22 6.97 2.78 10.22
CA ASN A 22 5.59 2.53 10.65
C ASN A 22 4.88 3.82 11.04
N GLU A 23 5.62 4.86 11.48
CA GLU A 23 4.95 6.10 11.88
C GLU A 23 4.25 6.71 10.67
N ARG A 24 4.80 6.51 9.47
CA ARG A 24 4.29 7.15 8.28
C ARG A 24 2.98 6.50 7.84
N TRP A 25 2.49 5.45 8.53
CA TRP A 25 1.14 4.97 8.31
C TRP A 25 0.20 6.14 8.48
N ASP A 26 0.46 7.04 9.44
CA ASP A 26 -0.37 8.19 9.71
C ASP A 26 -0.39 9.20 8.58
N ASP A 27 0.72 9.30 7.83
CA ASP A 27 0.85 10.18 6.68
C ASP A 27 0.07 9.60 5.53
N VAL A 28 0.27 8.30 5.33
CA VAL A 28 -0.34 7.53 4.28
C VAL A 28 -1.85 7.51 4.52
N ALA A 29 -2.34 7.16 5.70
CA ALA A 29 -3.76 7.12 6.02
C ALA A 29 -4.41 8.50 6.00
N GLU A 30 -3.62 9.58 6.12
CA GLU A 30 -4.12 10.92 5.91
C GLU A 30 -4.27 11.24 4.42
N ARG A 31 -3.50 10.58 3.56
CA ARG A 31 -3.52 10.77 2.12
C ARG A 31 -4.51 9.83 1.47
N VAL A 32 -4.49 8.57 1.84
CA VAL A 32 -5.19 7.51 1.14
C VAL A 32 -5.96 6.60 2.09
N VAL A 33 -6.88 5.85 1.51
CA VAL A 33 -7.65 4.76 2.08
C VAL A 33 -7.61 3.62 1.07
N ALA A 34 -7.90 2.38 1.50
CA ALA A 34 -7.73 1.20 0.65
C ALA A 34 -8.52 1.30 -0.65
N ASP A 35 -9.73 1.88 -0.66
CA ASP A 35 -10.58 1.90 -1.84
C ASP A 35 -10.03 2.79 -2.96
N ASP A 36 -9.10 3.70 -2.64
CA ASP A 36 -8.44 4.59 -3.58
C ASP A 36 -7.55 3.79 -4.52
N PHE A 37 -7.02 2.65 -4.07
CA PHE A 37 -6.16 1.77 -4.84
C PHE A 37 -7.06 0.90 -5.72
N TYR A 38 -6.94 1.03 -7.03
CA TYR A 38 -7.59 0.10 -7.96
C TYR A 38 -6.91 -1.27 -7.90
N THR A 39 -5.64 -1.32 -7.52
CA THR A 39 -4.79 -2.48 -7.65
C THR A 39 -5.17 -3.54 -6.62
N ARG A 40 -5.67 -4.66 -7.12
CA ARG A 40 -6.04 -5.85 -6.37
C ARG A 40 -5.04 -6.20 -5.24
N PRO A 41 -3.72 -6.34 -5.47
CA PRO A 41 -2.79 -6.63 -4.39
C PRO A 41 -2.52 -5.41 -3.50
N HIS A 42 -2.52 -4.19 -4.05
CA HIS A 42 -2.29 -3.00 -3.23
C HIS A 42 -3.44 -2.83 -2.22
N ARG A 43 -4.69 -3.14 -2.61
CA ARG A 43 -5.82 -3.13 -1.69
C ARG A 43 -5.61 -4.12 -0.59
N HIS A 44 -5.33 -5.37 -0.91
CA HIS A 44 -5.03 -6.41 0.06
C HIS A 44 -4.00 -5.93 1.09
N ILE A 45 -2.86 -5.41 0.64
CA ILE A 45 -1.80 -4.98 1.53
C ILE A 45 -2.32 -3.87 2.43
N PHE A 46 -2.93 -2.82 1.87
CA PHE A 46 -3.46 -1.72 2.66
C PHE A 46 -4.51 -2.24 3.66
N THR A 47 -5.35 -3.19 3.26
CA THR A 47 -6.39 -3.77 4.08
C THR A 47 -5.80 -4.51 5.27
N GLU A 48 -4.78 -5.33 5.06
CA GLU A 48 -4.24 -6.15 6.12
C GLU A 48 -3.27 -5.34 6.99
N MET A 49 -2.58 -4.34 6.44
CA MET A 49 -1.82 -3.37 7.22
C MET A 49 -2.77 -2.57 8.11
N ALA A 50 -3.88 -2.04 7.56
CA ALA A 50 -4.89 -1.35 8.34
C ALA A 50 -5.40 -2.26 9.45
N ARG A 51 -5.77 -3.50 9.11
CA ARG A 51 -6.24 -4.48 10.08
C ARG A 51 -5.22 -4.76 11.17
N LEU A 52 -3.93 -4.86 10.83
CA LEU A 52 -2.87 -5.09 11.79
C LEU A 52 -2.81 -3.92 12.75
N GLN A 53 -2.72 -2.68 12.24
CA GLN A 53 -2.67 -1.49 13.07
C GLN A 53 -3.93 -1.37 13.94
N GLU A 54 -5.09 -1.68 13.37
CA GLU A 54 -6.39 -1.76 14.04
C GLU A 54 -6.39 -2.85 15.13
N SER A 55 -5.58 -3.89 14.99
CA SER A 55 -5.36 -4.90 16.02
C SER A 55 -4.30 -4.45 17.04
N GLY A 56 -3.60 -3.33 16.83
CA GLY A 56 -2.42 -2.97 17.61
C GLY A 56 -1.28 -3.94 17.32
N SER A 57 -1.15 -4.37 16.07
CA SER A 57 -0.11 -5.25 15.57
C SER A 57 0.76 -4.47 14.58
N PRO A 58 2.04 -4.80 14.40
CA PRO A 58 2.91 -4.04 13.52
C PRO A 58 2.53 -4.28 12.06
N ILE A 59 2.87 -3.29 11.22
CA ILE A 59 2.80 -3.38 9.76
C ILE A 59 4.18 -3.75 9.18
N ASP A 60 4.99 -4.47 9.97
CA ASP A 60 6.27 -5.04 9.54
C ASP A 60 6.04 -6.07 8.44
N LEU A 61 6.96 -6.20 7.47
CA LEU A 61 6.83 -7.15 6.36
C LEU A 61 6.53 -8.55 6.89
N ILE A 62 7.30 -9.01 7.85
CA ILE A 62 7.20 -10.37 8.32
C ILE A 62 5.82 -10.57 8.93
N THR A 63 5.40 -9.69 9.83
CA THR A 63 4.10 -9.75 10.46
C THR A 63 2.95 -9.60 9.47
N LEU A 64 3.13 -8.80 8.42
CA LEU A 64 2.19 -8.60 7.33
C LEU A 64 1.97 -9.90 6.61
N ALA A 65 3.05 -10.50 6.12
CA ALA A 65 2.99 -11.77 5.42
C ALA A 65 2.37 -12.85 6.30
N GLU A 66 2.78 -12.94 7.56
CA GLU A 66 2.30 -13.89 8.56
C GLU A 66 0.82 -13.64 8.91
N SER A 67 0.33 -12.42 8.76
CA SER A 67 -1.08 -12.13 8.84
C SER A 67 -1.75 -12.73 7.61
N LEU A 68 -1.30 -12.29 6.43
CA LEU A 68 -1.87 -12.62 5.14
C LEU A 68 -1.94 -14.13 4.95
N GLU A 69 -0.93 -14.91 5.31
CA GLU A 69 -1.00 -16.36 5.18
C GLU A 69 -2.04 -17.02 6.08
N ARG A 70 -2.24 -16.54 7.31
CA ARG A 70 -3.33 -17.02 8.15
C ARG A 70 -4.68 -16.62 7.54
N GLN A 71 -4.73 -15.45 6.92
CA GLN A 71 -5.88 -14.97 6.18
C GLN A 71 -6.02 -15.69 4.82
N GLY A 72 -5.03 -16.47 4.35
CA GLY A 72 -5.09 -17.13 3.04
C GLY A 72 -4.95 -16.15 1.88
N GLN A 73 -4.48 -14.93 2.15
CA GLN A 73 -4.34 -13.82 1.20
C GLN A 73 -2.87 -13.61 0.80
N LEU A 74 -1.92 -14.40 1.29
CA LEU A 74 -0.51 -14.26 0.92
C LEU A 74 -0.32 -14.49 -0.57
N ASP A 75 -0.99 -15.47 -1.15
CA ASP A 75 -1.00 -15.64 -2.61
C ASP A 75 -1.72 -14.48 -3.28
N SER A 76 -2.81 -14.01 -2.67
CA SER A 76 -3.69 -12.99 -3.20
C SER A 76 -2.99 -11.61 -3.34
N VAL A 77 -1.93 -11.34 -2.57
CA VAL A 77 -1.13 -10.13 -2.74
C VAL A 77 -0.06 -10.28 -3.83
N GLY A 78 0.04 -11.45 -4.48
CA GLY A 78 1.11 -11.74 -5.42
C GLY A 78 2.25 -12.52 -4.77
N GLY A 79 1.96 -13.23 -3.68
CA GLY A 79 2.92 -14.03 -2.94
C GLY A 79 3.84 -13.16 -2.08
N PHE A 80 4.61 -13.81 -1.20
CA PHE A 80 5.58 -13.12 -0.34
C PHE A 80 6.56 -12.33 -1.21
N ALA A 81 6.93 -12.85 -2.39
CA ALA A 81 7.91 -12.22 -3.25
C ALA A 81 7.49 -10.81 -3.67
N TYR A 82 6.19 -10.52 -3.82
CA TYR A 82 5.77 -9.15 -4.12
C TYR A 82 5.96 -8.26 -2.90
N LEU A 83 5.63 -8.74 -1.69
CA LEU A 83 5.81 -7.96 -0.46
C LEU A 83 7.29 -7.65 -0.24
N ALA A 84 8.16 -8.65 -0.43
CA ALA A 84 9.58 -8.46 -0.29
C ALA A 84 10.07 -7.44 -1.32
N GLU A 85 9.65 -7.60 -2.58
CA GLU A 85 10.00 -6.68 -3.65
C GLU A 85 9.45 -5.27 -3.38
N LEU A 86 8.30 -5.12 -2.73
CA LEU A 86 7.70 -3.82 -2.41
C LEU A 86 8.59 -3.06 -1.42
N SER A 87 8.97 -3.71 -0.32
CA SER A 87 9.93 -3.14 0.63
C SER A 87 11.19 -2.76 -0.15
N LYS A 88 11.66 -3.67 -1.01
CA LYS A 88 12.91 -3.59 -1.75
C LYS A 88 12.65 -2.95 -3.14
N ASN A 89 11.72 -2.00 -3.21
CA ASN A 89 11.38 -1.10 -4.33
C ASN A 89 10.96 0.26 -3.74
N THR A 90 11.62 0.68 -2.66
CA THR A 90 11.28 1.89 -1.93
C THR A 90 12.54 2.70 -1.61
N PRO A 91 12.68 3.93 -2.11
CA PRO A 91 13.79 4.82 -1.79
C PRO A 91 13.51 5.52 -0.44
N SER A 92 13.44 4.72 0.64
CA SER A 92 13.00 5.12 1.97
C SER A 92 11.54 5.61 1.99
N ALA A 93 10.98 5.82 3.18
CA ALA A 93 9.70 6.49 3.38
C ALA A 93 9.88 8.03 3.38
N ALA A 94 11.06 8.51 2.96
CA ALA A 94 11.49 9.90 2.98
C ALA A 94 10.43 10.83 2.39
N ASN A 95 9.97 10.53 1.17
CA ASN A 95 9.01 11.34 0.43
C ASN A 95 7.68 10.60 0.27
N ILE A 96 7.35 9.67 1.18
CA ILE A 96 6.14 8.85 1.08
C ILE A 96 4.90 9.71 0.89
N SER A 97 4.86 10.84 1.59
CA SER A 97 3.80 11.83 1.55
C SER A 97 3.55 12.34 0.13
N ALA A 98 4.63 12.59 -0.63
CA ALA A 98 4.56 13.03 -2.01
C ALA A 98 4.05 11.91 -2.93
N TYR A 99 4.52 10.68 -2.71
CA TYR A 99 4.06 9.52 -3.45
C TYR A 99 2.58 9.25 -3.16
N ALA A 100 2.15 9.27 -1.89
CA ALA A 100 0.77 9.05 -1.50
C ALA A 100 -0.14 10.18 -1.99
N ASP A 101 0.35 11.41 -2.05
CA ASP A 101 -0.39 12.52 -2.64
C ASP A 101 -0.63 12.22 -4.12
N ILE A 102 0.37 11.68 -4.83
CA ILE A 102 0.21 11.22 -6.22
C ILE A 102 -0.87 10.14 -6.32
N VAL A 103 -0.95 9.22 -5.37
CA VAL A 103 -1.99 8.19 -5.35
C VAL A 103 -3.35 8.85 -5.19
N ARG A 104 -3.54 9.68 -4.16
CA ARG A 104 -4.84 10.30 -3.94
C ARG A 104 -5.21 11.18 -5.13
N GLU A 105 -4.28 11.95 -5.70
CA GLU A 105 -4.52 12.76 -6.89
C GLU A 105 -5.06 11.88 -8.01
N ARG A 106 -4.38 10.78 -8.30
CA ARG A 106 -4.84 9.83 -9.32
C ARG A 106 -6.24 9.31 -8.98
N ALA A 107 -6.53 8.96 -7.74
CA ALA A 107 -7.86 8.49 -7.34
C ALA A 107 -8.92 9.60 -7.49
N VAL A 108 -8.59 10.85 -7.14
CA VAL A 108 -9.47 12.01 -7.30
C VAL A 108 -9.79 12.20 -8.78
N VAL A 109 -8.79 12.15 -9.65
CA VAL A 109 -8.98 12.22 -11.10
C VAL A 109 -9.77 10.99 -11.58
N ARG A 110 -9.58 9.81 -10.99
CA ARG A 110 -10.31 8.62 -11.42
C ARG A 110 -11.79 8.75 -11.13
N GLU A 111 -12.13 9.16 -9.91
CA GLU A 111 -13.53 9.22 -9.48
C GLU A 111 -14.26 10.35 -10.20
N MET A 112 -13.58 11.47 -10.43
CA MET A 112 -14.12 12.63 -11.14
C MET A 112 -13.12 13.02 -12.22
N ILE A 113 -13.16 12.29 -13.34
CA ILE A 113 -12.38 12.59 -14.55
C ILE A 113 -12.48 14.09 -14.84
N SER A 114 -11.35 14.79 -14.73
CA SER A 114 -11.16 16.23 -14.80
C SER A 114 -9.80 16.48 -15.42
N MET A 1 -3.60 4.09 -26.55
CA MET A 1 -3.30 3.64 -25.19
C MET A 1 -3.11 4.87 -24.30
N LYS A 2 -3.96 5.02 -23.29
CA LYS A 2 -3.72 5.96 -22.20
C LYS A 2 -3.94 5.15 -20.92
N VAL A 3 -2.93 5.12 -20.06
CA VAL A 3 -2.98 4.42 -18.80
C VAL A 3 -4.13 5.04 -17.99
N PRO A 4 -4.98 4.24 -17.33
CA PRO A 4 -6.05 4.79 -16.48
C PRO A 4 -5.42 5.53 -15.29
N PRO A 5 -6.17 6.40 -14.60
CA PRO A 5 -5.62 7.25 -13.55
C PRO A 5 -5.27 6.41 -12.32
N HIS A 6 -4.01 5.96 -12.29
CA HIS A 6 -3.33 5.34 -11.17
C HIS A 6 -1.83 5.45 -11.49
N SER A 7 -1.00 5.53 -10.46
CA SER A 7 0.44 5.50 -10.59
C SER A 7 0.89 4.29 -9.79
N ILE A 8 0.76 3.11 -10.38
CA ILE A 8 0.96 1.84 -9.69
C ILE A 8 2.29 1.82 -8.96
N GLU A 9 3.37 2.28 -9.58
CA GLU A 9 4.68 2.29 -8.93
C GLU A 9 4.74 3.24 -7.74
N ALA A 10 4.01 4.37 -7.77
CA ALA A 10 3.84 5.20 -6.58
C ALA A 10 3.02 4.46 -5.51
N GLU A 11 2.00 3.69 -5.90
CA GLU A 11 1.26 2.82 -4.98
C GLU A 11 2.21 1.79 -4.35
N GLN A 12 3.10 1.21 -5.16
CA GLN A 12 4.13 0.30 -4.70
C GLN A 12 5.02 1.04 -3.68
N SER A 13 5.48 2.25 -4.04
CA SER A 13 6.36 3.07 -3.21
C SER A 13 5.74 3.29 -1.83
N VAL A 14 4.43 3.55 -1.76
CA VAL A 14 3.71 3.69 -0.50
C VAL A 14 3.83 2.40 0.30
N LEU A 15 3.43 1.26 -0.27
CA LEU A 15 3.43 -0.02 0.44
C LEU A 15 4.84 -0.33 0.96
N GLY A 16 5.86 -0.21 0.12
CA GLY A 16 7.23 -0.44 0.52
C GLY A 16 7.67 0.54 1.62
N GLY A 17 7.27 1.81 1.53
CA GLY A 17 7.70 2.80 2.51
C GLY A 17 7.09 2.55 3.88
N LEU A 18 5.88 1.98 3.93
CA LEU A 18 5.22 1.63 5.18
C LEU A 18 5.93 0.48 5.89
N MET A 19 6.49 -0.47 5.14
CA MET A 19 7.31 -1.54 5.71
C MET A 19 8.62 -0.94 6.24
N LEU A 20 9.16 0.04 5.50
CA LEU A 20 10.40 0.75 5.80
C LEU A 20 10.28 1.64 7.04
N ASP A 21 9.12 2.22 7.31
CA ASP A 21 8.81 2.96 8.52
C ASP A 21 7.30 2.96 8.76
N ASN A 22 6.86 2.09 9.66
CA ASN A 22 5.44 1.92 9.97
C ASN A 22 4.84 3.12 10.72
N GLU A 23 5.64 4.05 11.26
CA GLU A 23 5.11 5.29 11.83
C GLU A 23 4.52 6.17 10.73
N ARG A 24 4.97 6.00 9.49
CA ARG A 24 4.41 6.73 8.36
C ARG A 24 3.03 6.19 8.00
N TRP A 25 2.53 5.12 8.64
CA TRP A 25 1.14 4.71 8.49
C TRP A 25 0.21 5.89 8.71
N ASP A 26 0.42 6.63 9.79
CA ASP A 26 -0.45 7.73 10.19
C ASP A 26 -0.44 8.88 9.20
N ASP A 27 0.66 9.00 8.48
CA ASP A 27 0.86 10.01 7.46
C ASP A 27 0.15 9.62 6.18
N VAL A 28 0.43 8.41 5.73
CA VAL A 28 -0.12 7.78 4.56
C VAL A 28 -1.62 7.61 4.73
N ALA A 29 -2.12 7.06 5.83
CA ALA A 29 -3.54 6.89 6.10
C ALA A 29 -4.24 8.25 6.23
N GLU A 30 -3.51 9.34 6.48
CA GLU A 30 -4.03 10.69 6.40
C GLU A 30 -3.92 11.30 5.00
N ARG A 31 -3.24 10.63 4.06
CA ARG A 31 -3.23 10.99 2.65
C ARG A 31 -4.23 10.14 1.86
N VAL A 32 -4.36 8.86 2.18
CA VAL A 32 -5.08 7.90 1.38
C VAL A 32 -5.88 6.94 2.25
N VAL A 33 -6.73 6.15 1.61
CA VAL A 33 -7.44 5.00 2.14
C VAL A 33 -7.34 3.90 1.07
N ALA A 34 -7.59 2.64 1.44
CA ALA A 34 -7.62 1.53 0.49
C ALA A 34 -8.67 1.76 -0.60
N ASP A 35 -9.69 2.58 -0.34
CA ASP A 35 -10.68 3.00 -1.32
C ASP A 35 -10.07 3.76 -2.50
N ASP A 36 -8.95 4.45 -2.29
CA ASP A 36 -8.23 5.16 -3.34
C ASP A 36 -7.49 4.16 -4.23
N PHE A 37 -6.95 3.10 -3.63
CA PHE A 37 -6.13 2.10 -4.27
C PHE A 37 -6.99 1.32 -5.28
N TYR A 38 -6.67 1.45 -6.57
CA TYR A 38 -7.37 0.75 -7.65
C TYR A 38 -6.94 -0.71 -7.76
N THR A 39 -5.64 -0.96 -7.62
CA THR A 39 -4.97 -2.21 -7.90
C THR A 39 -5.25 -3.27 -6.82
N ARG A 40 -5.95 -4.36 -7.18
CA ARG A 40 -6.35 -5.41 -6.24
C ARG A 40 -5.22 -5.91 -5.33
N PRO A 41 -4.05 -6.34 -5.80
CA PRO A 41 -2.97 -6.79 -4.92
C PRO A 41 -2.47 -5.65 -4.03
N HIS A 42 -2.39 -4.41 -4.52
CA HIS A 42 -1.98 -3.30 -3.68
C HIS A 42 -3.03 -3.03 -2.60
N ARG A 43 -4.33 -3.14 -2.93
CA ARG A 43 -5.42 -3.00 -1.97
C ARG A 43 -5.29 -4.06 -0.91
N HIS A 44 -5.16 -5.33 -1.28
CA HIS A 44 -4.97 -6.42 -0.35
C HIS A 44 -3.94 -6.09 0.71
N ILE A 45 -2.73 -5.68 0.28
CA ILE A 45 -1.64 -5.37 1.18
C ILE A 45 -2.08 -4.23 2.10
N PHE A 46 -2.55 -3.10 1.56
CA PHE A 46 -2.99 -1.98 2.39
C PHE A 46 -4.12 -2.37 3.36
N THR A 47 -5.02 -3.25 2.92
CA THR A 47 -6.11 -3.72 3.75
C THR A 47 -5.57 -4.53 4.91
N GLU A 48 -4.61 -5.45 4.71
CA GLU A 48 -4.06 -6.20 5.83
C GLU A 48 -3.19 -5.32 6.72
N MET A 49 -2.58 -4.25 6.19
CA MET A 49 -1.93 -3.23 6.99
C MET A 49 -2.98 -2.61 7.93
N ALA A 50 -4.11 -2.12 7.39
CA ALA A 50 -5.20 -1.58 8.19
C ALA A 50 -5.76 -2.62 9.15
N ARG A 51 -5.83 -3.89 8.76
CA ARG A 51 -6.30 -5.02 9.56
C ARG A 51 -5.40 -5.20 10.78
N LEU A 52 -4.09 -5.25 10.58
CA LEU A 52 -3.10 -5.36 11.64
C LEU A 52 -3.19 -4.17 12.57
N GLN A 53 -3.24 -2.95 12.03
CA GLN A 53 -3.32 -1.75 12.83
C GLN A 53 -4.60 -1.73 13.66
N GLU A 54 -5.71 -2.21 13.11
CA GLU A 54 -6.98 -2.39 13.84
C GLU A 54 -6.79 -3.35 15.03
N SER A 55 -5.97 -4.38 14.89
CA SER A 55 -5.66 -5.30 16.00
C SER A 55 -4.54 -4.75 16.89
N GLY A 56 -4.00 -3.56 16.59
CA GLY A 56 -3.00 -2.88 17.39
C GLY A 56 -1.60 -3.47 17.14
N SER A 57 -1.36 -4.02 15.97
CA SER A 57 -0.14 -4.73 15.63
C SER A 57 0.54 -4.04 14.44
N PRO A 58 1.88 -4.04 14.37
CA PRO A 58 2.59 -3.32 13.32
C PRO A 58 2.33 -3.93 11.96
N ILE A 59 2.44 -3.06 10.97
CA ILE A 59 2.28 -3.37 9.56
C ILE A 59 3.62 -3.70 8.90
N ASP A 60 4.62 -4.01 9.71
CA ASP A 60 5.97 -4.33 9.24
C ASP A 60 5.95 -5.61 8.39
N LEU A 61 6.91 -5.75 7.47
CA LEU A 61 6.94 -6.76 6.40
C LEU A 61 6.54 -8.13 6.90
N ILE A 62 7.27 -8.64 7.89
CA ILE A 62 7.15 -10.00 8.34
C ILE A 62 5.77 -10.22 8.97
N THR A 63 5.33 -9.25 9.79
CA THR A 63 4.04 -9.25 10.44
C THR A 63 2.92 -9.28 9.40
N LEU A 64 3.04 -8.41 8.40
CA LEU A 64 2.10 -8.22 7.32
C LEU A 64 1.95 -9.47 6.49
N ALA A 65 3.08 -10.05 6.12
CA ALA A 65 3.15 -11.28 5.35
C ALA A 65 2.42 -12.40 6.10
N GLU A 66 2.77 -12.60 7.37
CA GLU A 66 2.15 -13.64 8.18
C GLU A 66 0.67 -13.34 8.40
N SER A 67 0.24 -12.09 8.53
CA SER A 67 -1.16 -11.76 8.75
C SER A 67 -1.97 -11.97 7.47
N LEU A 68 -1.39 -11.66 6.30
CA LEU A 68 -1.99 -12.02 5.03
C LEU A 68 -2.13 -13.54 4.97
N GLU A 69 -1.15 -14.31 5.44
CA GLU A 69 -1.24 -15.76 5.53
C GLU A 69 -2.31 -16.24 6.52
N ARG A 70 -2.50 -15.54 7.64
CA ARG A 70 -3.55 -15.81 8.62
C ARG A 70 -4.91 -15.66 7.94
N GLN A 71 -5.08 -14.63 7.11
CA GLN A 71 -6.25 -14.46 6.25
C GLN A 71 -6.19 -15.30 4.97
N GLY A 72 -5.11 -16.06 4.69
CA GLY A 72 -4.96 -16.86 3.49
C GLY A 72 -5.07 -16.05 2.21
N GLN A 73 -4.52 -14.84 2.22
CA GLN A 73 -4.44 -13.89 1.12
C GLN A 73 -2.98 -13.53 0.81
N LEU A 74 -1.99 -14.18 1.44
CA LEU A 74 -0.57 -13.93 1.17
C LEU A 74 -0.26 -14.24 -0.28
N ASP A 75 -0.66 -15.42 -0.75
CA ASP A 75 -0.35 -15.81 -2.12
C ASP A 75 -1.13 -14.95 -3.12
N SER A 76 -2.30 -14.43 -2.73
CA SER A 76 -3.12 -13.53 -3.55
C SER A 76 -2.35 -12.27 -3.96
N VAL A 77 -1.49 -11.74 -3.09
CA VAL A 77 -0.77 -10.51 -3.40
C VAL A 77 0.48 -10.79 -4.23
N GLY A 78 0.81 -12.07 -4.47
CA GLY A 78 2.04 -12.49 -5.12
C GLY A 78 3.00 -13.16 -4.14
N GLY A 79 2.56 -13.44 -2.90
CA GLY A 79 3.34 -14.14 -1.91
C GLY A 79 4.21 -13.19 -1.07
N PHE A 80 4.96 -13.77 -0.13
CA PHE A 80 6.01 -13.06 0.61
C PHE A 80 6.98 -12.46 -0.40
N ALA A 81 7.25 -13.16 -1.50
CA ALA A 81 8.16 -12.68 -2.54
C ALA A 81 7.74 -11.30 -3.06
N TYR A 82 6.45 -11.09 -3.36
CA TYR A 82 5.99 -9.80 -3.85
C TYR A 82 6.16 -8.72 -2.78
N LEU A 83 5.86 -9.04 -1.52
CA LEU A 83 6.10 -8.12 -0.40
C LEU A 83 7.58 -7.76 -0.31
N ALA A 84 8.48 -8.75 -0.41
CA ALA A 84 9.91 -8.52 -0.28
C ALA A 84 10.43 -7.64 -1.43
N GLU A 85 9.81 -7.73 -2.62
CA GLU A 85 10.08 -6.88 -3.76
C GLU A 85 9.67 -5.44 -3.41
N LEU A 86 8.39 -5.25 -3.02
CA LEU A 86 7.84 -3.94 -2.66
C LEU A 86 8.69 -3.25 -1.62
N SER A 87 9.06 -3.96 -0.55
CA SER A 87 9.80 -3.42 0.56
C SER A 87 11.11 -2.81 0.05
N LYS A 88 11.80 -3.51 -0.87
CA LYS A 88 13.08 -3.06 -1.40
C LYS A 88 12.90 -1.86 -2.33
N ASN A 89 11.78 -1.79 -3.04
CA ASN A 89 11.55 -0.85 -4.13
C ASN A 89 11.06 0.52 -3.66
N THR A 90 11.30 0.88 -2.40
CA THR A 90 11.10 2.24 -1.92
C THR A 90 12.41 2.76 -1.35
N PRO A 91 12.88 3.96 -1.74
CA PRO A 91 14.09 4.56 -1.20
C PRO A 91 13.84 5.08 0.22
N SER A 92 13.90 4.20 1.24
CA SER A 92 13.78 4.52 2.67
C SER A 92 12.72 5.59 2.96
N ALA A 93 11.49 5.33 2.50
CA ALA A 93 10.30 6.18 2.53
C ALA A 93 10.40 7.47 1.70
N ALA A 94 11.56 8.14 1.68
CA ALA A 94 11.86 9.40 1.01
C ALA A 94 10.76 10.44 1.25
N ASN A 95 9.88 10.65 0.28
CA ASN A 95 8.68 11.48 0.42
C ASN A 95 7.47 10.58 0.24
N ILE A 96 7.11 9.87 1.30
CA ILE A 96 6.01 8.93 1.33
C ILE A 96 4.68 9.64 1.27
N SER A 97 4.62 10.78 1.95
CA SER A 97 3.50 11.70 1.91
C SER A 97 3.22 12.09 0.47
N ALA A 98 4.29 12.44 -0.25
CA ALA A 98 4.25 12.79 -1.65
C ALA A 98 3.86 11.60 -2.52
N TYR A 99 4.35 10.38 -2.23
CA TYR A 99 3.96 9.20 -2.97
C TYR A 99 2.46 8.95 -2.77
N ALA A 100 1.96 9.04 -1.54
CA ALA A 100 0.55 8.87 -1.25
C ALA A 100 -0.29 9.98 -1.87
N ASP A 101 0.22 11.23 -1.92
CA ASP A 101 -0.45 12.34 -2.58
C ASP A 101 -0.68 12.01 -4.04
N ILE A 102 0.29 11.40 -4.75
CA ILE A 102 0.11 10.98 -6.14
C ILE A 102 -1.07 10.00 -6.19
N VAL A 103 -1.05 8.95 -5.39
CA VAL A 103 -2.09 7.93 -5.39
C VAL A 103 -3.46 8.58 -5.16
N ARG A 104 -3.55 9.47 -4.16
CA ARG A 104 -4.77 10.19 -3.85
C ARG A 104 -5.20 11.05 -5.02
N GLU A 105 -4.29 11.74 -5.69
CA GLU A 105 -4.61 12.58 -6.84
C GLU A 105 -5.21 11.71 -7.93
N ARG A 106 -4.59 10.57 -8.24
CA ARG A 106 -5.09 9.66 -9.26
C ARG A 106 -6.47 9.14 -8.88
N ALA A 107 -6.70 8.79 -7.62
CA ALA A 107 -8.00 8.34 -7.17
C ALA A 107 -9.06 9.44 -7.31
N VAL A 108 -8.74 10.68 -6.97
CA VAL A 108 -9.66 11.80 -7.15
C VAL A 108 -9.90 12.06 -8.64
N VAL A 109 -8.92 11.86 -9.53
CA VAL A 109 -9.18 11.88 -10.97
C VAL A 109 -10.12 10.72 -11.33
N ARG A 110 -9.96 9.54 -10.73
CA ARG A 110 -10.82 8.38 -10.96
C ARG A 110 -12.25 8.59 -10.48
N GLU A 111 -12.50 9.48 -9.51
CA GLU A 111 -13.88 9.88 -9.20
C GLU A 111 -14.32 10.93 -10.21
N MET A 112 -13.47 11.93 -10.47
CA MET A 112 -13.70 13.04 -11.40
C MET A 112 -13.47 12.61 -12.85
N ILE A 113 -14.11 11.53 -13.26
CA ILE A 113 -14.19 11.09 -14.65
C ILE A 113 -14.79 12.18 -15.56
N SER A 114 -15.62 13.05 -14.99
CA SER A 114 -16.42 14.08 -15.66
C SER A 114 -17.03 13.53 -16.94
N MET A 1 -7.94 -6.04 -16.62
CA MET A 1 -8.77 -4.93 -17.14
C MET A 1 -7.88 -4.00 -17.96
N LYS A 2 -8.44 -3.05 -18.72
CA LYS A 2 -7.63 -1.94 -19.26
C LYS A 2 -7.12 -1.19 -18.04
N VAL A 3 -5.80 -1.14 -17.87
CA VAL A 3 -5.14 -0.43 -16.77
C VAL A 3 -5.66 1.02 -16.73
N PRO A 4 -6.44 1.43 -15.70
CA PRO A 4 -7.01 2.78 -15.63
C PRO A 4 -5.93 3.85 -15.35
N PRO A 5 -6.27 5.16 -15.22
CA PRO A 5 -5.34 6.22 -14.83
C PRO A 5 -4.85 6.13 -13.36
N HIS A 6 -4.63 4.92 -12.85
CA HIS A 6 -3.94 4.61 -11.60
C HIS A 6 -2.43 4.82 -11.75
N SER A 7 -1.63 4.60 -10.71
CA SER A 7 -0.17 4.62 -10.82
C SER A 7 0.42 3.57 -9.88
N ILE A 8 0.44 2.32 -10.36
CA ILE A 8 0.95 1.15 -9.63
C ILE A 8 2.26 1.54 -8.97
N GLU A 9 3.19 2.07 -9.73
CA GLU A 9 4.55 2.26 -9.27
C GLU A 9 4.69 3.29 -8.16
N ALA A 10 3.83 4.31 -8.14
CA ALA A 10 3.70 5.22 -7.00
C ALA A 10 3.11 4.46 -5.81
N GLU A 11 1.98 3.79 -6.03
CA GLU A 11 1.27 2.99 -5.02
C GLU A 11 2.21 1.97 -4.35
N GLN A 12 3.05 1.31 -5.14
CA GLN A 12 4.06 0.37 -4.70
C GLN A 12 4.98 1.05 -3.70
N SER A 13 5.54 2.21 -4.06
CA SER A 13 6.50 2.91 -3.23
C SER A 13 5.87 3.44 -1.94
N VAL A 14 4.57 3.75 -1.91
CA VAL A 14 3.88 4.06 -0.66
C VAL A 14 3.91 2.82 0.23
N LEU A 15 3.37 1.71 -0.24
CA LEU A 15 3.17 0.53 0.60
C LEU A 15 4.53 -0.01 1.06
N GLY A 16 5.51 -0.06 0.15
CA GLY A 16 6.89 -0.36 0.50
C GLY A 16 7.43 0.56 1.59
N GLY A 17 7.07 1.85 1.55
CA GLY A 17 7.49 2.82 2.54
C GLY A 17 6.92 2.50 3.92
N LEU A 18 5.77 1.84 4.01
CA LEU A 18 5.14 1.55 5.31
C LEU A 18 5.84 0.41 6.03
N MET A 19 6.33 -0.60 5.30
CA MET A 19 7.22 -1.60 5.88
C MET A 19 8.54 -0.97 6.32
N LEU A 20 8.94 0.15 5.70
CA LEU A 20 10.19 0.84 5.98
C LEU A 20 10.09 1.81 7.16
N ASP A 21 9.00 2.55 7.28
CA ASP A 21 8.74 3.51 8.36
C ASP A 21 7.29 3.43 8.80
N ASN A 22 7.10 2.81 9.96
CA ASN A 22 5.82 2.55 10.60
C ASN A 22 5.09 3.86 10.91
N GLU A 23 5.83 4.92 11.25
CA GLU A 23 5.27 6.21 11.65
C GLU A 23 4.54 6.86 10.48
N ARG A 24 5.01 6.63 9.26
CA ARG A 24 4.39 7.25 8.10
C ARG A 24 3.05 6.59 7.78
N TRP A 25 2.63 5.57 8.52
CA TRP A 25 1.27 5.05 8.44
C TRP A 25 0.28 6.19 8.61
N ASP A 26 0.50 7.05 9.60
CA ASP A 26 -0.41 8.16 9.89
C ASP A 26 -0.42 9.16 8.75
N ASP A 27 0.74 9.35 8.14
CA ASP A 27 0.98 10.35 7.11
C ASP A 27 0.25 9.94 5.86
N VAL A 28 0.41 8.67 5.51
CA VAL A 28 -0.30 8.00 4.45
C VAL A 28 -1.79 7.96 4.81
N ALA A 29 -2.19 7.65 6.06
CA ALA A 29 -3.61 7.60 6.44
C ALA A 29 -4.29 8.97 6.34
N GLU A 30 -3.53 10.06 6.42
CA GLU A 30 -4.01 11.42 6.20
C GLU A 30 -3.90 11.86 4.73
N ARG A 31 -3.39 11.00 3.86
CA ARG A 31 -3.43 11.18 2.42
C ARG A 31 -4.48 10.26 1.79
N VAL A 32 -4.66 9.04 2.32
CA VAL A 32 -5.45 8.03 1.65
C VAL A 32 -6.07 6.98 2.58
N VAL A 33 -6.91 6.13 2.00
CA VAL A 33 -7.47 4.90 2.56
C VAL A 33 -7.33 3.79 1.50
N ALA A 34 -7.66 2.54 1.85
CA ALA A 34 -7.57 1.41 0.94
C ALA A 34 -8.41 1.61 -0.32
N ASP A 35 -9.45 2.43 -0.27
CA ASP A 35 -10.34 2.71 -1.39
C ASP A 35 -9.74 3.68 -2.41
N ASP A 36 -8.64 4.38 -2.11
CA ASP A 36 -7.99 5.25 -3.08
C ASP A 36 -7.22 4.42 -4.10
N PHE A 37 -6.79 3.22 -3.71
CA PHE A 37 -6.13 2.26 -4.56
C PHE A 37 -7.21 1.43 -5.27
N TYR A 38 -6.81 0.70 -6.32
CA TYR A 38 -7.71 -0.06 -7.19
C TYR A 38 -7.22 -1.50 -7.41
N THR A 39 -5.90 -1.72 -7.44
CA THR A 39 -5.32 -3.03 -7.76
C THR A 39 -5.48 -4.01 -6.60
N ARG A 40 -5.46 -5.32 -6.92
CA ARG A 40 -5.60 -6.36 -5.90
C ARG A 40 -4.46 -6.28 -4.87
N PRO A 41 -3.17 -6.35 -5.24
CA PRO A 41 -2.13 -6.49 -4.22
C PRO A 41 -2.06 -5.24 -3.36
N HIS A 42 -2.11 -4.06 -4.00
CA HIS A 42 -1.98 -2.82 -3.28
C HIS A 42 -3.16 -2.66 -2.29
N ARG A 43 -4.40 -2.96 -2.71
CA ARG A 43 -5.54 -2.90 -1.79
C ARG A 43 -5.47 -3.96 -0.70
N HIS A 44 -5.17 -5.22 -1.03
CA HIS A 44 -5.00 -6.31 -0.08
C HIS A 44 -4.05 -5.91 1.04
N ILE A 45 -2.87 -5.43 0.66
CA ILE A 45 -1.83 -5.01 1.58
C ILE A 45 -2.40 -3.88 2.46
N PHE A 46 -3.03 -2.86 1.88
CA PHE A 46 -3.62 -1.78 2.64
C PHE A 46 -4.63 -2.31 3.66
N THR A 47 -5.55 -3.19 3.24
CA THR A 47 -6.54 -3.77 4.14
C THR A 47 -5.84 -4.50 5.29
N GLU A 48 -4.85 -5.34 5.02
CA GLU A 48 -4.17 -6.10 6.06
C GLU A 48 -3.39 -5.16 6.99
N MET A 49 -2.70 -4.15 6.45
CA MET A 49 -1.96 -3.17 7.23
C MET A 49 -2.87 -2.44 8.20
N ALA A 50 -3.98 -1.90 7.71
CA ALA A 50 -4.97 -1.23 8.56
C ALA A 50 -5.50 -2.22 9.59
N ARG A 51 -5.82 -3.46 9.19
CA ARG A 51 -6.39 -4.46 10.08
C ARG A 51 -5.42 -4.85 11.19
N LEU A 52 -4.13 -5.03 10.89
CA LEU A 52 -3.11 -5.30 11.87
C LEU A 52 -3.06 -4.20 12.91
N GLN A 53 -3.05 -2.94 12.48
CA GLN A 53 -3.07 -1.79 13.38
C GLN A 53 -4.31 -1.80 14.25
N GLU A 54 -5.45 -2.19 13.68
CA GLU A 54 -6.72 -2.30 14.36
C GLU A 54 -6.66 -3.38 15.43
N SER A 55 -5.83 -4.41 15.23
CA SER A 55 -5.51 -5.46 16.18
C SER A 55 -4.20 -5.20 16.94
N GLY A 56 -3.72 -3.95 16.97
CA GLY A 56 -2.63 -3.53 17.84
C GLY A 56 -1.28 -4.11 17.43
N SER A 57 -1.16 -4.50 16.16
CA SER A 57 -0.01 -5.22 15.62
C SER A 57 0.76 -4.31 14.64
N PRO A 58 2.09 -4.51 14.48
CA PRO A 58 2.89 -3.75 13.54
C PRO A 58 2.54 -4.09 12.10
N ILE A 59 3.07 -3.28 11.18
CA ILE A 59 3.02 -3.49 9.74
C ILE A 59 4.42 -3.81 9.21
N ASP A 60 5.22 -4.49 10.05
CA ASP A 60 6.52 -5.03 9.65
C ASP A 60 6.25 -6.08 8.57
N LEU A 61 7.18 -6.24 7.62
CA LEU A 61 7.09 -7.13 6.47
C LEU A 61 6.58 -8.51 6.89
N ILE A 62 7.23 -9.13 7.87
CA ILE A 62 6.93 -10.49 8.24
C ILE A 62 5.53 -10.53 8.84
N THR A 63 5.20 -9.61 9.73
CA THR A 63 3.90 -9.50 10.38
C THR A 63 2.78 -9.38 9.33
N LEU A 64 2.97 -8.48 8.36
CA LEU A 64 2.09 -8.23 7.24
C LEU A 64 1.86 -9.50 6.43
N ALA A 65 2.98 -10.10 6.01
CA ALA A 65 2.98 -11.31 5.23
C ALA A 65 2.23 -12.41 5.95
N GLU A 66 2.52 -12.60 7.24
CA GLU A 66 1.91 -13.61 8.10
C GLU A 66 0.43 -13.33 8.32
N SER A 67 -0.02 -12.07 8.33
CA SER A 67 -1.43 -11.74 8.50
C SER A 67 -2.17 -12.04 7.18
N LEU A 68 -1.59 -11.63 6.06
CA LEU A 68 -2.08 -11.99 4.73
C LEU A 68 -2.16 -13.51 4.63
N GLU A 69 -1.13 -14.26 5.05
CA GLU A 69 -1.15 -15.70 5.03
C GLU A 69 -2.17 -16.30 5.98
N ARG A 70 -2.45 -15.71 7.15
CA ARG A 70 -3.56 -16.16 7.99
C ARG A 70 -4.86 -16.14 7.20
N GLN A 71 -5.10 -15.07 6.43
CA GLN A 71 -6.26 -14.99 5.55
C GLN A 71 -6.10 -15.81 4.25
N GLY A 72 -4.93 -16.38 3.97
CA GLY A 72 -4.63 -17.02 2.69
C GLY A 72 -4.56 -16.02 1.53
N GLN A 73 -4.44 -14.71 1.79
CA GLN A 73 -4.40 -13.67 0.77
C GLN A 73 -2.94 -13.33 0.41
N LEU A 74 -1.95 -13.94 1.04
CA LEU A 74 -0.55 -13.80 0.62
C LEU A 74 -0.38 -14.23 -0.85
N ASP A 75 -1.09 -15.28 -1.26
CA ASP A 75 -1.16 -15.70 -2.66
C ASP A 75 -1.76 -14.57 -3.51
N SER A 76 -2.90 -14.03 -3.06
CA SER A 76 -3.66 -12.94 -3.67
C SER A 76 -2.92 -11.61 -3.80
N VAL A 77 -1.67 -11.50 -3.31
CA VAL A 77 -0.82 -10.34 -3.52
C VAL A 77 0.45 -10.69 -4.31
N GLY A 78 0.70 -11.97 -4.60
CA GLY A 78 1.84 -12.41 -5.41
C GLY A 78 2.89 -13.19 -4.62
N GLY A 79 2.61 -13.59 -3.38
CA GLY A 79 3.52 -14.33 -2.53
C GLY A 79 4.42 -13.41 -1.71
N PHE A 80 5.18 -14.00 -0.78
CA PHE A 80 6.07 -13.26 0.13
C PHE A 80 7.08 -12.44 -0.67
N ALA A 81 7.59 -12.98 -1.78
CA ALA A 81 8.55 -12.31 -2.63
C ALA A 81 8.04 -10.95 -3.13
N TYR A 82 6.75 -10.83 -3.46
CA TYR A 82 6.23 -9.55 -3.93
C TYR A 82 6.18 -8.53 -2.78
N LEU A 83 5.88 -8.96 -1.55
CA LEU A 83 5.93 -8.08 -0.40
C LEU A 83 7.36 -7.56 -0.21
N ALA A 84 8.35 -8.44 -0.30
CA ALA A 84 9.75 -8.06 -0.14
C ALA A 84 10.19 -7.09 -1.24
N GLU A 85 9.79 -7.37 -2.49
CA GLU A 85 10.01 -6.53 -3.66
C GLU A 85 9.48 -5.13 -3.38
N LEU A 86 8.20 -5.02 -2.98
CA LEU A 86 7.55 -3.76 -2.66
C LEU A 86 8.33 -3.02 -1.58
N SER A 87 8.72 -3.71 -0.50
CA SER A 87 9.46 -3.14 0.61
C SER A 87 10.73 -2.45 0.11
N LYS A 88 11.46 -3.09 -0.81
CA LYS A 88 12.69 -2.53 -1.35
C LYS A 88 12.42 -1.58 -2.52
N ASN A 89 11.17 -1.40 -2.96
CA ASN A 89 10.78 -0.50 -4.05
C ASN A 89 10.50 0.92 -3.56
N THR A 90 11.06 1.29 -2.42
CA THR A 90 10.99 2.63 -1.87
C THR A 90 12.40 3.04 -1.44
N PRO A 91 12.79 4.33 -1.62
CA PRO A 91 14.02 4.87 -1.08
C PRO A 91 13.88 5.06 0.44
N SER A 92 13.95 3.97 1.21
CA SER A 92 13.90 3.97 2.68
C SER A 92 12.85 4.95 3.24
N ALA A 93 11.58 4.78 2.85
CA ALA A 93 10.41 5.60 3.18
C ALA A 93 10.52 7.09 2.85
N ALA A 94 11.60 7.56 2.22
CA ALA A 94 11.71 8.94 1.79
C ALA A 94 10.57 9.26 0.85
N ASN A 95 9.95 10.43 1.07
CA ASN A 95 8.94 11.02 0.20
C ASN A 95 7.71 10.11 0.02
N ILE A 96 7.46 9.19 0.96
CA ILE A 96 6.30 8.31 1.02
C ILE A 96 5.00 9.08 0.97
N SER A 97 4.89 10.08 1.82
CA SER A 97 3.69 10.91 1.88
C SER A 97 3.49 11.64 0.54
N ALA A 98 4.59 12.05 -0.10
CA ALA A 98 4.53 12.70 -1.41
C ALA A 98 4.14 11.71 -2.52
N TYR A 99 4.47 10.41 -2.39
CA TYR A 99 3.95 9.37 -3.27
C TYR A 99 2.46 9.18 -2.97
N ALA A 100 2.06 9.16 -1.70
CA ALA A 100 0.67 8.97 -1.31
C ALA A 100 -0.23 10.10 -1.79
N ASP A 101 0.28 11.33 -1.87
CA ASP A 101 -0.40 12.46 -2.51
C ASP A 101 -0.71 12.11 -3.97
N ILE A 102 0.24 11.50 -4.69
CA ILE A 102 0.03 11.07 -6.07
C ILE A 102 -1.10 10.05 -6.10
N VAL A 103 -1.12 9.05 -5.21
CA VAL A 103 -2.17 8.05 -5.20
C VAL A 103 -3.54 8.69 -4.93
N ARG A 104 -3.64 9.60 -3.96
CA ARG A 104 -4.86 10.38 -3.74
C ARG A 104 -5.27 11.07 -5.03
N GLU A 105 -4.33 11.71 -5.72
CA GLU A 105 -4.59 12.34 -7.02
C GLU A 105 -5.17 11.32 -7.99
N ARG A 106 -4.58 10.13 -8.10
CA ARG A 106 -5.09 9.08 -8.98
C ARG A 106 -6.52 8.68 -8.61
N ALA A 107 -6.87 8.64 -7.32
CA ALA A 107 -8.22 8.36 -6.87
C ALA A 107 -9.19 9.49 -7.25
N VAL A 108 -8.77 10.74 -7.11
CA VAL A 108 -9.56 11.90 -7.54
C VAL A 108 -9.78 11.84 -9.05
N VAL A 109 -8.74 11.53 -9.81
CA VAL A 109 -8.86 11.34 -11.25
C VAL A 109 -9.70 10.10 -11.54
N ARG A 110 -9.75 9.08 -10.69
CA ARG A 110 -10.57 7.90 -10.94
C ARG A 110 -12.04 8.27 -11.05
N GLU A 111 -12.52 9.15 -10.18
CA GLU A 111 -13.88 9.66 -10.25
C GLU A 111 -14.02 10.67 -11.38
N MET A 112 -13.07 11.61 -11.48
CA MET A 112 -13.07 12.72 -12.42
C MET A 112 -11.95 12.57 -13.47
N ILE A 113 -12.05 11.52 -14.30
CA ILE A 113 -11.11 11.20 -15.37
C ILE A 113 -11.04 12.32 -16.42
N SER A 114 -9.99 12.34 -17.24
CA SER A 114 -9.91 13.18 -18.43
C SER A 114 -9.96 12.24 -19.62
N MET A 1 -7.04 10.65 -23.17
CA MET A 1 -8.15 10.06 -22.40
C MET A 1 -8.37 8.60 -22.81
N LYS A 2 -7.51 7.68 -22.34
CA LYS A 2 -7.77 6.25 -22.40
C LYS A 2 -7.11 5.64 -21.17
N VAL A 3 -7.89 4.87 -20.40
CA VAL A 3 -7.54 4.23 -19.13
C VAL A 3 -7.41 5.31 -18.03
N PRO A 4 -7.84 5.05 -16.78
CA PRO A 4 -7.56 5.93 -15.66
C PRO A 4 -6.04 6.08 -15.51
N PRO A 5 -5.52 7.24 -15.09
CA PRO A 5 -4.09 7.48 -15.10
C PRO A 5 -3.34 6.59 -14.09
N HIS A 6 -3.91 6.46 -12.87
CA HIS A 6 -3.42 5.72 -11.72
C HIS A 6 -1.92 5.98 -11.45
N SER A 7 -1.31 5.23 -10.52
CA SER A 7 0.13 5.17 -10.28
C SER A 7 0.43 3.88 -9.52
N ILE A 8 0.54 2.76 -10.23
CA ILE A 8 0.91 1.44 -9.70
C ILE A 8 2.17 1.58 -8.85
N GLU A 9 3.22 2.11 -9.46
CA GLU A 9 4.55 2.15 -8.90
C GLU A 9 4.65 3.07 -7.67
N ALA A 10 3.87 4.15 -7.67
CA ALA A 10 3.68 4.97 -6.47
C ALA A 10 2.96 4.16 -5.40
N GLU A 11 1.84 3.53 -5.74
CA GLU A 11 1.08 2.64 -4.85
C GLU A 11 2.03 1.59 -4.24
N GLN A 12 2.92 1.01 -5.04
CA GLN A 12 3.93 0.06 -4.59
C GLN A 12 4.80 0.69 -3.50
N SER A 13 5.48 1.78 -3.83
CA SER A 13 6.46 2.41 -2.96
C SER A 13 5.82 3.06 -1.71
N VAL A 14 4.54 3.40 -1.73
CA VAL A 14 3.83 3.80 -0.51
C VAL A 14 3.81 2.61 0.43
N LEU A 15 3.30 1.47 -0.02
CA LEU A 15 3.09 0.31 0.83
C LEU A 15 4.42 -0.28 1.30
N GLY A 16 5.42 -0.30 0.41
CA GLY A 16 6.78 -0.61 0.79
C GLY A 16 7.30 0.38 1.83
N GLY A 17 7.01 1.67 1.68
CA GLY A 17 7.43 2.70 2.62
C GLY A 17 6.84 2.48 4.01
N LEU A 18 5.62 1.96 4.11
CA LEU A 18 5.01 1.63 5.40
C LEU A 18 5.79 0.51 6.09
N MET A 19 6.35 -0.44 5.35
CA MET A 19 7.21 -1.47 5.92
C MET A 19 8.56 -0.88 6.33
N LEU A 20 9.05 0.15 5.64
CA LEU A 20 10.26 0.87 6.04
C LEU A 20 10.05 1.61 7.35
N ASP A 21 9.04 2.47 7.38
CA ASP A 21 8.80 3.45 8.42
C ASP A 21 7.31 3.55 8.72
N ASN A 22 6.89 2.69 9.65
CA ASN A 22 5.47 2.48 10.00
C ASN A 22 4.83 3.69 10.67
N GLU A 23 5.59 4.68 11.15
CA GLU A 23 5.04 5.93 11.67
C GLU A 23 4.39 6.73 10.54
N ARG A 24 4.82 6.47 9.30
CA ARG A 24 4.24 7.13 8.13
C ARG A 24 2.86 6.58 7.84
N TRP A 25 2.40 5.52 8.52
CA TRP A 25 1.02 5.04 8.46
C TRP A 25 0.07 6.22 8.62
N ASP A 26 0.27 7.04 9.64
CA ASP A 26 -0.66 8.14 9.91
C ASP A 26 -0.65 9.20 8.83
N ASP A 27 0.45 9.37 8.10
CA ASP A 27 0.56 10.39 7.07
C ASP A 27 -0.02 9.88 5.76
N VAL A 28 0.26 8.62 5.46
CA VAL A 28 -0.28 7.88 4.33
C VAL A 28 -1.78 7.72 4.50
N ALA A 29 -2.30 7.25 5.63
CA ALA A 29 -3.74 7.11 5.86
C ALA A 29 -4.45 8.46 5.73
N GLU A 30 -3.73 9.56 6.00
CA GLU A 30 -4.17 10.94 5.83
C GLU A 30 -4.11 11.45 4.39
N ARG A 31 -3.67 10.62 3.46
CA ARG A 31 -3.79 10.90 2.04
C ARG A 31 -4.60 9.84 1.35
N VAL A 32 -4.55 8.59 1.79
CA VAL A 32 -5.12 7.50 1.02
C VAL A 32 -5.82 6.48 1.90
N VAL A 33 -6.94 5.98 1.40
CA VAL A 33 -7.63 4.82 1.96
C VAL A 33 -7.64 3.73 0.90
N ALA A 34 -8.06 2.53 1.27
CA ALA A 34 -8.06 1.37 0.38
C ALA A 34 -8.88 1.62 -0.89
N ASP A 35 -9.90 2.48 -0.85
CA ASP A 35 -10.70 2.76 -2.04
C ASP A 35 -9.92 3.58 -3.07
N ASP A 36 -8.97 4.40 -2.63
CA ASP A 36 -8.16 5.26 -3.50
C ASP A 36 -7.15 4.39 -4.26
N PHE A 37 -6.62 3.36 -3.60
CA PHE A 37 -5.82 2.31 -4.21
C PHE A 37 -6.66 1.53 -5.20
N TYR A 38 -6.13 1.29 -6.41
CA TYR A 38 -6.83 0.52 -7.41
C TYR A 38 -6.32 -0.93 -7.52
N THR A 39 -5.01 -1.10 -7.42
CA THR A 39 -4.39 -2.38 -7.76
C THR A 39 -4.65 -3.45 -6.71
N ARG A 40 -5.06 -4.64 -7.15
CA ARG A 40 -5.50 -5.72 -6.28
C ARG A 40 -4.48 -6.02 -5.15
N PRO A 41 -3.19 -6.33 -5.42
CA PRO A 41 -2.29 -6.72 -4.35
C PRO A 41 -1.98 -5.53 -3.44
N HIS A 42 -1.95 -4.33 -3.98
CA HIS A 42 -1.66 -3.13 -3.22
C HIS A 42 -2.75 -2.89 -2.18
N ARG A 43 -4.02 -2.99 -2.59
CA ARG A 43 -5.16 -2.80 -1.69
C ARG A 43 -5.17 -3.80 -0.55
N HIS A 44 -5.04 -5.08 -0.89
CA HIS A 44 -4.89 -6.16 0.06
C HIS A 44 -3.90 -5.83 1.16
N ILE A 45 -2.72 -5.34 0.82
CA ILE A 45 -1.70 -4.97 1.78
C ILE A 45 -2.25 -3.91 2.72
N PHE A 46 -2.74 -2.77 2.20
CA PHE A 46 -3.25 -1.72 3.07
C PHE A 46 -4.37 -2.23 3.98
N THR A 47 -5.22 -3.13 3.49
CA THR A 47 -6.29 -3.71 4.28
C THR A 47 -5.73 -4.55 5.42
N GLU A 48 -4.76 -5.44 5.16
CA GLU A 48 -4.26 -6.31 6.21
C GLU A 48 -3.32 -5.55 7.16
N MET A 49 -2.63 -4.52 6.67
CA MET A 49 -1.90 -3.58 7.51
C MET A 49 -2.88 -2.85 8.42
N ALA A 50 -3.98 -2.32 7.87
CA ALA A 50 -5.00 -1.64 8.64
C ALA A 50 -5.55 -2.57 9.72
N ARG A 51 -5.88 -3.82 9.38
CA ARG A 51 -6.34 -4.80 10.37
C ARG A 51 -5.26 -5.11 11.42
N LEU A 52 -3.99 -5.25 11.05
CA LEU A 52 -2.93 -5.49 12.00
C LEU A 52 -2.82 -4.33 12.98
N GLN A 53 -2.79 -3.11 12.46
CA GLN A 53 -2.76 -1.89 13.26
C GLN A 53 -3.97 -1.82 14.16
N GLU A 54 -5.13 -2.24 13.66
CA GLU A 54 -6.37 -2.32 14.43
C GLU A 54 -6.23 -3.26 15.63
N SER A 55 -5.45 -4.34 15.51
CA SER A 55 -5.17 -5.21 16.65
C SER A 55 -4.01 -4.65 17.51
N GLY A 56 -3.36 -3.57 17.07
CA GLY A 56 -2.18 -3.00 17.70
C GLY A 56 -0.95 -3.87 17.43
N SER A 57 -0.89 -4.48 16.25
CA SER A 57 0.19 -5.33 15.79
C SER A 57 0.99 -4.55 14.74
N PRO A 58 2.29 -4.83 14.54
CA PRO A 58 3.08 -4.10 13.58
C PRO A 58 2.63 -4.39 12.16
N ILE A 59 2.91 -3.43 11.28
CA ILE A 59 2.70 -3.53 9.84
C ILE A 59 4.02 -3.90 9.14
N ASP A 60 4.95 -4.52 9.90
CA ASP A 60 6.23 -4.98 9.38
C ASP A 60 6.04 -6.08 8.34
N LEU A 61 6.98 -6.19 7.41
CA LEU A 61 6.99 -7.09 6.26
C LEU A 61 6.63 -8.51 6.70
N ILE A 62 7.35 -9.08 7.68
CA ILE A 62 7.12 -10.43 8.11
C ILE A 62 5.73 -10.59 8.73
N THR A 63 5.34 -9.72 9.66
CA THR A 63 4.06 -9.80 10.35
C THR A 63 2.89 -9.64 9.38
N LEU A 64 3.03 -8.74 8.41
CA LEU A 64 2.11 -8.51 7.31
C LEU A 64 1.90 -9.78 6.51
N ALA A 65 3.01 -10.35 6.04
CA ALA A 65 3.03 -11.54 5.23
C ALA A 65 2.44 -12.73 5.99
N GLU A 66 2.74 -12.81 7.29
CA GLU A 66 2.16 -13.79 8.18
C GLU A 66 0.65 -13.59 8.28
N SER A 67 0.20 -12.35 8.50
CA SER A 67 -1.21 -12.04 8.64
C SER A 67 -1.96 -12.44 7.37
N LEU A 68 -1.40 -12.05 6.23
CA LEU A 68 -1.94 -12.36 4.92
C LEU A 68 -2.01 -13.87 4.72
N GLU A 69 -0.97 -14.66 5.03
CA GLU A 69 -1.11 -16.11 4.88
C GLU A 69 -2.11 -16.73 5.84
N ARG A 70 -2.28 -16.20 7.07
CA ARG A 70 -3.31 -16.69 7.98
C ARG A 70 -4.68 -16.48 7.34
N GLN A 71 -4.87 -15.32 6.73
CA GLN A 71 -6.05 -14.93 5.99
C GLN A 71 -6.14 -15.64 4.62
N GLY A 72 -5.11 -16.37 4.18
CA GLY A 72 -5.07 -16.99 2.85
C GLY A 72 -4.98 -15.96 1.72
N GLN A 73 -4.63 -14.71 2.05
CA GLN A 73 -4.52 -13.55 1.17
C GLN A 73 -3.09 -13.35 0.68
N LEU A 74 -2.12 -14.18 1.11
CA LEU A 74 -0.72 -14.05 0.65
C LEU A 74 -0.65 -14.21 -0.86
N ASP A 75 -1.39 -15.17 -1.41
CA ASP A 75 -1.46 -15.39 -2.85
C ASP A 75 -2.19 -14.26 -3.57
N SER A 76 -3.10 -13.56 -2.90
CA SER A 76 -3.76 -12.37 -3.43
C SER A 76 -2.80 -11.17 -3.52
N VAL A 77 -1.79 -11.07 -2.64
CA VAL A 77 -0.81 -9.99 -2.73
C VAL A 77 0.33 -10.34 -3.70
N GLY A 78 0.35 -11.54 -4.27
CA GLY A 78 1.40 -11.96 -5.20
C GLY A 78 2.53 -12.72 -4.52
N GLY A 79 2.33 -13.17 -3.28
CA GLY A 79 3.28 -13.99 -2.53
C GLY A 79 4.18 -13.14 -1.62
N PHE A 80 4.92 -13.81 -0.73
CA PHE A 80 5.87 -13.14 0.15
C PHE A 80 6.88 -12.35 -0.69
N ALA A 81 7.37 -12.93 -1.79
CA ALA A 81 8.33 -12.27 -2.67
C ALA A 81 7.79 -10.99 -3.33
N TYR A 82 6.48 -10.74 -3.33
CA TYR A 82 5.95 -9.44 -3.73
C TYR A 82 6.11 -8.46 -2.59
N LEU A 83 5.72 -8.82 -1.37
CA LEU A 83 5.84 -7.97 -0.18
C LEU A 83 7.30 -7.57 0.06
N ALA A 84 8.20 -8.54 -0.04
CA ALA A 84 9.63 -8.33 0.06
C ALA A 84 10.08 -7.31 -0.98
N GLU A 85 9.66 -7.51 -2.23
CA GLU A 85 10.01 -6.63 -3.34
C GLU A 85 9.53 -5.21 -3.05
N LEU A 86 8.27 -5.04 -2.63
CA LEU A 86 7.68 -3.72 -2.34
C LEU A 86 8.52 -2.98 -1.31
N SER A 87 8.84 -3.64 -0.21
CA SER A 87 9.71 -3.09 0.83
C SER A 87 11.01 -2.62 0.18
N LYS A 88 11.68 -3.51 -0.55
CA LYS A 88 12.95 -3.28 -1.24
C LYS A 88 12.82 -2.37 -2.48
N ASN A 89 11.63 -1.86 -2.77
CA ASN A 89 11.30 -1.03 -3.93
C ASN A 89 10.73 0.30 -3.41
N THR A 90 11.31 0.79 -2.32
CA THR A 90 11.00 2.10 -1.79
C THR A 90 12.30 2.83 -1.47
N PRO A 91 12.59 3.97 -2.13
CA PRO A 91 13.76 4.77 -1.84
C PRO A 91 13.57 5.46 -0.48
N SER A 92 14.01 4.79 0.58
CA SER A 92 14.08 5.24 1.98
C SER A 92 12.76 5.74 2.58
N ALA A 93 11.61 5.56 1.94
CA ALA A 93 10.31 6.17 2.27
C ALA A 93 10.36 7.70 2.31
N ALA A 94 11.46 8.32 1.84
CA ALA A 94 11.71 9.75 1.96
C ALA A 94 10.71 10.62 1.17
N ASN A 95 9.87 10.03 0.31
CA ASN A 95 8.82 10.72 -0.43
C ASN A 95 7.47 10.02 -0.25
N ILE A 96 7.31 9.12 0.73
CA ILE A 96 6.12 8.29 0.90
C ILE A 96 4.84 9.12 0.93
N SER A 97 4.86 10.20 1.70
CA SER A 97 3.76 11.13 1.84
C SER A 97 3.39 11.73 0.48
N ALA A 98 4.39 12.11 -0.31
CA ALA A 98 4.17 12.68 -1.64
C ALA A 98 3.61 11.63 -2.57
N TYR A 99 4.10 10.38 -2.50
CA TYR A 99 3.62 9.30 -3.34
C TYR A 99 2.15 9.02 -3.00
N ALA A 100 1.80 8.98 -1.72
CA ALA A 100 0.43 8.77 -1.27
C ALA A 100 -0.48 9.91 -1.73
N ASP A 101 -0.04 11.15 -1.59
CA ASP A 101 -0.78 12.31 -2.05
C ASP A 101 -1.06 12.21 -3.55
N ILE A 102 -0.05 11.84 -4.34
CA ILE A 102 -0.18 11.58 -5.77
C ILE A 102 -1.16 10.44 -6.01
N VAL A 103 -1.07 9.29 -5.33
CA VAL A 103 -1.98 8.16 -5.50
C VAL A 103 -3.43 8.63 -5.31
N ARG A 104 -3.70 9.39 -4.24
CA ARG A 104 -5.05 9.92 -4.06
C ARG A 104 -5.41 10.92 -5.15
N GLU A 105 -4.53 11.86 -5.52
CA GLU A 105 -4.88 12.85 -6.54
C GLU A 105 -5.17 12.16 -7.88
N ARG A 106 -4.45 11.08 -8.20
CA ARG A 106 -4.73 10.23 -9.35
C ARG A 106 -6.08 9.54 -9.21
N ALA A 107 -6.43 9.04 -8.01
CA ALA A 107 -7.73 8.45 -7.74
C ALA A 107 -8.84 9.48 -7.96
N VAL A 108 -8.68 10.69 -7.43
CA VAL A 108 -9.57 11.83 -7.59
C VAL A 108 -9.81 12.09 -9.08
N VAL A 109 -8.75 12.17 -9.87
CA VAL A 109 -8.88 12.36 -11.30
C VAL A 109 -9.59 11.17 -11.96
N ARG A 110 -9.41 9.94 -11.48
CA ARG A 110 -10.17 8.80 -11.99
C ARG A 110 -11.65 8.87 -11.67
N GLU A 111 -12.03 9.23 -10.45
CA GLU A 111 -13.43 9.30 -10.06
C GLU A 111 -14.09 10.49 -10.73
N MET A 112 -13.33 11.58 -10.87
CA MET A 112 -13.75 12.87 -11.38
C MET A 112 -12.65 13.46 -12.27
N ILE A 113 -12.61 13.07 -13.54
CA ILE A 113 -11.69 13.62 -14.54
C ILE A 113 -11.98 15.14 -14.65
N SER A 114 -10.91 15.94 -14.62
CA SER A 114 -10.93 17.40 -14.50
C SER A 114 -11.98 17.85 -13.50
N MET A 1 1.74 -2.83 -17.85
CA MET A 1 1.09 -3.90 -18.62
C MET A 1 -0.43 -3.70 -18.56
N LYS A 2 -1.25 -4.69 -18.18
CA LYS A 2 -2.71 -4.65 -18.37
C LYS A 2 -3.44 -3.58 -17.56
N VAL A 3 -2.72 -2.91 -16.68
CA VAL A 3 -3.23 -1.95 -15.74
C VAL A 3 -3.37 -0.59 -16.46
N PRO A 4 -4.34 0.26 -16.09
CA PRO A 4 -4.38 1.65 -16.56
C PRO A 4 -3.20 2.44 -15.95
N PRO A 5 -2.86 3.63 -16.48
CA PRO A 5 -1.72 4.43 -16.02
C PRO A 5 -2.00 5.13 -14.69
N HIS A 6 -1.82 4.42 -13.57
CA HIS A 6 -2.08 4.95 -12.22
C HIS A 6 -0.88 4.80 -11.27
N SER A 7 0.30 4.53 -11.81
CA SER A 7 1.56 4.56 -11.07
C SER A 7 1.60 3.49 -9.99
N ILE A 8 1.59 2.22 -10.42
CA ILE A 8 1.83 1.03 -9.61
C ILE A 8 3.04 1.28 -8.72
N GLU A 9 4.17 1.63 -9.31
CA GLU A 9 5.40 1.77 -8.57
C GLU A 9 5.41 2.92 -7.55
N ALA A 10 4.66 3.98 -7.82
CA ALA A 10 4.38 5.03 -6.84
C ALA A 10 3.60 4.45 -5.67
N GLU A 11 2.52 3.71 -5.97
CA GLU A 11 1.74 2.98 -4.99
C GLU A 11 2.64 2.04 -4.17
N GLN A 12 3.57 1.33 -4.83
CA GLN A 12 4.52 0.44 -4.16
C GLN A 12 5.50 1.24 -3.30
N SER A 13 5.88 2.46 -3.70
CA SER A 13 6.75 3.32 -2.91
C SER A 13 6.07 3.76 -1.62
N VAL A 14 4.74 3.93 -1.64
CA VAL A 14 3.97 4.22 -0.44
C VAL A 14 3.90 2.98 0.44
N LEU A 15 3.36 1.90 -0.09
CA LEU A 15 3.05 0.71 0.70
C LEU A 15 4.31 0.02 1.19
N GLY A 16 5.38 0.08 0.41
CA GLY A 16 6.71 -0.32 0.82
C GLY A 16 7.21 0.63 1.91
N GLY A 17 7.04 1.95 1.73
CA GLY A 17 7.40 2.97 2.71
C GLY A 17 6.89 2.62 4.11
N LEU A 18 5.62 2.22 4.21
CA LEU A 18 4.96 1.85 5.46
C LEU A 18 5.69 0.73 6.20
N MET A 19 6.21 -0.27 5.49
CA MET A 19 6.88 -1.41 6.10
C MET A 19 8.24 -1.01 6.68
N LEU A 20 8.86 0.05 6.14
CA LEU A 20 10.13 0.59 6.62
C LEU A 20 9.92 1.65 7.69
N ASP A 21 8.84 2.42 7.61
CA ASP A 21 8.61 3.61 8.41
C ASP A 21 7.15 3.66 8.85
N ASN A 22 6.91 2.99 9.97
CA ASN A 22 5.60 2.70 10.55
C ASN A 22 4.81 3.97 10.85
N GLU A 23 5.50 5.05 11.24
CA GLU A 23 4.90 6.34 11.55
C GLU A 23 4.27 6.98 10.33
N ARG A 24 4.61 6.52 9.13
CA ARG A 24 3.91 6.97 7.94
C ARG A 24 2.53 6.36 7.83
N TRP A 25 2.11 5.43 8.70
CA TRP A 25 0.74 4.94 8.69
C TRP A 25 -0.23 6.10 8.67
N ASP A 26 -0.13 7.00 9.65
CA ASP A 26 -1.04 8.12 9.75
C ASP A 26 -0.90 9.10 8.59
N ASP A 27 0.30 9.18 8.05
CA ASP A 27 0.77 10.17 7.07
C ASP A 27 0.28 9.83 5.67
N VAL A 28 0.24 8.53 5.41
CA VAL A 28 -0.38 7.90 4.26
C VAL A 28 -1.89 7.91 4.51
N ALA A 29 -2.38 7.47 5.66
CA ALA A 29 -3.82 7.42 5.96
C ALA A 29 -4.46 8.81 6.03
N GLU A 30 -3.71 9.91 6.06
CA GLU A 30 -4.22 11.26 5.92
C GLU A 30 -4.18 11.77 4.46
N ARG A 31 -3.55 11.03 3.55
CA ARG A 31 -3.46 11.35 2.13
C ARG A 31 -4.35 10.43 1.32
N VAL A 32 -4.50 9.16 1.71
CA VAL A 32 -5.19 8.14 0.94
C VAL A 32 -5.96 7.19 1.87
N VAL A 33 -6.77 6.30 1.31
CA VAL A 33 -7.42 5.18 1.99
C VAL A 33 -7.32 3.94 1.10
N ALA A 34 -7.61 2.74 1.63
CA ALA A 34 -7.46 1.50 0.87
C ALA A 34 -8.21 1.55 -0.46
N ASP A 35 -9.45 2.02 -0.47
CA ASP A 35 -10.30 1.95 -1.65
C ASP A 35 -9.82 2.85 -2.79
N ASP A 36 -8.90 3.78 -2.52
CA ASP A 36 -8.33 4.68 -3.52
C ASP A 36 -7.50 3.90 -4.53
N PHE A 37 -6.79 2.87 -4.07
CA PHE A 37 -5.89 2.06 -4.89
C PHE A 37 -6.73 1.18 -5.80
N TYR A 38 -6.56 1.30 -7.12
CA TYR A 38 -7.20 0.43 -8.11
C TYR A 38 -6.71 -1.03 -7.98
N THR A 39 -5.48 -1.21 -7.54
CA THR A 39 -4.66 -2.40 -7.51
C THR A 39 -5.13 -3.36 -6.41
N ARG A 40 -5.67 -4.54 -6.75
CA ARG A 40 -5.96 -5.59 -5.76
C ARG A 40 -4.82 -5.81 -4.75
N PRO A 41 -3.57 -6.09 -5.14
CA PRO A 41 -2.54 -6.42 -4.16
C PRO A 41 -2.23 -5.22 -3.27
N HIS A 42 -2.28 -3.99 -3.80
CA HIS A 42 -2.02 -2.80 -3.02
C HIS A 42 -3.17 -2.56 -2.04
N ARG A 43 -4.43 -2.79 -2.44
CA ARG A 43 -5.57 -2.76 -1.52
C ARG A 43 -5.45 -3.81 -0.44
N HIS A 44 -5.11 -5.05 -0.80
CA HIS A 44 -4.86 -6.13 0.15
C HIS A 44 -3.83 -5.69 1.19
N ILE A 45 -2.68 -5.20 0.74
CA ILE A 45 -1.60 -4.75 1.61
C ILE A 45 -2.17 -3.73 2.60
N PHE A 46 -2.74 -2.60 2.13
CA PHE A 46 -3.21 -1.58 3.05
C PHE A 46 -4.35 -2.08 3.93
N THR A 47 -5.21 -2.99 3.44
CA THR A 47 -6.29 -3.58 4.22
C THR A 47 -5.72 -4.44 5.34
N GLU A 48 -4.78 -5.34 5.03
CA GLU A 48 -4.30 -6.28 6.02
C GLU A 48 -3.36 -5.57 7.00
N MET A 49 -2.68 -4.49 6.57
CA MET A 49 -1.95 -3.56 7.41
C MET A 49 -2.94 -2.83 8.33
N ALA A 50 -4.04 -2.30 7.79
CA ALA A 50 -5.07 -1.62 8.55
C ALA A 50 -5.59 -2.55 9.65
N ARG A 51 -5.90 -3.80 9.29
CA ARG A 51 -6.34 -4.84 10.23
C ARG A 51 -5.29 -5.12 11.29
N LEU A 52 -3.99 -5.16 10.94
CA LEU A 52 -2.93 -5.33 11.91
C LEU A 52 -2.88 -4.15 12.86
N GLN A 53 -2.84 -2.92 12.35
CA GLN A 53 -2.74 -1.72 13.17
C GLN A 53 -3.98 -1.62 14.08
N GLU A 54 -5.15 -2.00 13.56
CA GLU A 54 -6.41 -2.10 14.28
C GLU A 54 -6.34 -3.14 15.41
N SER A 55 -5.54 -4.20 15.27
CA SER A 55 -5.32 -5.15 16.35
C SER A 55 -4.25 -4.68 17.34
N GLY A 56 -3.55 -3.57 17.05
CA GLY A 56 -2.37 -3.18 17.80
C GLY A 56 -1.19 -4.11 17.49
N SER A 57 -1.04 -4.50 16.23
CA SER A 57 0.14 -5.20 15.72
C SER A 57 0.83 -4.28 14.69
N PRO A 58 2.14 -4.43 14.46
CA PRO A 58 2.86 -3.61 13.50
C PRO A 58 2.44 -3.92 12.07
N ILE A 59 2.80 -3.01 11.18
CA ILE A 59 2.65 -3.13 9.73
C ILE A 59 3.98 -3.56 9.08
N ASP A 60 4.84 -4.26 9.85
CA ASP A 60 6.09 -4.83 9.36
C ASP A 60 5.84 -5.90 8.29
N LEU A 61 6.81 -6.10 7.39
CA LEU A 61 6.70 -7.07 6.30
C LEU A 61 6.34 -8.45 6.84
N ILE A 62 7.11 -8.95 7.80
CA ILE A 62 7.02 -10.32 8.24
C ILE A 62 5.65 -10.54 8.88
N THR A 63 5.24 -9.58 9.71
CA THR A 63 3.96 -9.53 10.38
C THR A 63 2.82 -9.52 9.36
N LEU A 64 2.92 -8.67 8.34
CA LEU A 64 1.97 -8.53 7.25
C LEU A 64 1.78 -9.84 6.52
N ALA A 65 2.90 -10.43 6.10
CA ALA A 65 2.89 -11.68 5.36
C ALA A 65 2.20 -12.79 6.15
N GLU A 66 2.53 -12.95 7.44
CA GLU A 66 1.89 -13.93 8.33
C GLU A 66 0.40 -13.65 8.49
N SER A 67 0.00 -12.38 8.46
CA SER A 67 -1.40 -12.00 8.55
C SER A 67 -2.12 -12.44 7.27
N LEU A 68 -1.56 -12.08 6.11
CA LEU A 68 -2.07 -12.47 4.80
C LEU A 68 -2.09 -13.99 4.65
N GLU A 69 -1.15 -14.72 5.24
CA GLU A 69 -1.18 -16.18 5.26
C GLU A 69 -2.33 -16.73 6.07
N ARG A 70 -2.55 -16.29 7.31
CA ARG A 70 -3.69 -16.85 8.05
C ARG A 70 -5.00 -16.50 7.33
N GLN A 71 -5.06 -15.36 6.62
CA GLN A 71 -6.20 -15.01 5.78
C GLN A 71 -6.25 -15.85 4.49
N GLY A 72 -5.15 -16.45 4.04
CA GLY A 72 -5.13 -17.16 2.76
C GLY A 72 -5.21 -16.17 1.61
N GLN A 73 -4.36 -15.15 1.64
CA GLN A 73 -4.28 -14.06 0.67
C GLN A 73 -2.85 -13.76 0.25
N LEU A 74 -1.83 -14.31 0.93
CA LEU A 74 -0.43 -13.99 0.60
C LEU A 74 -0.14 -14.36 -0.85
N ASP A 75 -0.62 -15.51 -1.30
CA ASP A 75 -0.55 -15.93 -2.70
C ASP A 75 -1.19 -14.90 -3.63
N SER A 76 -2.31 -14.33 -3.23
CA SER A 76 -3.18 -13.49 -4.03
C SER A 76 -2.66 -12.07 -4.14
N VAL A 77 -1.74 -11.65 -3.27
CA VAL A 77 -1.02 -10.39 -3.44
C VAL A 77 0.20 -10.59 -4.35
N GLY A 78 0.57 -11.83 -4.67
CA GLY A 78 1.73 -12.17 -5.50
C GLY A 78 2.78 -12.97 -4.74
N GLY A 79 2.48 -13.41 -3.51
CA GLY A 79 3.36 -14.15 -2.63
C GLY A 79 4.16 -13.20 -1.74
N PHE A 80 4.89 -13.78 -0.77
CA PHE A 80 5.88 -13.06 0.03
C PHE A 80 6.84 -12.30 -0.88
N ALA A 81 7.24 -12.92 -1.98
CA ALA A 81 8.13 -12.34 -2.96
C ALA A 81 7.63 -11.01 -3.51
N TYR A 82 6.31 -10.83 -3.66
CA TYR A 82 5.75 -9.55 -4.09
C TYR A 82 5.96 -8.51 -2.99
N LEU A 83 5.62 -8.84 -1.73
CA LEU A 83 5.81 -7.90 -0.63
C LEU A 83 7.28 -7.55 -0.46
N ALA A 84 8.18 -8.53 -0.56
CA ALA A 84 9.60 -8.28 -0.46
C ALA A 84 10.09 -7.43 -1.65
N GLU A 85 9.34 -7.37 -2.75
CA GLU A 85 9.58 -6.47 -3.88
C GLU A 85 9.31 -5.04 -3.44
N LEU A 86 8.09 -4.73 -2.95
CA LEU A 86 7.78 -3.45 -2.31
C LEU A 86 8.89 -3.06 -1.32
N SER A 87 9.22 -3.98 -0.41
CA SER A 87 10.16 -3.73 0.66
C SER A 87 11.55 -3.38 0.12
N LYS A 88 12.07 -4.17 -0.83
CA LYS A 88 13.41 -3.92 -1.37
C LYS A 88 13.42 -2.66 -2.24
N ASN A 89 12.28 -2.29 -2.82
CA ASN A 89 12.09 -1.15 -3.71
C ASN A 89 11.60 0.08 -2.94
N THR A 90 11.86 0.13 -1.64
CA THR A 90 11.55 1.26 -0.80
C THR A 90 12.84 2.08 -0.59
N PRO A 91 12.94 3.30 -1.13
CA PRO A 91 14.05 4.21 -0.89
C PRO A 91 13.93 4.84 0.52
N SER A 92 13.89 4.02 1.57
CA SER A 92 13.77 4.41 2.97
C SER A 92 12.63 5.40 3.22
N ALA A 93 11.44 5.11 2.69
CA ALA A 93 10.21 5.91 2.71
C ALA A 93 10.36 7.21 1.90
N ALA A 94 11.23 8.12 2.35
CA ALA A 94 11.57 9.40 1.73
C ALA A 94 10.31 10.14 1.26
N ASN A 95 10.12 10.30 -0.05
CA ASN A 95 9.05 11.07 -0.69
C ASN A 95 7.68 10.38 -0.58
N ILE A 96 7.47 9.54 0.42
CA ILE A 96 6.29 8.69 0.59
C ILE A 96 5.01 9.51 0.50
N SER A 97 4.93 10.58 1.26
CA SER A 97 3.77 11.45 1.31
C SER A 97 3.51 12.15 -0.03
N ALA A 98 4.56 12.35 -0.82
CA ALA A 98 4.45 12.92 -2.16
C ALA A 98 3.88 11.86 -3.10
N TYR A 99 4.35 10.61 -3.03
CA TYR A 99 3.80 9.52 -3.82
C TYR A 99 2.35 9.29 -3.42
N ALA A 100 2.03 9.35 -2.13
CA ALA A 100 0.68 9.17 -1.63
C ALA A 100 -0.24 10.24 -2.19
N ASP A 101 0.17 11.51 -2.26
CA ASP A 101 -0.68 12.53 -2.88
C ASP A 101 -0.86 12.28 -4.39
N ILE A 102 0.15 11.75 -5.08
CA ILE A 102 0.01 11.35 -6.49
C ILE A 102 -1.07 10.26 -6.62
N VAL A 103 -1.09 9.27 -5.71
CA VAL A 103 -2.11 8.22 -5.67
C VAL A 103 -3.48 8.83 -5.34
N ARG A 104 -3.55 9.69 -4.32
CA ARG A 104 -4.73 10.48 -3.98
C ARG A 104 -5.25 11.15 -5.24
N GLU A 105 -4.38 11.81 -6.00
CA GLU A 105 -4.76 12.53 -7.20
C GLU A 105 -5.42 11.58 -8.19
N ARG A 106 -4.83 10.40 -8.43
CA ARG A 106 -5.46 9.41 -9.33
C ARG A 106 -6.84 9.04 -8.81
N ALA A 107 -6.99 8.79 -7.50
CA ALA A 107 -8.25 8.42 -6.90
C ALA A 107 -9.30 9.54 -7.00
N VAL A 108 -8.92 10.79 -6.72
CA VAL A 108 -9.81 11.95 -6.84
C VAL A 108 -10.23 12.10 -8.30
N VAL A 109 -9.29 11.98 -9.24
CA VAL A 109 -9.56 12.07 -10.67
C VAL A 109 -10.48 10.91 -11.10
N ARG A 110 -10.37 9.73 -10.48
CA ARG A 110 -11.31 8.62 -10.67
C ARG A 110 -12.70 8.95 -10.15
N GLU A 111 -12.77 9.57 -8.99
CA GLU A 111 -14.02 9.97 -8.34
C GLU A 111 -14.65 11.18 -9.05
N MET A 112 -13.89 11.90 -9.87
CA MET A 112 -14.31 12.94 -10.80
C MET A 112 -14.55 12.36 -12.22
N ILE A 113 -14.49 11.04 -12.36
CA ILE A 113 -14.81 10.25 -13.55
C ILE A 113 -14.13 10.84 -14.79
N SER A 114 -12.81 11.06 -14.67
CA SER A 114 -11.96 11.77 -15.63
C SER A 114 -12.17 11.35 -17.06
N MET A 1 -8.08 12.52 -25.00
CA MET A 1 -9.11 12.95 -24.03
C MET A 1 -8.51 12.80 -22.63
N LYS A 2 -8.72 11.68 -21.92
CA LYS A 2 -7.98 11.33 -20.71
C LYS A 2 -7.66 9.85 -20.73
N VAL A 3 -6.72 9.43 -19.91
CA VAL A 3 -6.43 8.03 -19.59
C VAL A 3 -6.28 8.02 -18.08
N PRO A 4 -6.90 7.09 -17.33
CA PRO A 4 -6.60 6.92 -15.91
C PRO A 4 -5.11 6.58 -15.82
N PRO A 5 -4.24 7.44 -15.25
CA PRO A 5 -2.82 7.22 -15.36
C PRO A 5 -2.35 5.96 -14.63
N HIS A 6 -3.08 5.57 -13.57
CA HIS A 6 -2.71 4.57 -12.56
C HIS A 6 -1.43 5.08 -11.88
N SER A 7 -0.99 4.48 -10.78
CA SER A 7 0.31 4.81 -10.20
C SER A 7 0.88 3.61 -9.45
N ILE A 8 0.69 2.43 -10.05
CA ILE A 8 1.10 1.11 -9.55
C ILE A 8 2.41 1.24 -8.80
N GLU A 9 3.45 1.74 -9.45
CA GLU A 9 4.79 1.79 -8.88
C GLU A 9 4.94 2.72 -7.67
N ALA A 10 4.32 3.90 -7.71
CA ALA A 10 4.24 4.76 -6.54
C ALA A 10 3.42 4.09 -5.43
N GLU A 11 2.30 3.44 -5.77
CA GLU A 11 1.46 2.67 -4.86
C GLU A 11 2.32 1.59 -4.19
N GLN A 12 3.09 0.83 -4.99
CA GLN A 12 4.04 -0.16 -4.53
C GLN A 12 5.01 0.46 -3.52
N SER A 13 5.55 1.65 -3.79
CA SER A 13 6.48 2.32 -2.90
C SER A 13 5.82 2.97 -1.67
N VAL A 14 4.52 3.26 -1.68
CA VAL A 14 3.84 3.64 -0.46
C VAL A 14 3.85 2.39 0.44
N LEU A 15 3.39 1.25 -0.08
CA LEU A 15 3.33 0.02 0.69
C LEU A 15 4.72 -0.43 1.14
N GLY A 16 5.71 -0.29 0.27
CA GLY A 16 7.11 -0.49 0.58
C GLY A 16 7.55 0.41 1.74
N GLY A 17 7.27 1.71 1.63
CA GLY A 17 7.60 2.70 2.64
C GLY A 17 6.93 2.40 3.97
N LEU A 18 5.70 1.89 3.95
CA LEU A 18 4.95 1.54 5.15
C LEU A 18 5.58 0.33 5.86
N MET A 19 6.01 -0.69 5.11
CA MET A 19 6.77 -1.79 5.72
C MET A 19 8.11 -1.28 6.27
N LEU A 20 8.70 -0.26 5.65
CA LEU A 20 9.95 0.37 6.07
C LEU A 20 9.79 1.14 7.38
N ASP A 21 8.84 2.06 7.43
CA ASP A 21 8.61 3.01 8.53
C ASP A 21 7.13 3.09 8.84
N ASN A 22 6.68 2.12 9.61
CA ASN A 22 5.27 1.85 9.88
C ASN A 22 4.50 3.01 10.48
N GLU A 23 5.16 3.96 11.14
CA GLU A 23 4.46 5.11 11.73
C GLU A 23 3.97 6.07 10.64
N ARG A 24 4.49 5.94 9.42
CA ARG A 24 4.01 6.72 8.29
C ARG A 24 2.65 6.22 7.83
N TRP A 25 2.12 5.14 8.43
CA TRP A 25 0.75 4.72 8.23
C TRP A 25 -0.18 5.91 8.36
N ASP A 26 -0.09 6.67 9.45
CA ASP A 26 -0.98 7.78 9.71
C ASP A 26 -0.83 8.94 8.73
N ASP A 27 0.36 9.12 8.19
CA ASP A 27 0.67 10.24 7.29
C ASP A 27 0.11 9.89 5.91
N VAL A 28 0.32 8.65 5.49
CA VAL A 28 -0.28 8.08 4.30
C VAL A 28 -1.81 8.01 4.48
N ALA A 29 -2.35 7.56 5.60
CA ALA A 29 -3.78 7.43 5.85
C ALA A 29 -4.50 8.78 5.88
N GLU A 30 -3.75 9.87 6.03
CA GLU A 30 -4.25 11.22 5.89
C GLU A 30 -4.50 11.52 4.41
N ARG A 31 -3.67 10.98 3.52
CA ARG A 31 -3.73 11.22 2.08
C ARG A 31 -4.70 10.24 1.44
N VAL A 32 -4.74 8.99 1.89
CA VAL A 32 -5.44 7.92 1.23
C VAL A 32 -6.11 6.97 2.24
N VAL A 33 -6.96 6.09 1.76
CA VAL A 33 -7.54 4.96 2.47
C VAL A 33 -7.50 3.76 1.53
N ALA A 34 -7.85 2.57 2.00
CA ALA A 34 -7.78 1.34 1.20
C ALA A 34 -8.50 1.47 -0.14
N ASP A 35 -9.63 2.19 -0.17
CA ASP A 35 -10.46 2.27 -1.39
C ASP A 35 -9.72 2.94 -2.56
N ASP A 36 -8.80 3.84 -2.24
CA ASP A 36 -8.03 4.63 -3.19
C ASP A 36 -7.05 3.75 -3.97
N PHE A 37 -6.64 2.62 -3.40
CA PHE A 37 -5.80 1.64 -4.06
C PHE A 37 -6.69 0.75 -4.93
N TYR A 38 -7.08 1.25 -6.10
CA TYR A 38 -7.81 0.49 -7.13
C TYR A 38 -7.17 -0.87 -7.42
N THR A 39 -5.86 -0.93 -7.33
CA THR A 39 -5.01 -2.03 -7.73
C THR A 39 -5.12 -3.17 -6.72
N ARG A 40 -5.72 -4.29 -7.10
CA ARG A 40 -6.06 -5.41 -6.21
C ARG A 40 -5.00 -5.78 -5.18
N PRO A 41 -3.74 -6.12 -5.54
CA PRO A 41 -2.76 -6.51 -4.54
C PRO A 41 -2.45 -5.35 -3.59
N HIS A 42 -2.46 -4.11 -4.09
CA HIS A 42 -2.24 -2.93 -3.27
C HIS A 42 -3.41 -2.74 -2.30
N ARG A 43 -4.65 -2.96 -2.75
CA ARG A 43 -5.87 -2.88 -1.96
C ARG A 43 -5.85 -3.89 -0.83
N HIS A 44 -5.54 -5.15 -1.15
CA HIS A 44 -5.32 -6.21 -0.20
C HIS A 44 -4.35 -5.78 0.87
N ILE A 45 -3.13 -5.42 0.48
CA ILE A 45 -2.08 -5.08 1.41
C ILE A 45 -2.57 -3.95 2.30
N PHE A 46 -3.06 -2.83 1.73
CA PHE A 46 -3.49 -1.69 2.52
C PHE A 46 -4.63 -2.08 3.48
N THR A 47 -5.57 -2.94 3.07
CA THR A 47 -6.63 -3.37 3.97
C THR A 47 -6.08 -4.21 5.13
N GLU A 48 -5.06 -5.04 4.89
CA GLU A 48 -4.57 -5.93 5.90
C GLU A 48 -3.64 -5.14 6.84
N MET A 49 -2.85 -4.22 6.29
CA MET A 49 -2.08 -3.22 7.02
C MET A 49 -3.00 -2.42 7.93
N ALA A 50 -4.12 -1.91 7.40
CA ALA A 50 -5.11 -1.18 8.18
C ALA A 50 -5.58 -2.04 9.34
N ARG A 51 -6.01 -3.28 9.08
CA ARG A 51 -6.46 -4.18 10.14
C ARG A 51 -5.39 -4.43 11.19
N LEU A 52 -4.14 -4.64 10.79
CA LEU A 52 -3.04 -4.87 11.71
C LEU A 52 -2.82 -3.65 12.57
N GLN A 53 -2.66 -2.48 11.96
CA GLN A 53 -2.41 -1.25 12.68
C GLN A 53 -3.54 -0.99 13.65
N GLU A 54 -4.77 -1.22 13.20
CA GLU A 54 -5.95 -1.03 14.02
C GLU A 54 -5.91 -1.95 15.25
N SER A 55 -5.42 -3.19 15.09
CA SER A 55 -5.22 -4.10 16.21
C SER A 55 -3.85 -3.93 16.89
N GLY A 56 -3.09 -2.88 16.56
CA GLY A 56 -1.88 -2.49 17.25
C GLY A 56 -0.75 -3.47 16.95
N SER A 57 -0.71 -3.96 15.72
CA SER A 57 0.31 -4.85 15.21
C SER A 57 1.09 -4.08 14.15
N PRO A 58 2.41 -4.25 14.05
CA PRO A 58 3.18 -3.54 13.05
C PRO A 58 2.79 -4.02 11.67
N ILE A 59 2.92 -3.12 10.71
CA ILE A 59 2.76 -3.40 9.29
C ILE A 59 4.12 -3.70 8.66
N ASP A 60 5.09 -4.17 9.45
CA ASP A 60 6.36 -4.68 8.95
C ASP A 60 6.15 -5.92 8.09
N LEU A 61 7.05 -6.12 7.13
CA LEU A 61 7.00 -7.08 6.04
C LEU A 61 6.63 -8.47 6.53
N ILE A 62 7.37 -9.05 7.49
CA ILE A 62 7.14 -10.38 7.95
C ILE A 62 5.77 -10.48 8.64
N THR A 63 5.40 -9.45 9.41
CA THR A 63 4.13 -9.38 10.11
C THR A 63 2.98 -9.48 9.12
N LEU A 64 3.03 -8.60 8.12
CA LEU A 64 2.05 -8.47 7.05
C LEU A 64 1.90 -9.77 6.30
N ALA A 65 3.02 -10.33 5.86
CA ALA A 65 3.03 -11.53 5.04
C ALA A 65 2.31 -12.65 5.78
N GLU A 66 2.73 -12.94 7.00
CA GLU A 66 2.15 -13.99 7.82
C GLU A 66 0.69 -13.67 8.21
N SER A 67 0.30 -12.40 8.27
CA SER A 67 -1.06 -11.98 8.53
C SER A 67 -1.94 -12.25 7.30
N LEU A 68 -1.47 -11.89 6.11
CA LEU A 68 -2.11 -12.22 4.85
C LEU A 68 -2.21 -13.74 4.68
N GLU A 69 -1.28 -14.53 5.21
CA GLU A 69 -1.43 -15.98 5.25
C GLU A 69 -2.57 -16.42 6.15
N ARG A 70 -2.79 -15.80 7.32
CA ARG A 70 -4.00 -16.07 8.10
C ARG A 70 -5.25 -15.67 7.34
N GLN A 71 -5.19 -14.62 6.51
CA GLN A 71 -6.29 -14.26 5.62
C GLN A 71 -6.39 -15.25 4.44
N GLY A 72 -5.36 -16.07 4.16
CA GLY A 72 -5.33 -16.93 2.99
C GLY A 72 -5.17 -16.15 1.69
N GLN A 73 -4.61 -14.94 1.77
CA GLN A 73 -4.56 -13.94 0.69
C GLN A 73 -3.12 -13.58 0.30
N LEU A 74 -2.09 -14.11 0.96
CA LEU A 74 -0.69 -13.78 0.66
C LEU A 74 -0.40 -13.98 -0.82
N ASP A 75 -0.71 -15.16 -1.37
CA ASP A 75 -0.39 -15.39 -2.78
C ASP A 75 -1.23 -14.51 -3.70
N SER A 76 -2.45 -14.14 -3.28
CA SER A 76 -3.32 -13.19 -3.98
C SER A 76 -2.77 -11.75 -3.96
N VAL A 77 -1.69 -11.42 -3.23
CA VAL A 77 -1.02 -10.12 -3.38
C VAL A 77 0.25 -10.24 -4.22
N GLY A 78 0.61 -11.46 -4.67
CA GLY A 78 1.84 -11.76 -5.38
C GLY A 78 2.80 -12.60 -4.54
N GLY A 79 2.42 -12.99 -3.33
CA GLY A 79 3.22 -13.85 -2.49
C GLY A 79 4.28 -13.06 -1.73
N PHE A 80 5.05 -13.76 -0.90
CA PHE A 80 6.11 -13.17 -0.10
C PHE A 80 7.13 -12.47 -1.01
N ALA A 81 7.49 -13.07 -2.15
CA ALA A 81 8.49 -12.51 -3.05
C ALA A 81 8.10 -11.08 -3.48
N TYR A 82 6.83 -10.84 -3.80
CA TYR A 82 6.36 -9.51 -4.14
C TYR A 82 6.51 -8.58 -2.95
N LEU A 83 6.05 -8.98 -1.76
CA LEU A 83 6.18 -8.16 -0.56
C LEU A 83 7.65 -7.86 -0.24
N ALA A 84 8.55 -8.82 -0.45
CA ALA A 84 9.98 -8.65 -0.20
C ALA A 84 10.55 -7.59 -1.14
N GLU A 85 10.08 -7.53 -2.38
CA GLU A 85 10.49 -6.52 -3.34
C GLU A 85 9.88 -5.17 -2.96
N LEU A 86 8.59 -5.12 -2.61
CA LEU A 86 7.92 -3.90 -2.16
C LEU A 86 8.71 -3.26 -1.04
N SER A 87 8.99 -4.03 0.02
CA SER A 87 9.53 -3.55 1.28
C SER A 87 10.92 -2.93 1.10
N LYS A 88 11.59 -3.12 -0.04
CA LYS A 88 12.88 -2.50 -0.29
C LYS A 88 12.93 -1.74 -1.62
N ASN A 89 11.80 -1.51 -2.31
CA ASN A 89 11.79 -0.74 -3.56
C ASN A 89 11.74 0.77 -3.34
N THR A 90 11.70 1.14 -2.07
CA THR A 90 11.42 2.47 -1.59
C THR A 90 12.73 3.05 -1.05
N PRO A 91 13.03 4.33 -1.34
CA PRO A 91 14.16 5.03 -0.76
C PRO A 91 13.85 5.38 0.70
N SER A 92 13.97 4.40 1.59
CA SER A 92 13.64 4.47 3.01
C SER A 92 12.26 5.12 3.25
N ALA A 93 12.24 6.43 3.53
CA ALA A 93 11.03 7.20 3.74
C ALA A 93 11.13 8.57 3.07
N ALA A 94 11.94 8.70 2.00
CA ALA A 94 12.35 9.95 1.38
C ALA A 94 11.19 10.94 1.23
N ASN A 95 10.13 10.58 0.50
CA ASN A 95 8.95 11.42 0.28
C ASN A 95 7.69 10.53 0.23
N ILE A 96 7.49 9.64 1.21
CA ILE A 96 6.37 8.69 1.20
C ILE A 96 5.03 9.41 1.09
N SER A 97 4.87 10.47 1.87
CA SER A 97 3.70 11.33 1.85
C SER A 97 3.38 11.80 0.42
N ALA A 98 4.42 12.16 -0.32
CA ALA A 98 4.30 12.63 -1.69
C ALA A 98 4.01 11.47 -2.65
N TYR A 99 4.46 10.24 -2.40
CA TYR A 99 4.00 9.10 -3.17
C TYR A 99 2.51 8.89 -2.90
N ALA A 100 2.08 8.95 -1.64
CA ALA A 100 0.67 8.82 -1.28
C ALA A 100 -0.18 9.92 -1.93
N ASP A 101 0.35 11.13 -2.11
CA ASP A 101 -0.32 12.22 -2.81
C ASP A 101 -0.54 11.91 -4.30
N ILE A 102 0.38 11.16 -4.91
CA ILE A 102 0.17 10.62 -6.26
C ILE A 102 -1.00 9.64 -6.20
N VAL A 103 -0.96 8.64 -5.31
CA VAL A 103 -2.01 7.62 -5.19
C VAL A 103 -3.37 8.30 -5.00
N ARG A 104 -3.45 9.26 -4.07
CA ARG A 104 -4.64 10.06 -3.84
C ARG A 104 -5.10 10.65 -5.14
N GLU A 105 -4.25 11.35 -5.88
CA GLU A 105 -4.71 12.04 -7.08
C GLU A 105 -5.23 11.07 -8.13
N ARG A 106 -4.67 9.87 -8.21
CA ARG A 106 -5.26 8.83 -9.07
C ARG A 106 -6.68 8.50 -8.64
N ALA A 107 -6.94 8.37 -7.33
CA ALA A 107 -8.28 8.17 -6.82
C ALA A 107 -9.17 9.41 -6.99
N VAL A 108 -8.61 10.61 -6.96
CA VAL A 108 -9.30 11.86 -7.27
C VAL A 108 -9.75 11.80 -8.73
N VAL A 109 -8.87 11.44 -9.66
CA VAL A 109 -9.23 11.25 -11.07
C VAL A 109 -10.22 10.08 -11.20
N ARG A 110 -10.20 9.09 -10.30
CA ARG A 110 -11.16 7.99 -10.30
C ARG A 110 -12.57 8.46 -10.01
N GLU A 111 -12.77 9.37 -9.05
CA GLU A 111 -14.07 9.98 -8.80
C GLU A 111 -14.36 11.03 -9.88
N MET A 112 -13.43 11.95 -10.08
CA MET A 112 -13.46 13.01 -11.07
C MET A 112 -13.00 12.45 -12.43
N ILE A 113 -13.66 11.39 -12.91
CA ILE A 113 -13.49 10.86 -14.27
C ILE A 113 -13.58 12.05 -15.22
N SER A 114 -12.44 12.38 -15.81
CA SER A 114 -12.22 13.60 -16.57
C SER A 114 -12.05 13.26 -18.04
N MET A 1 -12.06 11.17 -24.27
CA MET A 1 -10.60 11.12 -24.23
C MET A 1 -10.15 11.32 -22.78
N LYS A 2 -9.98 10.22 -22.05
CA LYS A 2 -9.31 10.22 -20.75
C LYS A 2 -8.61 8.87 -20.63
N VAL A 3 -7.43 8.85 -20.03
CA VAL A 3 -6.70 7.67 -19.61
C VAL A 3 -6.20 7.98 -18.18
N PRO A 4 -6.24 7.03 -17.24
CA PRO A 4 -5.62 7.21 -15.94
C PRO A 4 -4.10 7.23 -16.15
N PRO A 5 -3.36 8.21 -15.62
CA PRO A 5 -1.90 8.14 -15.63
C PRO A 5 -1.35 7.07 -14.68
N HIS A 6 -2.20 6.46 -13.84
CA HIS A 6 -1.89 5.44 -12.84
C HIS A 6 -0.82 5.90 -11.85
N SER A 7 -0.51 5.04 -10.87
CA SER A 7 0.31 5.35 -9.72
C SER A 7 0.97 4.10 -9.13
N ILE A 8 1.03 2.98 -9.86
CA ILE A 8 1.47 1.68 -9.36
C ILE A 8 2.78 1.83 -8.59
N GLU A 9 3.78 2.42 -9.20
CA GLU A 9 5.10 2.57 -8.61
C GLU A 9 5.14 3.51 -7.40
N ALA A 10 4.35 4.59 -7.43
CA ALA A 10 4.12 5.44 -6.27
C ALA A 10 3.48 4.63 -5.13
N GLU A 11 2.42 3.88 -5.44
CA GLU A 11 1.72 2.98 -4.55
C GLU A 11 2.71 1.96 -3.96
N GLN A 12 3.58 1.36 -4.78
CA GLN A 12 4.61 0.44 -4.34
C GLN A 12 5.50 1.12 -3.31
N SER A 13 6.02 2.31 -3.65
CA SER A 13 6.96 3.07 -2.84
C SER A 13 6.36 3.45 -1.48
N VAL A 14 5.07 3.80 -1.45
CA VAL A 14 4.35 4.10 -0.22
C VAL A 14 4.20 2.82 0.60
N LEU A 15 3.65 1.76 0.01
CA LEU A 15 3.33 0.55 0.74
C LEU A 15 4.60 -0.11 1.29
N GLY A 16 5.68 -0.13 0.52
CA GLY A 16 6.99 -0.52 1.02
C GLY A 16 7.40 0.37 2.18
N GLY A 17 7.28 1.69 2.01
CA GLY A 17 7.66 2.68 3.00
C GLY A 17 6.92 2.53 4.31
N LEU A 18 5.69 2.01 4.32
CA LEU A 18 4.91 1.74 5.53
C LEU A 18 5.51 0.58 6.33
N MET A 19 5.95 -0.48 5.65
CA MET A 19 6.66 -1.59 6.32
C MET A 19 7.96 -1.06 6.88
N LEU A 20 8.63 -0.18 6.14
CA LEU A 20 9.89 0.45 6.51
C LEU A 20 9.75 1.49 7.62
N ASP A 21 8.56 2.09 7.78
CA ASP A 21 8.29 3.17 8.73
C ASP A 21 6.79 3.31 8.99
N ASN A 22 6.36 2.64 10.04
CA ASN A 22 4.97 2.57 10.51
C ASN A 22 4.40 3.90 10.96
N GLU A 23 5.20 4.92 11.30
CA GLU A 23 4.64 6.23 11.60
C GLU A 23 4.15 6.97 10.36
N ARG A 24 4.53 6.52 9.16
CA ARG A 24 3.92 7.03 7.95
C ARG A 24 2.52 6.46 7.78
N TRP A 25 2.10 5.44 8.54
CA TRP A 25 0.76 4.87 8.43
C TRP A 25 -0.29 5.96 8.48
N ASP A 26 -0.32 6.74 9.54
CA ASP A 26 -1.32 7.77 9.76
C ASP A 26 -1.26 8.93 8.78
N ASP A 27 -0.09 9.17 8.23
CA ASP A 27 0.16 10.26 7.27
C ASP A 27 -0.41 9.82 5.91
N VAL A 28 -0.06 8.62 5.50
CA VAL A 28 -0.58 7.97 4.32
C VAL A 28 -2.08 7.76 4.50
N ALA A 29 -2.56 7.28 5.64
CA ALA A 29 -3.97 7.04 5.90
C ALA A 29 -4.81 8.32 5.95
N GLU A 30 -4.19 9.48 6.19
CA GLU A 30 -4.81 10.76 6.05
C GLU A 30 -4.95 11.06 4.55
N ARG A 31 -4.02 10.60 3.71
CA ARG A 31 -4.01 10.92 2.28
C ARG A 31 -4.94 9.97 1.56
N VAL A 32 -4.91 8.68 1.89
CA VAL A 32 -5.56 7.62 1.16
C VAL A 32 -6.27 6.66 2.11
N VAL A 33 -7.15 5.85 1.55
CA VAL A 33 -7.89 4.78 2.19
C VAL A 33 -7.63 3.51 1.39
N ALA A 34 -8.02 2.33 1.88
CA ALA A 34 -7.90 1.11 1.07
C ALA A 34 -8.67 1.30 -0.23
N ASP A 35 -9.82 1.97 -0.18
CA ASP A 35 -10.67 2.23 -1.35
C ASP A 35 -9.96 3.02 -2.45
N ASP A 36 -8.90 3.77 -2.12
CA ASP A 36 -8.15 4.63 -3.04
C ASP A 36 -7.07 3.83 -3.78
N PHE A 37 -6.62 2.68 -3.24
CA PHE A 37 -5.70 1.78 -3.91
C PHE A 37 -6.48 0.93 -4.92
N TYR A 38 -6.75 1.53 -6.07
CA TYR A 38 -7.37 0.88 -7.22
C TYR A 38 -6.74 -0.48 -7.54
N THR A 39 -5.42 -0.59 -7.40
CA THR A 39 -4.67 -1.78 -7.77
C THR A 39 -4.89 -2.89 -6.73
N ARG A 40 -5.59 -3.97 -7.12
CA ARG A 40 -5.94 -5.12 -6.28
C ARG A 40 -4.89 -5.55 -5.23
N PRO A 41 -3.63 -5.85 -5.59
CA PRO A 41 -2.63 -6.27 -4.61
C PRO A 41 -2.25 -5.12 -3.68
N HIS A 42 -2.11 -3.90 -4.20
CA HIS A 42 -1.83 -2.75 -3.36
C HIS A 42 -2.97 -2.57 -2.34
N ARG A 43 -4.22 -2.81 -2.75
CA ARG A 43 -5.35 -2.81 -1.82
C ARG A 43 -5.17 -3.90 -0.77
N HIS A 44 -4.86 -5.14 -1.17
CA HIS A 44 -4.64 -6.24 -0.24
C HIS A 44 -3.68 -5.88 0.87
N ILE A 45 -2.46 -5.43 0.54
CA ILE A 45 -1.49 -4.95 1.52
C ILE A 45 -2.14 -3.89 2.41
N PHE A 46 -2.66 -2.78 1.87
CA PHE A 46 -3.18 -1.70 2.70
C PHE A 46 -4.34 -2.17 3.59
N THR A 47 -5.18 -3.09 3.11
CA THR A 47 -6.27 -3.65 3.89
C THR A 47 -5.71 -4.42 5.09
N GLU A 48 -4.67 -5.24 4.87
CA GLU A 48 -4.14 -6.06 5.93
C GLU A 48 -3.31 -5.23 6.91
N MET A 49 -2.62 -4.18 6.43
CA MET A 49 -1.94 -3.22 7.28
C MET A 49 -2.96 -2.53 8.19
N ALA A 50 -4.06 -2.01 7.64
CA ALA A 50 -5.12 -1.39 8.42
C ALA A 50 -5.70 -2.38 9.43
N ARG A 51 -5.99 -3.61 9.01
CA ARG A 51 -6.50 -4.64 9.92
C ARG A 51 -5.50 -4.93 11.04
N LEU A 52 -4.21 -4.99 10.75
CA LEU A 52 -3.18 -5.24 11.75
C LEU A 52 -3.12 -4.08 12.72
N GLN A 53 -3.08 -2.85 12.23
CA GLN A 53 -3.01 -1.65 13.04
C GLN A 53 -4.24 -1.57 13.96
N GLU A 54 -5.41 -1.96 13.47
CA GLU A 54 -6.63 -2.06 14.24
C GLU A 54 -6.45 -3.02 15.42
N SER A 55 -5.76 -4.14 15.20
CA SER A 55 -5.42 -5.10 16.23
C SER A 55 -4.15 -4.70 16.99
N GLY A 56 -3.66 -3.46 16.81
CA GLY A 56 -2.50 -2.91 17.49
C GLY A 56 -1.22 -3.62 17.09
N SER A 57 -1.25 -4.29 15.94
CA SER A 57 -0.18 -5.17 15.51
C SER A 57 0.75 -4.39 14.56
N PRO A 58 2.04 -4.73 14.51
CA PRO A 58 2.97 -4.15 13.54
C PRO A 58 2.50 -4.38 12.10
N ILE A 59 3.07 -3.63 11.17
CA ILE A 59 2.79 -3.71 9.74
C ILE A 59 4.09 -4.03 8.97
N ASP A 60 5.06 -4.61 9.67
CA ASP A 60 6.35 -5.04 9.15
C ASP A 60 6.18 -6.19 8.17
N LEU A 61 7.24 -6.53 7.45
CA LEU A 61 7.23 -7.51 6.35
C LEU A 61 6.62 -8.83 6.81
N ILE A 62 7.26 -9.50 7.76
CA ILE A 62 6.87 -10.79 8.24
C ILE A 62 5.50 -10.73 8.91
N THR A 63 5.20 -9.67 9.63
CA THR A 63 3.91 -9.47 10.30
C THR A 63 2.78 -9.46 9.27
N LEU A 64 2.97 -8.68 8.21
CA LEU A 64 2.06 -8.53 7.09
C LEU A 64 1.89 -9.86 6.36
N ALA A 65 3.02 -10.50 6.05
CA ALA A 65 3.08 -11.77 5.35
C ALA A 65 2.33 -12.85 6.12
N GLU A 66 2.59 -12.96 7.42
CA GLU A 66 1.90 -13.84 8.34
C GLU A 66 0.40 -13.56 8.30
N SER A 67 0.02 -12.27 8.37
CA SER A 67 -1.38 -11.91 8.40
C SER A 67 -2.05 -12.36 7.10
N LEU A 68 -1.38 -12.16 5.96
CA LEU A 68 -1.90 -12.55 4.67
C LEU A 68 -2.01 -14.07 4.55
N GLU A 69 -1.05 -14.87 5.03
CA GLU A 69 -1.26 -16.33 5.05
C GLU A 69 -2.38 -16.71 6.03
N ARG A 70 -2.57 -16.03 7.15
CA ARG A 70 -3.72 -16.27 8.04
C ARG A 70 -5.02 -16.00 7.31
N GLN A 71 -5.08 -14.97 6.47
CA GLN A 71 -6.25 -14.71 5.63
C GLN A 71 -6.35 -15.71 4.46
N GLY A 72 -5.30 -16.47 4.15
CA GLY A 72 -5.24 -17.27 2.95
C GLY A 72 -5.28 -16.37 1.72
N GLN A 73 -4.60 -15.22 1.77
CA GLN A 73 -4.53 -14.20 0.73
C GLN A 73 -3.07 -13.85 0.38
N LEU A 74 -2.09 -14.62 0.85
CA LEU A 74 -0.68 -14.39 0.55
C LEU A 74 -0.40 -14.57 -0.95
N ASP A 75 -0.87 -15.67 -1.53
CA ASP A 75 -0.76 -15.87 -2.98
C ASP A 75 -1.50 -14.76 -3.72
N SER A 76 -2.60 -14.29 -3.14
CA SER A 76 -3.43 -13.23 -3.72
C SER A 76 -2.73 -11.88 -3.79
N VAL A 77 -1.56 -11.67 -3.17
CA VAL A 77 -0.76 -10.47 -3.41
C VAL A 77 0.39 -10.75 -4.37
N GLY A 78 0.76 -12.02 -4.57
CA GLY A 78 1.95 -12.43 -5.29
C GLY A 78 2.90 -13.25 -4.44
N GLY A 79 2.49 -13.66 -3.23
CA GLY A 79 3.33 -14.39 -2.28
C GLY A 79 4.06 -13.43 -1.35
N PHE A 80 4.82 -13.99 -0.40
CA PHE A 80 5.75 -13.24 0.44
C PHE A 80 6.72 -12.45 -0.45
N ALA A 81 7.06 -13.01 -1.62
CA ALA A 81 7.92 -12.41 -2.61
C ALA A 81 7.46 -11.00 -2.96
N TYR A 82 6.17 -10.80 -3.21
CA TYR A 82 5.67 -9.48 -3.60
C TYR A 82 5.84 -8.46 -2.48
N LEU A 83 5.78 -8.91 -1.23
CA LEU A 83 5.97 -8.06 -0.05
C LEU A 83 7.45 -7.70 0.05
N ALA A 84 8.35 -8.67 -0.12
CA ALA A 84 9.78 -8.43 -0.16
C ALA A 84 10.09 -7.40 -1.25
N GLU A 85 9.51 -7.58 -2.42
CA GLU A 85 9.70 -6.70 -3.57
C GLU A 85 9.19 -5.29 -3.24
N LEU A 86 7.98 -5.16 -2.70
CA LEU A 86 7.39 -3.89 -2.28
C LEU A 86 8.29 -3.16 -1.30
N SER A 87 8.72 -3.85 -0.24
CA SER A 87 9.60 -3.30 0.78
C SER A 87 10.92 -2.84 0.14
N LYS A 88 11.51 -3.62 -0.75
CA LYS A 88 12.72 -3.25 -1.47
C LYS A 88 12.47 -2.16 -2.51
N ASN A 89 11.21 -1.87 -2.84
CA ASN A 89 10.78 -0.77 -3.68
C ASN A 89 10.53 0.50 -2.89
N THR A 90 10.99 0.54 -1.65
CA THR A 90 11.04 1.75 -0.85
C THR A 90 12.24 2.56 -1.34
N PRO A 91 12.07 3.79 -1.85
CA PRO A 91 13.18 4.66 -2.23
C PRO A 91 13.71 5.38 -0.98
N SER A 92 14.00 4.63 0.10
CA SER A 92 14.29 5.16 1.43
C SER A 92 13.26 6.21 1.90
N ALA A 93 12.02 6.12 1.40
CA ALA A 93 10.92 7.05 1.65
C ALA A 93 11.28 8.52 1.37
N ALA A 94 12.28 8.79 0.51
CA ALA A 94 12.88 10.09 0.29
C ALA A 94 11.86 11.18 -0.09
N ASN A 95 10.72 10.80 -0.69
CA ASN A 95 9.57 11.67 -0.89
C ASN A 95 8.31 10.82 -0.90
N ILE A 96 8.13 10.03 0.17
CA ILE A 96 6.97 9.16 0.36
C ILE A 96 5.68 9.95 0.35
N SER A 97 5.71 11.08 1.07
CA SER A 97 4.62 12.05 1.11
C SER A 97 4.14 12.38 -0.30
N ALA A 98 5.08 12.68 -1.18
CA ALA A 98 4.81 13.09 -2.55
C ALA A 98 4.24 11.92 -3.38
N TYR A 99 4.66 10.68 -3.08
CA TYR A 99 4.07 9.50 -3.69
C TYR A 99 2.66 9.26 -3.15
N ALA A 100 2.40 9.43 -1.86
CA ALA A 100 1.07 9.33 -1.27
C ALA A 100 0.13 10.38 -1.90
N ASP A 101 0.64 11.60 -2.12
CA ASP A 101 -0.08 12.65 -2.83
C ASP A 101 -0.44 12.17 -4.23
N ILE A 102 0.47 11.48 -4.92
CA ILE A 102 0.24 10.91 -6.26
C ILE A 102 -0.86 9.84 -6.18
N VAL A 103 -0.82 8.90 -5.23
CA VAL A 103 -1.88 7.88 -5.09
C VAL A 103 -3.23 8.56 -4.90
N ARG A 104 -3.30 9.54 -3.98
CA ARG A 104 -4.52 10.30 -3.75
C ARG A 104 -4.94 11.06 -4.99
N GLU A 105 -4.00 11.63 -5.75
CA GLU A 105 -4.30 12.32 -6.99
C GLU A 105 -5.05 11.39 -7.92
N ARG A 106 -4.49 10.19 -8.14
CA ARG A 106 -5.15 9.25 -9.04
C ARG A 106 -6.48 8.79 -8.48
N ALA A 107 -6.65 8.75 -7.15
CA ALA A 107 -7.92 8.43 -6.53
C ALA A 107 -8.94 9.54 -6.81
N VAL A 108 -8.60 10.82 -6.69
CA VAL A 108 -9.50 11.92 -7.02
C VAL A 108 -9.82 11.88 -8.52
N VAL A 109 -8.83 11.57 -9.37
CA VAL A 109 -9.07 11.45 -10.81
C VAL A 109 -10.03 10.27 -11.06
N ARG A 110 -9.95 9.21 -10.24
CA ARG A 110 -10.86 8.06 -10.29
C ARG A 110 -12.28 8.47 -9.91
N GLU A 111 -12.43 9.38 -8.94
CA GLU A 111 -13.73 9.90 -8.54
C GLU A 111 -14.35 10.67 -9.70
N MET A 112 -13.53 11.43 -10.43
CA MET A 112 -13.90 12.21 -11.59
C MET A 112 -14.07 11.32 -12.84
N ILE A 113 -14.64 10.13 -12.70
CA ILE A 113 -15.07 9.26 -13.79
C ILE A 113 -16.60 9.29 -13.81
N SER A 114 -17.16 9.38 -15.01
CA SER A 114 -18.58 9.63 -15.24
C SER A 114 -18.99 10.85 -14.44
N MET A 1 -11.95 11.17 -24.73
CA MET A 1 -11.51 9.92 -24.12
C MET A 1 -10.71 10.23 -22.86
N LYS A 2 -10.98 9.50 -21.79
CA LYS A 2 -10.19 9.57 -20.57
C LYS A 2 -10.15 8.16 -19.98
N VAL A 3 -9.09 7.85 -19.28
CA VAL A 3 -8.89 6.60 -18.55
C VAL A 3 -8.15 7.00 -17.27
N PRO A 4 -8.38 6.32 -16.14
CA PRO A 4 -7.54 6.47 -14.96
C PRO A 4 -6.18 5.88 -15.32
N PRO A 5 -5.08 6.66 -15.29
CA PRO A 5 -3.76 6.10 -15.55
C PRO A 5 -3.29 5.21 -14.38
N HIS A 6 -3.93 5.35 -13.21
CA HIS A 6 -3.50 4.79 -11.93
C HIS A 6 -2.12 5.34 -11.56
N SER A 7 -1.54 4.78 -10.50
CA SER A 7 -0.34 5.31 -9.87
C SER A 7 0.56 4.16 -9.40
N ILE A 8 0.46 2.99 -10.04
CA ILE A 8 1.05 1.71 -9.60
C ILE A 8 2.41 1.88 -8.94
N GLU A 9 3.37 2.50 -9.60
CA GLU A 9 4.70 2.60 -9.02
C GLU A 9 4.75 3.49 -7.78
N ALA A 10 4.03 4.61 -7.78
CA ALA A 10 3.91 5.45 -6.60
C ALA A 10 3.18 4.71 -5.48
N GLU A 11 2.11 3.98 -5.81
CA GLU A 11 1.37 3.13 -4.90
C GLU A 11 2.31 2.09 -4.28
N GLN A 12 3.12 1.44 -5.11
CA GLN A 12 4.09 0.47 -4.66
C GLN A 12 5.04 1.14 -3.66
N SER A 13 5.57 2.32 -4.01
CA SER A 13 6.49 3.05 -3.16
C SER A 13 5.85 3.46 -1.84
N VAL A 14 4.59 3.90 -1.82
CA VAL A 14 3.90 4.20 -0.56
C VAL A 14 3.90 2.95 0.30
N LEU A 15 3.39 1.83 -0.22
CA LEU A 15 3.20 0.61 0.54
C LEU A 15 4.55 0.10 1.04
N GLY A 16 5.57 0.03 0.19
CA GLY A 16 6.92 -0.29 0.60
C GLY A 16 7.44 0.67 1.67
N GLY A 17 7.08 1.96 1.59
CA GLY A 17 7.45 2.96 2.57
C GLY A 17 6.82 2.74 3.93
N LEU A 18 5.64 2.10 3.97
CA LEU A 18 4.94 1.72 5.20
C LEU A 18 5.63 0.53 5.85
N MET A 19 5.98 -0.50 5.08
CA MET A 19 6.79 -1.62 5.56
C MET A 19 8.13 -1.10 6.09
N LEU A 20 8.67 -0.05 5.46
CA LEU A 20 9.88 0.63 5.88
C LEU A 20 9.67 1.29 7.23
N ASP A 21 8.74 2.23 7.33
CA ASP A 21 8.52 3.06 8.52
C ASP A 21 7.06 3.05 8.98
N ASN A 22 6.82 2.36 10.09
CA ASN A 22 5.50 2.24 10.72
C ASN A 22 4.88 3.61 10.97
N GLU A 23 5.68 4.63 11.31
CA GLU A 23 5.14 5.94 11.65
C GLU A 23 4.49 6.61 10.44
N ARG A 24 4.86 6.22 9.23
CA ARG A 24 4.24 6.76 8.03
C ARG A 24 2.89 6.14 7.75
N TRP A 25 2.48 5.09 8.45
CA TRP A 25 1.11 4.58 8.37
C TRP A 25 0.13 5.73 8.52
N ASP A 26 0.27 6.50 9.60
CA ASP A 26 -0.67 7.57 9.92
C ASP A 26 -0.63 8.69 8.90
N ASP A 27 0.55 8.93 8.35
CA ASP A 27 0.90 9.99 7.41
C ASP A 27 0.34 9.77 6.02
N VAL A 28 0.34 8.49 5.64
CA VAL A 28 -0.25 7.93 4.46
C VAL A 28 -1.74 7.81 4.68
N ALA A 29 -2.24 7.27 5.81
CA ALA A 29 -3.66 7.21 6.14
C ALA A 29 -4.29 8.61 6.22
N GLU A 30 -3.47 9.64 6.40
CA GLU A 30 -3.82 11.06 6.37
C GLU A 30 -3.97 11.61 4.95
N ARG A 31 -3.46 10.89 3.95
CA ARG A 31 -3.31 11.37 2.58
C ARG A 31 -3.95 10.41 1.59
N VAL A 32 -4.25 9.19 1.99
CA VAL A 32 -4.95 8.20 1.21
C VAL A 32 -5.62 7.21 2.18
N VAL A 33 -6.51 6.36 1.69
CA VAL A 33 -7.07 5.23 2.41
C VAL A 33 -7.08 4.03 1.46
N ALA A 34 -7.44 2.83 1.93
CA ALA A 34 -7.42 1.62 1.11
C ALA A 34 -8.27 1.74 -0.17
N ASP A 35 -9.27 2.63 -0.19
CA ASP A 35 -10.15 2.84 -1.33
C ASP A 35 -9.63 3.89 -2.31
N ASP A 36 -8.59 4.67 -1.98
CA ASP A 36 -7.90 5.52 -2.95
C ASP A 36 -7.15 4.60 -3.92
N PHE A 37 -6.59 3.53 -3.37
CA PHE A 37 -6.04 2.43 -4.14
C PHE A 37 -7.22 1.60 -4.70
N TYR A 38 -6.92 0.83 -5.73
CA TYR A 38 -7.86 0.04 -6.51
C TYR A 38 -7.23 -1.31 -6.87
N THR A 39 -5.93 -1.31 -7.08
CA THR A 39 -5.20 -2.41 -7.65
C THR A 39 -5.12 -3.50 -6.60
N ARG A 40 -5.70 -4.66 -6.91
CA ARG A 40 -5.95 -5.74 -5.96
C ARG A 40 -4.76 -6.07 -5.07
N PRO A 41 -3.54 -6.32 -5.56
CA PRO A 41 -2.42 -6.53 -4.66
C PRO A 41 -2.22 -5.26 -3.82
N HIS A 42 -2.03 -4.07 -4.39
CA HIS A 42 -1.74 -2.85 -3.62
C HIS A 42 -2.75 -2.62 -2.48
N ARG A 43 -4.05 -2.82 -2.75
CA ARG A 43 -5.12 -2.71 -1.77
C ARG A 43 -4.98 -3.69 -0.61
N HIS A 44 -4.49 -4.89 -0.87
CA HIS A 44 -4.32 -5.97 0.05
C HIS A 44 -3.47 -5.45 1.19
N ILE A 45 -2.29 -4.92 0.86
CA ILE A 45 -1.31 -4.42 1.83
C ILE A 45 -2.04 -3.45 2.75
N PHE A 46 -2.64 -2.40 2.19
CA PHE A 46 -3.33 -1.38 2.99
C PHE A 46 -4.39 -2.01 3.90
N THR A 47 -5.12 -3.01 3.42
CA THR A 47 -6.12 -3.72 4.19
C THR A 47 -5.50 -4.52 5.35
N GLU A 48 -4.48 -5.34 5.11
CA GLU A 48 -3.94 -6.15 6.19
C GLU A 48 -3.08 -5.31 7.15
N MET A 49 -2.48 -4.21 6.68
CA MET A 49 -1.85 -3.23 7.57
C MET A 49 -2.91 -2.63 8.48
N ALA A 50 -4.03 -2.17 7.92
CA ALA A 50 -5.15 -1.67 8.69
C ALA A 50 -5.63 -2.72 9.69
N ARG A 51 -5.79 -3.99 9.25
CA ARG A 51 -6.19 -5.07 10.15
C ARG A 51 -5.21 -5.22 11.31
N LEU A 52 -3.92 -5.29 11.01
CA LEU A 52 -2.92 -5.50 12.02
C LEU A 52 -2.91 -4.34 12.98
N GLN A 53 -2.84 -3.11 12.48
CA GLN A 53 -2.87 -1.93 13.32
C GLN A 53 -4.13 -1.93 14.17
N GLU A 54 -5.28 -2.19 13.57
CA GLU A 54 -6.53 -2.19 14.30
C GLU A 54 -6.52 -3.27 15.39
N SER A 55 -5.84 -4.39 15.16
CA SER A 55 -5.74 -5.43 16.17
C SER A 55 -4.61 -5.15 17.17
N GLY A 56 -3.84 -4.06 17.01
CA GLY A 56 -2.80 -3.64 17.93
C GLY A 56 -1.41 -4.15 17.52
N SER A 57 -1.22 -4.56 16.28
CA SER A 57 -0.03 -5.29 15.82
C SER A 57 0.76 -4.44 14.81
N PRO A 58 2.08 -4.60 14.71
CA PRO A 58 2.91 -3.79 13.82
C PRO A 58 2.54 -4.02 12.37
N ILE A 59 2.81 -3.03 11.53
CA ILE A 59 2.57 -3.12 10.10
C ILE A 59 3.87 -3.57 9.38
N ASP A 60 4.74 -4.29 10.09
CA ASP A 60 5.99 -4.82 9.54
C ASP A 60 5.73 -5.83 8.41
N LEU A 61 6.74 -6.07 7.59
CA LEU A 61 6.74 -6.99 6.45
C LEU A 61 6.35 -8.38 6.92
N ILE A 62 7.10 -8.91 7.90
CA ILE A 62 6.96 -10.27 8.34
C ILE A 62 5.58 -10.45 8.99
N THR A 63 5.15 -9.45 9.77
CA THR A 63 3.85 -9.45 10.40
C THR A 63 2.78 -9.60 9.34
N LEU A 64 2.80 -8.71 8.35
CA LEU A 64 1.85 -8.67 7.24
C LEU A 64 1.80 -9.99 6.50
N ALA A 65 2.96 -10.51 6.08
CA ALA A 65 3.04 -11.76 5.34
C ALA A 65 2.34 -12.88 6.10
N GLU A 66 2.77 -13.11 7.34
CA GLU A 66 2.21 -14.14 8.20
C GLU A 66 0.75 -13.86 8.57
N SER A 67 0.31 -12.61 8.55
CA SER A 67 -1.09 -12.26 8.72
C SER A 67 -1.89 -12.68 7.48
N LEU A 68 -1.38 -12.42 6.28
CA LEU A 68 -2.04 -12.67 5.02
C LEU A 68 -2.21 -14.16 4.78
N GLU A 69 -1.23 -14.99 5.15
CA GLU A 69 -1.39 -16.43 5.04
C GLU A 69 -2.46 -16.96 6.00
N ARG A 70 -2.65 -16.36 7.19
CA ARG A 70 -3.80 -16.70 8.03
C ARG A 70 -5.11 -16.28 7.35
N GLN A 71 -5.11 -15.19 6.57
CA GLN A 71 -6.26 -14.82 5.75
C GLN A 71 -6.39 -15.74 4.52
N GLY A 72 -5.39 -16.58 4.21
CA GLY A 72 -5.34 -17.34 2.97
C GLY A 72 -5.22 -16.42 1.74
N GLN A 73 -4.80 -15.17 1.91
CA GLN A 73 -4.66 -14.19 0.84
C GLN A 73 -3.23 -14.12 0.31
N LEU A 74 -2.22 -14.58 1.07
CA LEU A 74 -0.81 -14.35 0.74
C LEU A 74 -0.46 -14.88 -0.64
N ASP A 75 -0.90 -16.08 -1.00
CA ASP A 75 -0.68 -16.60 -2.34
C ASP A 75 -1.40 -15.72 -3.36
N SER A 76 -2.68 -15.42 -3.13
CA SER A 76 -3.54 -14.71 -4.06
C SER A 76 -2.97 -13.35 -4.49
N VAL A 77 -2.23 -12.67 -3.60
CA VAL A 77 -1.68 -11.34 -3.84
C VAL A 77 -0.35 -11.35 -4.58
N GLY A 78 0.28 -12.52 -4.74
CA GLY A 78 1.59 -12.67 -5.36
C GLY A 78 2.65 -13.29 -4.44
N GLY A 79 2.29 -13.72 -3.23
CA GLY A 79 3.18 -14.39 -2.30
C GLY A 79 4.10 -13.42 -1.57
N PHE A 80 4.92 -13.97 -0.66
CA PHE A 80 5.87 -13.19 0.14
C PHE A 80 6.81 -12.39 -0.78
N ALA A 81 7.21 -12.94 -1.93
CA ALA A 81 8.10 -12.26 -2.86
C ALA A 81 7.57 -10.88 -3.26
N TYR A 82 6.25 -10.73 -3.49
CA TYR A 82 5.66 -9.45 -3.85
C TYR A 82 5.81 -8.44 -2.71
N LEU A 83 5.72 -8.90 -1.45
CA LEU A 83 5.93 -8.04 -0.29
C LEU A 83 7.39 -7.62 -0.21
N ALA A 84 8.31 -8.60 -0.33
CA ALA A 84 9.74 -8.33 -0.30
C ALA A 84 10.13 -7.37 -1.44
N GLU A 85 9.45 -7.46 -2.58
CA GLU A 85 9.61 -6.58 -3.73
C GLU A 85 9.19 -5.16 -3.35
N LEU A 86 8.00 -4.97 -2.80
CA LEU A 86 7.53 -3.67 -2.34
C LEU A 86 8.51 -3.04 -1.36
N SER A 87 9.02 -3.83 -0.40
CA SER A 87 10.02 -3.39 0.58
C SER A 87 11.29 -2.83 -0.11
N LYS A 88 11.57 -3.23 -1.35
CA LYS A 88 12.72 -2.79 -2.13
C LYS A 88 12.38 -1.66 -3.10
N ASN A 89 11.11 -1.24 -3.20
CA ASN A 89 10.66 -0.32 -4.26
C ASN A 89 10.40 1.09 -3.69
N THR A 90 11.00 1.42 -2.56
CA THR A 90 10.89 2.72 -1.91
C THR A 90 12.25 3.16 -1.36
N PRO A 91 12.74 4.37 -1.68
CA PRO A 91 14.01 4.89 -1.18
C PRO A 91 13.87 5.41 0.26
N SER A 92 13.55 4.53 1.22
CA SER A 92 13.17 4.89 2.59
C SER A 92 11.90 5.77 2.57
N ALA A 93 11.48 6.32 3.71
CA ALA A 93 10.37 7.26 3.82
C ALA A 93 10.63 8.62 3.12
N ALA A 94 11.67 8.73 2.29
CA ALA A 94 11.99 9.91 1.50
C ALA A 94 10.78 10.23 0.62
N ASN A 95 10.15 11.37 0.89
CA ASN A 95 9.00 11.89 0.17
C ASN A 95 7.86 10.87 0.02
N ILE A 96 7.65 9.98 1.00
CA ILE A 96 6.48 9.08 1.02
C ILE A 96 5.19 9.88 0.84
N SER A 97 5.16 11.04 1.48
CA SER A 97 4.09 12.02 1.41
C SER A 97 3.83 12.50 -0.02
N ALA A 98 4.87 12.61 -0.85
CA ALA A 98 4.75 12.96 -2.26
C ALA A 98 4.26 11.77 -3.08
N TYR A 99 4.72 10.55 -2.78
CA TYR A 99 4.24 9.38 -3.47
C TYR A 99 2.73 9.22 -3.18
N ALA A 100 2.29 9.42 -1.92
CA ALA A 100 0.87 9.40 -1.54
C ALA A 100 0.07 10.50 -2.26
N ASP A 101 0.67 11.67 -2.48
CA ASP A 101 0.04 12.78 -3.21
C ASP A 101 -0.32 12.36 -4.63
N ILE A 102 0.54 11.57 -5.28
CA ILE A 102 0.23 10.97 -6.57
C ILE A 102 -1.00 10.08 -6.41
N VAL A 103 -0.98 9.12 -5.47
CA VAL A 103 -2.05 8.14 -5.31
C VAL A 103 -3.40 8.83 -5.10
N ARG A 104 -3.46 9.85 -4.23
CA ARG A 104 -4.67 10.64 -4.02
C ARG A 104 -5.10 11.27 -5.34
N GLU A 105 -4.24 12.02 -6.01
CA GLU A 105 -4.61 12.77 -7.22
C GLU A 105 -5.04 11.83 -8.35
N ARG A 106 -4.46 10.64 -8.40
CA ARG A 106 -4.83 9.61 -9.38
C ARG A 106 -6.16 8.95 -9.00
N ALA A 107 -6.46 8.78 -7.70
CA ALA A 107 -7.80 8.38 -7.28
C ALA A 107 -8.82 9.45 -7.68
N VAL A 108 -8.48 10.73 -7.50
CA VAL A 108 -9.31 11.86 -7.89
C VAL A 108 -9.56 11.88 -9.41
N VAL A 109 -8.56 11.57 -10.23
CA VAL A 109 -8.77 11.42 -11.67
C VAL A 109 -9.70 10.23 -11.92
N ARG A 110 -9.52 9.12 -11.20
CA ARG A 110 -10.34 7.93 -11.35
C ARG A 110 -11.80 8.11 -10.95
N GLU A 111 -12.08 8.91 -9.94
CA GLU A 111 -13.45 9.14 -9.49
C GLU A 111 -14.16 10.07 -10.48
N MET A 112 -13.45 11.06 -11.05
CA MET A 112 -14.07 12.07 -11.91
C MET A 112 -14.39 11.59 -13.33
N ILE A 113 -14.15 10.31 -13.66
CA ILE A 113 -14.36 9.77 -15.02
C ILE A 113 -15.84 9.83 -15.42
N SER A 114 -16.78 9.99 -14.49
CA SER A 114 -18.21 10.12 -14.75
C SER A 114 -18.53 11.49 -15.34
N MET A 1 -8.39 4.88 -23.96
CA MET A 1 -8.43 3.41 -23.91
C MET A 1 -7.00 2.89 -23.79
N LYS A 2 -6.25 3.38 -22.81
CA LYS A 2 -4.85 3.07 -22.55
C LYS A 2 -4.74 2.71 -21.08
N VAL A 3 -3.55 2.46 -20.56
CA VAL A 3 -3.38 2.17 -19.14
C VAL A 3 -3.91 3.39 -18.37
N PRO A 4 -4.76 3.21 -17.33
CA PRO A 4 -5.33 4.32 -16.60
C PRO A 4 -4.22 5.05 -15.81
N PRO A 5 -4.45 6.29 -15.34
CA PRO A 5 -3.42 7.16 -14.79
C PRO A 5 -2.93 6.77 -13.38
N HIS A 6 -3.27 5.56 -12.90
CA HIS A 6 -2.85 5.08 -11.60
C HIS A 6 -1.32 4.90 -11.52
N SER A 7 -0.69 5.52 -10.52
CA SER A 7 0.74 5.48 -10.29
C SER A 7 1.09 4.19 -9.53
N ILE A 8 0.96 3.05 -10.22
CA ILE A 8 1.18 1.71 -9.68
C ILE A 8 2.51 1.64 -8.95
N GLU A 9 3.63 2.06 -9.54
CA GLU A 9 4.90 2.00 -8.82
C GLU A 9 4.99 2.93 -7.61
N ALA A 10 4.36 4.10 -7.65
CA ALA A 10 4.26 4.95 -6.47
C ALA A 10 3.47 4.23 -5.38
N GLU A 11 2.35 3.58 -5.73
CA GLU A 11 1.55 2.75 -4.82
C GLU A 11 2.42 1.64 -4.21
N GLN A 12 3.23 0.96 -5.02
CA GLN A 12 4.19 -0.06 -4.56
C GLN A 12 5.10 0.56 -3.51
N SER A 13 5.75 1.68 -3.83
CA SER A 13 6.74 2.31 -2.98
C SER A 13 6.13 2.97 -1.73
N VAL A 14 4.86 3.38 -1.72
CA VAL A 14 4.19 3.85 -0.50
C VAL A 14 4.01 2.65 0.43
N LEU A 15 3.33 1.61 -0.02
CA LEU A 15 3.01 0.45 0.82
C LEU A 15 4.28 -0.29 1.22
N GLY A 16 5.31 -0.27 0.37
CA GLY A 16 6.66 -0.73 0.67
C GLY A 16 7.31 0.18 1.72
N GLY A 17 7.18 1.48 1.54
CA GLY A 17 7.61 2.53 2.46
C GLY A 17 7.08 2.27 3.86
N LEU A 18 5.83 1.85 4.01
CA LEU A 18 5.22 1.58 5.31
C LEU A 18 5.89 0.42 6.03
N MET A 19 6.40 -0.58 5.30
CA MET A 19 7.23 -1.63 5.85
C MET A 19 8.54 -1.05 6.43
N LEU A 20 8.98 0.11 5.93
CA LEU A 20 10.26 0.76 6.21
C LEU A 20 10.09 1.93 7.21
N ASP A 21 8.86 2.37 7.49
CA ASP A 21 8.53 3.39 8.48
C ASP A 21 7.04 3.27 8.81
N ASN A 22 6.77 2.62 9.95
CA ASN A 22 5.41 2.30 10.40
C ASN A 22 4.64 3.57 10.78
N GLU A 23 5.32 4.62 11.24
CA GLU A 23 4.73 5.87 11.72
C GLU A 23 4.11 6.69 10.61
N ARG A 24 4.53 6.47 9.37
CA ARG A 24 3.87 7.09 8.23
C ARG A 24 2.51 6.45 7.96
N TRP A 25 2.11 5.39 8.69
CA TRP A 25 0.76 4.83 8.58
C TRP A 25 -0.26 5.96 8.66
N ASP A 26 -0.18 6.76 9.72
CA ASP A 26 -1.17 7.84 9.93
C ASP A 26 -1.09 8.88 8.83
N ASP A 27 0.06 9.02 8.19
CA ASP A 27 0.28 10.05 7.20
C ASP A 27 -0.38 9.65 5.90
N VAL A 28 -0.10 8.42 5.47
CA VAL A 28 -0.67 7.77 4.31
C VAL A 28 -2.19 7.60 4.53
N ALA A 29 -2.64 7.12 5.68
CA ALA A 29 -4.06 6.99 6.01
C ALA A 29 -4.77 8.34 6.11
N GLU A 30 -4.05 9.46 6.16
CA GLU A 30 -4.55 10.81 6.04
C GLU A 30 -4.38 11.40 4.63
N ARG A 31 -3.86 10.63 3.67
CA ARG A 31 -3.86 10.97 2.25
C ARG A 31 -4.86 10.11 1.49
N VAL A 32 -4.96 8.83 1.84
CA VAL A 32 -5.69 7.86 1.03
C VAL A 32 -6.47 6.84 1.85
N VAL A 33 -7.27 6.02 1.16
CA VAL A 33 -7.93 4.82 1.68
C VAL A 33 -7.40 3.63 0.88
N ALA A 34 -7.77 2.39 1.27
CA ALA A 34 -7.39 1.21 0.52
C ALA A 34 -7.84 1.29 -0.93
N ASP A 35 -9.11 1.65 -1.16
CA ASP A 35 -9.74 1.52 -2.48
C ASP A 35 -9.11 2.39 -3.58
N ASP A 36 -8.41 3.43 -3.19
CA ASP A 36 -7.64 4.32 -4.07
C ASP A 36 -6.58 3.53 -4.83
N PHE A 37 -5.95 2.56 -4.15
CA PHE A 37 -4.98 1.63 -4.70
C PHE A 37 -5.76 0.60 -5.53
N TYR A 38 -5.57 0.66 -6.85
CA TYR A 38 -6.41 -0.08 -7.78
C TYR A 38 -6.15 -1.60 -7.77
N THR A 39 -4.88 -2.00 -7.64
CA THR A 39 -4.50 -3.40 -7.85
C THR A 39 -4.95 -4.25 -6.67
N ARG A 40 -5.16 -5.55 -6.88
CA ARG A 40 -5.42 -6.45 -5.74
C ARG A 40 -4.26 -6.40 -4.75
N PRO A 41 -2.99 -6.66 -5.11
CA PRO A 41 -1.93 -6.69 -4.11
C PRO A 41 -1.83 -5.39 -3.32
N HIS A 42 -1.88 -4.24 -3.99
CA HIS A 42 -1.72 -2.97 -3.29
C HIS A 42 -2.89 -2.78 -2.31
N ARG A 43 -4.13 -3.03 -2.74
CA ARG A 43 -5.29 -2.94 -1.87
C ARG A 43 -5.23 -3.91 -0.70
N HIS A 44 -4.90 -5.16 -0.99
CA HIS A 44 -4.71 -6.20 0.02
C HIS A 44 -3.73 -5.72 1.08
N ILE A 45 -2.56 -5.23 0.68
CA ILE A 45 -1.54 -4.77 1.62
C ILE A 45 -2.10 -3.61 2.45
N PHE A 46 -2.78 -2.62 1.84
CA PHE A 46 -3.41 -1.55 2.63
C PHE A 46 -4.36 -2.15 3.66
N THR A 47 -5.25 -3.04 3.23
CA THR A 47 -6.29 -3.62 4.06
C THR A 47 -5.67 -4.43 5.20
N GLU A 48 -4.57 -5.14 4.93
CA GLU A 48 -3.84 -5.90 5.93
C GLU A 48 -3.17 -4.95 6.92
N MET A 49 -2.42 -3.97 6.45
CA MET A 49 -1.74 -2.99 7.29
C MET A 49 -2.76 -2.29 8.19
N ALA A 50 -3.89 -1.87 7.62
CA ALA A 50 -4.99 -1.30 8.34
C ALA A 50 -5.49 -2.27 9.41
N ARG A 51 -5.75 -3.54 9.07
CA ARG A 51 -6.25 -4.52 10.02
C ARG A 51 -5.21 -4.86 11.10
N LEU A 52 -3.91 -4.85 10.79
CA LEU A 52 -2.83 -5.05 11.75
C LEU A 52 -2.80 -3.92 12.74
N GLN A 53 -2.80 -2.67 12.26
CA GLN A 53 -2.83 -1.49 13.11
C GLN A 53 -4.10 -1.47 13.96
N GLU A 54 -5.23 -1.89 13.38
CA GLU A 54 -6.49 -2.08 14.09
C GLU A 54 -6.33 -3.11 15.22
N SER A 55 -5.58 -4.17 14.97
CA SER A 55 -5.18 -5.21 15.92
C SER A 55 -3.94 -4.81 16.74
N GLY A 56 -3.56 -3.52 16.73
CA GLY A 56 -2.55 -2.97 17.61
C GLY A 56 -1.18 -3.56 17.32
N SER A 57 -0.97 -4.03 16.10
CA SER A 57 0.18 -4.83 15.70
C SER A 57 0.95 -4.14 14.57
N PRO A 58 2.27 -4.41 14.42
CA PRO A 58 3.10 -3.74 13.44
C PRO A 58 2.75 -4.10 12.00
N ILE A 59 3.23 -3.28 11.09
CA ILE A 59 3.08 -3.43 9.65
C ILE A 59 4.44 -3.79 9.01
N ASP A 60 5.33 -4.38 9.81
CA ASP A 60 6.61 -4.96 9.38
C ASP A 60 6.42 -6.13 8.42
N LEU A 61 7.35 -6.33 7.48
CA LEU A 61 7.28 -7.26 6.34
C LEU A 61 6.77 -8.63 6.77
N ILE A 62 7.45 -9.25 7.73
CA ILE A 62 7.19 -10.58 8.18
C ILE A 62 5.80 -10.66 8.81
N THR A 63 5.49 -9.74 9.71
CA THR A 63 4.20 -9.66 10.37
C THR A 63 3.09 -9.55 9.33
N LEU A 64 3.27 -8.71 8.32
CA LEU A 64 2.36 -8.48 7.22
C LEU A 64 2.11 -9.74 6.42
N ALA A 65 3.19 -10.37 5.95
CA ALA A 65 3.14 -11.58 5.15
C ALA A 65 2.34 -12.68 5.88
N GLU A 66 2.71 -12.93 7.13
CA GLU A 66 2.09 -13.93 7.97
C GLU A 66 0.62 -13.58 8.21
N SER A 67 0.31 -12.30 8.37
CA SER A 67 -1.05 -11.85 8.62
C SER A 67 -1.93 -12.11 7.40
N LEU A 68 -1.41 -11.83 6.19
CA LEU A 68 -2.08 -12.12 4.94
C LEU A 68 -2.32 -13.61 4.78
N GLU A 69 -1.41 -14.48 5.22
CA GLU A 69 -1.60 -15.91 5.20
C GLU A 69 -2.72 -16.34 6.15
N ARG A 70 -2.75 -15.80 7.37
CA ARG A 70 -3.87 -16.03 8.28
C ARG A 70 -5.17 -15.58 7.62
N GLN A 71 -5.14 -14.45 6.90
CA GLN A 71 -6.29 -13.96 6.13
C GLN A 71 -6.54 -14.76 4.83
N GLY A 72 -5.66 -15.69 4.42
CA GLY A 72 -5.91 -16.53 3.25
C GLY A 72 -5.73 -15.78 1.94
N GLN A 73 -4.92 -14.72 1.95
CA GLN A 73 -4.78 -13.74 0.88
C GLN A 73 -3.32 -13.46 0.53
N LEU A 74 -2.35 -14.15 1.16
CA LEU A 74 -0.93 -13.99 0.83
C LEU A 74 -0.66 -14.36 -0.64
N ASP A 75 -1.29 -15.43 -1.12
CA ASP A 75 -1.20 -15.86 -2.51
C ASP A 75 -1.80 -14.79 -3.43
N SER A 76 -2.90 -14.18 -2.97
CA SER A 76 -3.62 -13.09 -3.61
C SER A 76 -2.85 -11.76 -3.61
N VAL A 77 -1.62 -11.72 -3.08
CA VAL A 77 -0.71 -10.59 -3.23
C VAL A 77 0.58 -11.00 -3.95
N GLY A 78 0.83 -12.29 -4.14
CA GLY A 78 2.03 -12.81 -4.80
C GLY A 78 3.03 -13.47 -3.87
N GLY A 79 2.67 -13.76 -2.62
CA GLY A 79 3.54 -14.44 -1.68
C GLY A 79 4.40 -13.45 -0.89
N PHE A 80 5.12 -13.98 0.10
CA PHE A 80 6.16 -13.24 0.83
C PHE A 80 7.15 -12.65 -0.17
N ALA A 81 7.50 -13.40 -1.22
CA ALA A 81 8.46 -12.95 -2.22
C ALA A 81 8.02 -11.67 -2.93
N TYR A 82 6.71 -11.48 -3.17
CA TYR A 82 6.24 -10.22 -3.76
C TYR A 82 6.25 -9.11 -2.72
N LEU A 83 5.96 -9.40 -1.45
CA LEU A 83 6.09 -8.39 -0.40
C LEU A 83 7.54 -7.94 -0.29
N ALA A 84 8.49 -8.88 -0.35
CA ALA A 84 9.91 -8.60 -0.35
C ALA A 84 10.30 -7.76 -1.57
N GLU A 85 9.79 -8.10 -2.76
CA GLU A 85 9.99 -7.38 -4.02
C GLU A 85 9.57 -5.92 -3.84
N LEU A 86 8.37 -5.70 -3.33
CA LEU A 86 7.82 -4.37 -3.07
C LEU A 86 8.70 -3.62 -2.07
N SER A 87 9.11 -4.28 -0.99
CA SER A 87 9.98 -3.69 0.02
C SER A 87 11.32 -3.29 -0.57
N LYS A 88 11.85 -4.04 -1.54
CA LYS A 88 13.09 -3.70 -2.25
C LYS A 88 12.86 -2.59 -3.28
N ASN A 89 11.62 -2.38 -3.71
CA ASN A 89 11.15 -1.27 -4.55
C ASN A 89 10.73 -0.07 -3.70
N THR A 90 11.47 0.21 -2.62
CA THR A 90 11.15 1.25 -1.66
C THR A 90 12.31 2.25 -1.56
N PRO A 91 12.17 3.47 -2.12
CA PRO A 91 13.11 4.57 -1.95
C PRO A 91 12.93 5.23 -0.57
N SER A 92 13.13 4.43 0.49
CA SER A 92 12.79 4.77 1.86
C SER A 92 11.33 5.24 1.96
N ALA A 93 11.00 5.99 3.02
CA ALA A 93 9.74 6.72 3.18
C ALA A 93 9.97 8.22 2.92
N ALA A 94 11.06 8.56 2.23
CA ALA A 94 11.51 9.92 2.02
C ALA A 94 10.60 10.64 1.03
N ASN A 95 9.75 11.53 1.55
CA ASN A 95 8.69 12.25 0.84
C ASN A 95 7.51 11.35 0.50
N ILE A 96 7.32 10.23 1.21
CA ILE A 96 6.22 9.28 1.02
C ILE A 96 4.87 9.97 1.01
N SER A 97 4.72 10.96 1.86
CA SER A 97 3.52 11.78 1.95
C SER A 97 3.13 12.33 0.58
N ALA A 98 4.11 12.78 -0.18
CA ALA A 98 3.95 13.29 -1.53
C ALA A 98 3.74 12.19 -2.57
N TYR A 99 4.21 10.96 -2.34
CA TYR A 99 3.85 9.81 -3.17
C TYR A 99 2.37 9.52 -2.94
N ALA A 100 1.94 9.43 -1.67
CA ALA A 100 0.57 9.17 -1.32
C ALA A 100 -0.36 10.29 -1.79
N ASP A 101 0.16 11.51 -1.91
CA ASP A 101 -0.53 12.66 -2.50
C ASP A 101 -0.83 12.43 -3.98
N ILE A 102 0.06 11.77 -4.71
CA ILE A 102 -0.21 11.35 -6.10
C ILE A 102 -1.28 10.26 -6.10
N VAL A 103 -1.21 9.28 -5.21
CA VAL A 103 -2.24 8.24 -5.15
C VAL A 103 -3.60 8.90 -4.86
N ARG A 104 -3.65 9.84 -3.90
CA ARG A 104 -4.81 10.69 -3.67
C ARG A 104 -5.23 11.40 -4.95
N GLU A 105 -4.31 12.13 -5.61
CA GLU A 105 -4.59 12.94 -6.78
C GLU A 105 -5.32 12.13 -7.83
N ARG A 106 -4.72 11.00 -8.20
CA ARG A 106 -5.31 10.18 -9.25
C ARG A 106 -6.63 9.57 -8.79
N ALA A 107 -6.89 9.40 -7.50
CA ALA A 107 -8.20 8.97 -7.00
C ALA A 107 -9.21 10.12 -7.04
N VAL A 108 -8.79 11.36 -6.78
CA VAL A 108 -9.60 12.56 -6.97
C VAL A 108 -9.99 12.67 -8.44
N VAL A 109 -9.01 12.65 -9.35
CA VAL A 109 -9.29 12.77 -10.78
C VAL A 109 -10.08 11.55 -11.28
N ARG A 110 -9.94 10.37 -10.66
CA ARG A 110 -10.75 9.20 -10.97
C ARG A 110 -12.22 9.49 -10.72
N GLU A 111 -12.56 9.93 -9.52
CA GLU A 111 -13.96 10.19 -9.16
C GLU A 111 -14.52 11.41 -9.89
N MET A 112 -13.64 12.31 -10.33
CA MET A 112 -13.96 13.42 -11.22
C MET A 112 -14.01 13.00 -12.71
N ILE A 113 -13.79 11.73 -13.04
CA ILE A 113 -13.91 11.14 -14.38
C ILE A 113 -13.08 11.95 -15.40
N SER A 114 -11.83 12.29 -15.05
CA SER A 114 -10.93 13.13 -15.83
C SER A 114 -11.58 14.46 -16.21
N MET A 1 -8.63 10.02 -26.76
CA MET A 1 -8.24 8.83 -26.01
C MET A 1 -8.09 9.22 -24.54
N LYS A 2 -8.52 8.35 -23.62
CA LYS A 2 -8.15 8.49 -22.22
C LYS A 2 -7.78 7.15 -21.62
N VAL A 3 -6.48 6.94 -21.44
CA VAL A 3 -5.91 5.85 -20.69
C VAL A 3 -5.73 6.40 -19.27
N PRO A 4 -6.20 5.71 -18.21
CA PRO A 4 -5.86 6.12 -16.85
C PRO A 4 -4.35 5.94 -16.64
N PRO A 5 -3.64 6.91 -16.03
CA PRO A 5 -2.20 6.82 -15.86
C PRO A 5 -1.82 5.73 -14.86
N HIS A 6 -2.71 5.42 -13.90
CA HIS A 6 -2.48 4.60 -12.72
C HIS A 6 -1.22 5.04 -11.95
N SER A 7 -0.96 4.43 -10.80
CA SER A 7 0.07 4.89 -9.87
C SER A 7 0.69 3.72 -9.11
N ILE A 8 0.74 2.53 -9.73
CA ILE A 8 1.29 1.28 -9.19
C ILE A 8 2.53 1.56 -8.36
N GLU A 9 3.59 2.08 -8.97
CA GLU A 9 4.87 2.24 -8.30
C GLU A 9 4.85 3.27 -7.17
N ALA A 10 4.06 4.32 -7.30
CA ALA A 10 3.78 5.25 -6.20
C ALA A 10 3.05 4.53 -5.06
N GLU A 11 2.01 3.76 -5.37
CA GLU A 11 1.30 2.88 -4.45
C GLU A 11 2.32 1.96 -3.76
N GLN A 12 3.24 1.33 -4.51
CA GLN A 12 4.27 0.47 -3.97
C GLN A 12 5.18 1.25 -3.02
N SER A 13 5.58 2.46 -3.40
CA SER A 13 6.45 3.34 -2.62
C SER A 13 5.79 3.72 -1.30
N VAL A 14 4.46 3.91 -1.29
CA VAL A 14 3.69 4.09 -0.08
C VAL A 14 3.75 2.81 0.76
N LEU A 15 3.38 1.66 0.19
CA LEU A 15 3.30 0.41 0.94
C LEU A 15 4.65 0.06 1.56
N GLY A 16 5.73 0.08 0.78
CA GLY A 16 7.05 -0.14 1.33
C GLY A 16 7.41 0.94 2.33
N GLY A 17 7.00 2.20 2.11
CA GLY A 17 7.21 3.27 3.07
C GLY A 17 6.62 2.92 4.44
N LEU A 18 5.40 2.36 4.46
CA LEU A 18 4.75 1.87 5.67
C LEU A 18 5.54 0.73 6.30
N MET A 19 6.04 -0.19 5.47
CA MET A 19 6.82 -1.34 5.94
C MET A 19 8.18 -0.90 6.50
N LEU A 20 8.72 0.25 6.06
CA LEU A 20 10.01 0.79 6.50
C LEU A 20 9.87 1.71 7.71
N ASP A 21 8.75 2.42 7.85
CA ASP A 21 8.43 3.22 9.03
C ASP A 21 6.93 3.16 9.27
N ASN A 22 6.55 2.33 10.24
CA ASN A 22 5.16 2.05 10.58
C ASN A 22 4.39 3.31 10.89
N GLU A 23 5.06 4.32 11.48
CA GLU A 23 4.42 5.54 11.93
C GLU A 23 3.86 6.35 10.76
N ARG A 24 4.29 6.05 9.52
CA ARG A 24 3.80 6.72 8.32
C ARG A 24 2.41 6.23 8.00
N TRP A 25 1.89 5.19 8.66
CA TRP A 25 0.50 4.79 8.58
C TRP A 25 -0.40 6.00 8.68
N ASP A 26 -0.17 6.87 9.66
CA ASP A 26 -1.06 8.00 9.86
C ASP A 26 -1.03 8.97 8.70
N ASP A 27 0.14 9.29 8.14
CA ASP A 27 0.21 10.34 7.13
C ASP A 27 -0.26 9.84 5.79
N VAL A 28 -0.01 8.56 5.55
CA VAL A 28 -0.54 7.84 4.43
C VAL A 28 -2.06 7.77 4.60
N ALA A 29 -2.61 7.36 5.74
CA ALA A 29 -4.06 7.30 5.95
C ALA A 29 -4.72 8.68 5.92
N GLU A 30 -3.95 9.74 6.16
CA GLU A 30 -4.37 11.11 6.01
C GLU A 30 -4.39 11.53 4.54
N ARG A 31 -3.64 10.84 3.67
CA ARG A 31 -3.60 11.10 2.24
C ARG A 31 -4.60 10.22 1.53
N VAL A 32 -4.61 8.93 1.85
CA VAL A 32 -5.32 7.92 1.10
C VAL A 32 -6.07 6.98 2.01
N VAL A 33 -7.04 6.30 1.43
CA VAL A 33 -7.73 5.18 2.04
C VAL A 33 -7.44 3.99 1.13
N ALA A 34 -7.78 2.76 1.56
CA ALA A 34 -7.54 1.56 0.77
C ALA A 34 -8.10 1.73 -0.64
N ASP A 35 -9.25 2.37 -0.77
CA ASP A 35 -9.98 2.51 -2.03
C ASP A 35 -9.28 3.36 -3.08
N ASP A 36 -8.32 4.22 -2.67
CA ASP A 36 -7.56 5.07 -3.58
C ASP A 36 -6.58 4.22 -4.39
N PHE A 37 -6.06 3.13 -3.81
CA PHE A 37 -5.18 2.19 -4.47
C PHE A 37 -5.97 1.45 -5.54
N TYR A 38 -5.56 1.54 -6.80
CA TYR A 38 -6.23 0.84 -7.88
C TYR A 38 -5.94 -0.66 -7.83
N THR A 39 -4.72 -1.01 -7.46
CA THR A 39 -4.20 -2.36 -7.57
C THR A 39 -4.80 -3.28 -6.52
N ARG A 40 -5.52 -4.33 -6.93
CA ARG A 40 -6.05 -5.36 -6.02
C ARG A 40 -5.02 -5.87 -5.01
N PRO A 41 -3.81 -6.33 -5.41
CA PRO A 41 -2.82 -6.76 -4.43
C PRO A 41 -2.45 -5.60 -3.49
N HIS A 42 -2.23 -4.39 -3.98
CA HIS A 42 -1.91 -3.27 -3.11
C HIS A 42 -3.03 -3.03 -2.09
N ARG A 43 -4.30 -3.18 -2.48
CA ARG A 43 -5.43 -3.11 -1.54
C ARG A 43 -5.39 -4.24 -0.52
N HIS A 44 -5.14 -5.48 -0.93
CA HIS A 44 -4.92 -6.59 -0.02
C HIS A 44 -3.89 -6.24 1.05
N ILE A 45 -2.66 -5.84 0.67
CA ILE A 45 -1.67 -5.35 1.61
C ILE A 45 -2.30 -4.28 2.52
N PHE A 46 -2.82 -3.19 1.96
CA PHE A 46 -3.30 -2.06 2.75
C PHE A 46 -4.39 -2.48 3.75
N THR A 47 -5.30 -3.37 3.35
CA THR A 47 -6.37 -3.88 4.18
C THR A 47 -5.83 -4.69 5.36
N GLU A 48 -4.78 -5.47 5.13
CA GLU A 48 -4.18 -6.25 6.20
C GLU A 48 -3.26 -5.38 7.06
N MET A 49 -2.63 -4.34 6.50
CA MET A 49 -1.92 -3.33 7.27
C MET A 49 -2.90 -2.64 8.22
N ALA A 50 -4.04 -2.18 7.71
CA ALA A 50 -5.09 -1.57 8.53
C ALA A 50 -5.49 -2.52 9.65
N ARG A 51 -5.80 -3.78 9.29
CA ARG A 51 -6.16 -4.81 10.26
C ARG A 51 -5.08 -4.99 11.32
N LEU A 52 -3.81 -5.11 10.92
CA LEU A 52 -2.70 -5.36 11.81
C LEU A 52 -2.55 -4.22 12.78
N GLN A 53 -2.55 -2.99 12.27
CA GLN A 53 -2.43 -1.79 13.08
C GLN A 53 -3.60 -1.70 14.06
N GLU A 54 -4.80 -2.06 13.61
CA GLU A 54 -6.00 -2.14 14.45
C GLU A 54 -5.82 -3.17 15.57
N SER A 55 -5.07 -4.26 15.33
CA SER A 55 -4.67 -5.23 16.35
C SER A 55 -3.37 -4.85 17.07
N GLY A 56 -2.85 -3.63 16.90
CA GLY A 56 -1.68 -3.15 17.63
C GLY A 56 -0.43 -3.93 17.24
N SER A 57 -0.41 -4.43 16.01
CA SER A 57 0.62 -5.29 15.46
C SER A 57 1.29 -4.56 14.29
N PRO A 58 2.60 -4.73 14.08
CA PRO A 58 3.33 -4.00 13.06
C PRO A 58 2.83 -4.33 11.66
N ILE A 59 3.13 -3.42 10.74
CA ILE A 59 2.79 -3.51 9.33
C ILE A 59 4.04 -3.72 8.47
N ASP A 60 5.16 -4.09 9.11
CA ASP A 60 6.36 -4.55 8.39
C ASP A 60 6.11 -5.90 7.75
N LEU A 61 7.02 -6.28 6.84
CA LEU A 61 6.88 -7.41 5.94
C LEU A 61 6.52 -8.71 6.66
N ILE A 62 7.28 -9.14 7.67
CA ILE A 62 7.09 -10.48 8.19
C ILE A 62 5.71 -10.60 8.83
N THR A 63 5.33 -9.62 9.64
CA THR A 63 4.02 -9.57 10.25
C THR A 63 2.91 -9.48 9.20
N LEU A 64 3.10 -8.67 8.17
CA LEU A 64 2.19 -8.52 7.04
C LEU A 64 1.95 -9.85 6.35
N ALA A 65 3.04 -10.46 5.90
CA ALA A 65 3.01 -11.73 5.20
C ALA A 65 2.29 -12.78 6.04
N GLU A 66 2.69 -12.92 7.31
CA GLU A 66 2.08 -13.87 8.24
C GLU A 66 0.60 -13.57 8.45
N SER A 67 0.19 -12.30 8.46
CA SER A 67 -1.20 -11.95 8.67
C SER A 67 -2.02 -12.24 7.42
N LEU A 68 -1.47 -11.97 6.24
CA LEU A 68 -2.09 -12.37 4.98
C LEU A 68 -2.22 -13.89 4.92
N GLU A 69 -1.29 -14.65 5.47
CA GLU A 69 -1.44 -16.07 5.67
C GLU A 69 -2.56 -16.41 6.67
N ARG A 70 -2.69 -15.66 7.77
CA ARG A 70 -3.86 -15.77 8.66
C ARG A 70 -5.16 -15.45 7.88
N GLN A 71 -5.12 -14.68 6.80
CA GLN A 71 -6.24 -14.46 5.87
C GLN A 71 -6.30 -15.48 4.74
N GLY A 72 -5.34 -16.39 4.60
CA GLY A 72 -5.27 -17.38 3.52
C GLY A 72 -5.02 -16.75 2.16
N GLN A 73 -4.38 -15.57 2.12
CA GLN A 73 -4.25 -14.72 0.93
C GLN A 73 -2.81 -14.27 0.69
N LEU A 74 -1.83 -14.85 1.40
CA LEU A 74 -0.40 -14.60 1.15
C LEU A 74 0.01 -15.02 -0.26
N ASP A 75 -0.59 -16.10 -0.77
CA ASP A 75 -0.45 -16.49 -2.17
C ASP A 75 -1.02 -15.39 -3.07
N SER A 76 -2.27 -15.01 -2.83
CA SER A 76 -3.04 -14.04 -3.61
C SER A 76 -2.35 -12.69 -3.81
N VAL A 77 -1.49 -12.24 -2.90
CA VAL A 77 -0.85 -10.93 -3.03
C VAL A 77 0.42 -10.98 -3.88
N GLY A 78 0.86 -12.18 -4.29
CA GLY A 78 2.12 -12.38 -4.98
C GLY A 78 3.07 -13.30 -4.22
N GLY A 79 2.52 -14.30 -3.52
CA GLY A 79 3.27 -15.40 -2.94
C GLY A 79 4.38 -15.03 -1.97
N PHE A 80 4.20 -14.03 -1.10
CA PHE A 80 5.25 -13.43 -0.25
C PHE A 80 6.24 -12.65 -1.10
N ALA A 81 6.78 -13.22 -2.19
CA ALA A 81 7.82 -12.63 -3.01
C ALA A 81 7.47 -11.20 -3.45
N TYR A 82 6.23 -10.93 -3.85
CA TYR A 82 5.87 -9.56 -4.27
C TYR A 82 5.93 -8.58 -3.09
N LEU A 83 5.63 -9.03 -1.87
CA LEU A 83 5.78 -8.21 -0.66
C LEU A 83 7.26 -7.91 -0.41
N ALA A 84 8.13 -8.91 -0.59
CA ALA A 84 9.57 -8.71 -0.54
C ALA A 84 10.05 -7.83 -1.70
N GLU A 85 9.26 -7.63 -2.75
CA GLU A 85 9.54 -6.64 -3.77
C GLU A 85 9.18 -5.25 -3.25
N LEU A 86 8.03 -5.08 -2.59
CA LEU A 86 7.63 -3.82 -1.93
C LEU A 86 8.72 -3.38 -0.97
N SER A 87 9.13 -4.28 -0.07
CA SER A 87 10.12 -4.05 0.97
C SER A 87 11.54 -3.85 0.37
N LYS A 88 11.70 -3.90 -0.95
CA LYS A 88 12.97 -3.69 -1.64
C LYS A 88 12.91 -2.56 -2.67
N ASN A 89 11.73 -2.20 -3.17
CA ASN A 89 11.55 -1.11 -4.15
C ASN A 89 11.23 0.22 -3.49
N THR A 90 11.42 0.29 -2.19
CA THR A 90 11.13 1.48 -1.42
C THR A 90 12.21 2.53 -1.69
N PRO A 91 11.86 3.76 -2.10
CA PRO A 91 12.79 4.88 -2.16
C PRO A 91 13.08 5.41 -0.74
N SER A 92 13.25 4.51 0.25
CA SER A 92 13.42 4.79 1.67
C SER A 92 12.38 5.79 2.23
N ALA A 93 11.14 5.74 1.72
CA ALA A 93 10.04 6.63 2.08
C ALA A 93 10.36 8.12 1.84
N ALA A 94 11.38 8.45 1.03
CA ALA A 94 11.95 9.79 0.90
C ALA A 94 10.90 10.90 0.77
N ASN A 95 9.93 10.74 -0.14
CA ASN A 95 8.85 11.70 -0.40
C ASN A 95 7.50 11.01 -0.19
N ILE A 96 7.34 10.33 0.95
CA ILE A 96 6.15 9.56 1.31
C ILE A 96 4.85 10.29 1.08
N SER A 97 4.77 11.49 1.60
CA SER A 97 3.60 12.34 1.45
C SER A 97 3.33 12.56 -0.01
N ALA A 98 4.36 12.82 -0.81
CA ALA A 98 4.20 13.05 -2.24
C ALA A 98 3.67 11.81 -2.94
N TYR A 99 4.13 10.62 -2.56
CA TYR A 99 3.65 9.38 -3.16
C TYR A 99 2.17 9.22 -2.85
N ALA A 100 1.81 9.31 -1.57
CA ALA A 100 0.43 9.11 -1.15
C ALA A 100 -0.47 10.23 -1.69
N ASP A 101 0.01 11.47 -1.73
CA ASP A 101 -0.71 12.60 -2.31
C ASP A 101 -0.96 12.32 -3.77
N ILE A 102 0.02 11.79 -4.51
CA ILE A 102 -0.13 11.45 -5.92
C ILE A 102 -1.17 10.35 -6.10
N VAL A 103 -1.14 9.27 -5.31
CA VAL A 103 -2.13 8.20 -5.39
C VAL A 103 -3.53 8.80 -5.20
N ARG A 104 -3.72 9.60 -4.14
CA ARG A 104 -4.98 10.33 -3.91
C ARG A 104 -5.34 11.15 -5.14
N GLU A 105 -4.41 11.95 -5.66
CA GLU A 105 -4.68 12.89 -6.73
C GLU A 105 -5.08 12.16 -8.02
N ARG A 106 -4.45 11.03 -8.35
CA ARG A 106 -4.83 10.28 -9.54
C ARG A 106 -6.19 9.61 -9.33
N ALA A 107 -6.47 9.09 -8.13
CA ALA A 107 -7.77 8.52 -7.79
C ALA A 107 -8.88 9.57 -7.89
N VAL A 108 -8.65 10.78 -7.36
CA VAL A 108 -9.60 11.89 -7.47
C VAL A 108 -9.75 12.35 -8.93
N VAL A 109 -8.70 12.36 -9.73
CA VAL A 109 -8.85 12.66 -11.16
C VAL A 109 -9.71 11.57 -11.82
N ARG A 110 -9.62 10.32 -11.37
CA ARG A 110 -10.49 9.26 -11.85
C ARG A 110 -11.95 9.51 -11.47
N GLU A 111 -12.20 10.08 -10.29
CA GLU A 111 -13.53 10.49 -9.85
C GLU A 111 -14.03 11.67 -10.69
N MET A 112 -13.14 12.58 -11.10
CA MET A 112 -13.43 13.70 -11.99
C MET A 112 -13.64 13.26 -13.44
N ILE A 113 -13.51 11.98 -13.77
CA ILE A 113 -13.88 11.31 -15.03
C ILE A 113 -13.00 11.73 -16.23
N SER A 114 -12.27 12.85 -16.18
CA SER A 114 -11.57 13.45 -17.31
C SER A 114 -10.11 13.07 -17.32
N MET A 1 -8.29 2.25 -26.26
CA MET A 1 -7.84 1.66 -25.00
C MET A 1 -6.41 2.09 -24.73
N LYS A 2 -6.14 2.51 -23.50
CA LYS A 2 -4.79 2.88 -23.04
C LYS A 2 -4.56 2.31 -21.65
N VAL A 3 -3.35 2.41 -21.11
CA VAL A 3 -3.08 1.94 -19.76
C VAL A 3 -3.96 2.75 -18.80
N PRO A 4 -4.80 2.12 -17.98
CA PRO A 4 -5.82 2.84 -17.24
C PRO A 4 -5.16 3.72 -16.16
N PRO A 5 -5.83 4.80 -15.72
CA PRO A 5 -5.28 5.74 -14.76
C PRO A 5 -5.17 5.06 -13.40
N HIS A 6 -3.94 4.78 -12.98
CA HIS A 6 -3.64 4.22 -11.68
C HIS A 6 -2.21 4.61 -11.32
N SER A 7 -2.01 4.91 -10.05
CA SER A 7 -0.77 5.43 -9.50
C SER A 7 0.23 4.32 -9.15
N ILE A 8 0.11 3.12 -9.73
CA ILE A 8 0.85 1.90 -9.43
C ILE A 8 2.25 2.16 -8.93
N GLU A 9 3.03 2.90 -9.69
CA GLU A 9 4.45 3.06 -9.46
C GLU A 9 4.73 3.82 -8.16
N ALA A 10 3.89 4.80 -7.87
CA ALA A 10 3.83 5.49 -6.58
C ALA A 10 3.25 4.57 -5.51
N GLU A 11 2.14 3.86 -5.81
CA GLU A 11 1.49 2.91 -4.91
C GLU A 11 2.49 1.90 -4.37
N GLN A 12 3.36 1.37 -5.25
CA GLN A 12 4.39 0.41 -4.89
C GLN A 12 5.28 1.02 -3.80
N SER A 13 5.82 2.23 -4.04
CA SER A 13 6.70 2.94 -3.12
C SER A 13 6.02 3.34 -1.80
N VAL A 14 4.69 3.54 -1.79
CA VAL A 14 3.96 3.75 -0.56
C VAL A 14 3.93 2.45 0.24
N LEU A 15 3.50 1.35 -0.37
CA LEU A 15 3.29 0.10 0.34
C LEU A 15 4.62 -0.47 0.84
N GLY A 16 5.68 -0.38 0.02
CA GLY A 16 7.02 -0.65 0.44
C GLY A 16 7.41 0.24 1.62
N GLY A 17 7.18 1.55 1.50
CA GLY A 17 7.55 2.51 2.53
C GLY A 17 6.81 2.28 3.84
N LEU A 18 5.59 1.74 3.83
CA LEU A 18 4.84 1.45 5.06
C LEU A 18 5.44 0.29 5.84
N MET A 19 6.15 -0.63 5.18
CA MET A 19 6.97 -1.63 5.87
C MET A 19 8.22 -0.95 6.43
N LEU A 20 8.79 -0.01 5.66
CA LEU A 20 10.07 0.66 5.86
C LEU A 20 10.02 1.72 6.97
N ASP A 21 8.84 2.29 7.24
CA ASP A 21 8.54 3.21 8.32
C ASP A 21 7.08 3.00 8.68
N ASN A 22 6.84 2.46 9.87
CA ASN A 22 5.54 1.97 10.29
C ASN A 22 4.74 3.07 11.01
N GLU A 23 5.39 4.17 11.40
CA GLU A 23 4.76 5.29 12.08
C GLU A 23 4.22 6.31 11.10
N ARG A 24 4.77 6.36 9.88
CA ARG A 24 4.21 7.21 8.84
C ARG A 24 2.92 6.61 8.31
N TRP A 25 2.49 5.45 8.84
CA TRP A 25 1.17 4.90 8.59
C TRP A 25 0.12 5.97 8.82
N ASP A 26 0.18 6.75 9.90
CA ASP A 26 -0.86 7.74 10.18
C ASP A 26 -0.92 8.87 9.16
N ASP A 27 0.23 9.22 8.60
CA ASP A 27 0.40 10.34 7.67
C ASP A 27 -0.12 9.87 6.33
N VAL A 28 0.31 8.68 5.91
CA VAL A 28 -0.13 8.00 4.72
C VAL A 28 -1.61 7.63 4.82
N ALA A 29 -2.13 7.14 5.94
CA ALA A 29 -3.54 6.82 6.11
C ALA A 29 -4.42 8.07 6.07
N GLU A 30 -3.83 9.26 6.25
CA GLU A 30 -4.48 10.52 6.01
C GLU A 30 -4.19 11.08 4.62
N ARG A 31 -3.23 10.50 3.88
CA ARG A 31 -3.06 10.82 2.47
C ARG A 31 -4.02 9.97 1.66
N VAL A 32 -4.24 8.72 2.03
CA VAL A 32 -4.94 7.73 1.22
C VAL A 32 -5.74 6.74 2.08
N VAL A 33 -6.62 5.98 1.45
CA VAL A 33 -7.32 4.82 2.00
C VAL A 33 -7.10 3.64 1.06
N ALA A 34 -7.55 2.44 1.46
CA ALA A 34 -7.40 1.22 0.66
C ALA A 34 -7.87 1.43 -0.78
N ASP A 35 -9.03 2.06 -0.97
CA ASP A 35 -9.65 2.19 -2.29
C ASP A 35 -8.86 3.07 -3.26
N ASP A 36 -7.94 3.89 -2.76
CA ASP A 36 -7.14 4.75 -3.61
C ASP A 36 -6.10 3.93 -4.37
N PHE A 37 -5.65 2.80 -3.81
CA PHE A 37 -4.76 1.84 -4.44
C PHE A 37 -5.53 1.04 -5.48
N TYR A 38 -5.02 1.00 -6.71
CA TYR A 38 -5.76 0.43 -7.82
C TYR A 38 -5.68 -1.10 -7.86
N THR A 39 -4.48 -1.68 -7.76
CA THR A 39 -4.37 -3.10 -8.03
C THR A 39 -4.95 -3.89 -6.86
N ARG A 40 -5.41 -5.11 -7.13
CA ARG A 40 -5.81 -6.03 -6.07
C ARG A 40 -4.66 -6.24 -5.07
N PRO A 41 -3.41 -6.55 -5.44
CA PRO A 41 -2.33 -6.69 -4.47
C PRO A 41 -2.00 -5.38 -3.76
N HIS A 42 -2.04 -4.22 -4.42
CA HIS A 42 -1.79 -2.95 -3.73
C HIS A 42 -2.86 -2.72 -2.65
N ARG A 43 -4.15 -2.90 -2.99
CA ARG A 43 -5.24 -2.81 -2.03
C ARG A 43 -5.12 -3.75 -0.87
N HIS A 44 -4.87 -5.02 -1.14
CA HIS A 44 -4.63 -6.03 -0.12
C HIS A 44 -3.69 -5.51 0.95
N ILE A 45 -2.50 -5.06 0.54
CA ILE A 45 -1.45 -4.71 1.48
C ILE A 45 -1.94 -3.57 2.35
N PHE A 46 -2.51 -2.50 1.79
CA PHE A 46 -3.05 -1.42 2.62
C PHE A 46 -4.16 -1.93 3.54
N THR A 47 -5.06 -2.80 3.05
CA THR A 47 -6.17 -3.30 3.84
C THR A 47 -5.65 -4.12 5.01
N GLU A 48 -4.62 -4.93 4.82
CA GLU A 48 -4.12 -5.83 5.84
C GLU A 48 -3.21 -5.09 6.81
N MET A 49 -2.48 -4.06 6.35
CA MET A 49 -1.76 -3.15 7.22
C MET A 49 -2.77 -2.41 8.11
N ALA A 50 -3.86 -1.88 7.53
CA ALA A 50 -4.92 -1.24 8.28
C ALA A 50 -5.52 -2.22 9.28
N ARG A 51 -5.83 -3.45 8.86
CA ARG A 51 -6.35 -4.49 9.76
C ARG A 51 -5.39 -4.74 10.91
N LEU A 52 -4.09 -4.89 10.64
CA LEU A 52 -3.07 -5.10 11.66
C LEU A 52 -3.05 -3.94 12.63
N GLN A 53 -3.00 -2.70 12.14
CA GLN A 53 -2.96 -1.52 12.99
C GLN A 53 -4.22 -1.41 13.83
N GLU A 54 -5.39 -1.70 13.24
CA GLU A 54 -6.68 -1.80 13.93
C GLU A 54 -6.63 -2.90 14.99
N SER A 55 -5.91 -3.98 14.73
CA SER A 55 -5.66 -5.07 15.67
C SER A 55 -4.49 -4.75 16.61
N GLY A 56 -3.98 -3.51 16.60
CA GLY A 56 -2.96 -3.03 17.51
C GLY A 56 -1.68 -3.84 17.34
N SER A 57 -1.41 -4.23 16.10
CA SER A 57 -0.36 -5.15 15.73
C SER A 57 0.47 -4.51 14.61
N PRO A 58 1.76 -4.82 14.52
CA PRO A 58 2.67 -4.09 13.63
C PRO A 58 2.36 -4.31 12.16
N ILE A 59 2.87 -3.39 11.34
CA ILE A 59 2.75 -3.44 9.88
C ILE A 59 4.14 -3.69 9.25
N ASP A 60 5.03 -4.33 10.01
CA ASP A 60 6.30 -4.83 9.48
C ASP A 60 6.03 -5.92 8.46
N LEU A 61 6.97 -6.13 7.53
CA LEU A 61 6.85 -7.12 6.47
C LEU A 61 6.59 -8.50 7.06
N ILE A 62 7.28 -8.89 8.13
CA ILE A 62 7.13 -10.21 8.68
C ILE A 62 5.72 -10.39 9.24
N THR A 63 5.24 -9.40 9.99
CA THR A 63 3.92 -9.39 10.56
C THR A 63 2.87 -9.47 9.45
N LEU A 64 3.02 -8.60 8.45
CA LEU A 64 2.18 -8.45 7.28
C LEU A 64 2.04 -9.75 6.54
N ALA A 65 3.17 -10.32 6.14
CA ALA A 65 3.18 -11.54 5.34
C ALA A 65 2.43 -12.65 6.06
N GLU A 66 2.73 -12.84 7.34
CA GLU A 66 2.05 -13.85 8.13
C GLU A 66 0.56 -13.51 8.32
N SER A 67 0.19 -12.25 8.47
CA SER A 67 -1.20 -11.90 8.71
C SER A 67 -2.03 -12.06 7.43
N LEU A 68 -1.43 -11.80 6.27
CA LEU A 68 -2.05 -12.02 4.97
C LEU A 68 -2.37 -13.50 4.79
N GLU A 69 -1.48 -14.43 5.13
CA GLU A 69 -1.79 -15.85 5.01
C GLU A 69 -2.91 -16.30 5.97
N ARG A 70 -3.02 -15.68 7.15
CA ARG A 70 -4.16 -15.95 8.04
C ARG A 70 -5.46 -15.56 7.35
N GLN A 71 -5.48 -14.40 6.72
CA GLN A 71 -6.62 -13.95 5.93
C GLN A 71 -6.71 -14.71 4.59
N GLY A 72 -5.74 -15.56 4.27
CA GLY A 72 -5.77 -16.38 3.07
C GLY A 72 -5.46 -15.59 1.81
N GLN A 73 -4.84 -14.41 1.93
CA GLN A 73 -4.57 -13.49 0.85
C GLN A 73 -3.06 -13.33 0.59
N LEU A 74 -2.17 -14.01 1.33
CA LEU A 74 -0.73 -13.92 1.06
C LEU A 74 -0.44 -14.40 -0.35
N ASP A 75 -1.03 -15.53 -0.74
CA ASP A 75 -0.85 -16.03 -2.09
C ASP A 75 -1.45 -15.05 -3.09
N SER A 76 -2.61 -14.47 -2.76
CA SER A 76 -3.31 -13.49 -3.58
C SER A 76 -2.52 -12.20 -3.81
N VAL A 77 -1.57 -11.81 -2.94
CA VAL A 77 -0.73 -10.65 -3.20
C VAL A 77 0.49 -10.99 -4.08
N GLY A 78 0.71 -12.27 -4.41
CA GLY A 78 1.92 -12.70 -5.06
C GLY A 78 2.98 -13.14 -4.05
N GLY A 79 2.54 -13.69 -2.91
CA GLY A 79 3.37 -14.36 -1.92
C GLY A 79 4.29 -13.43 -1.14
N PHE A 80 5.04 -14.03 -0.21
CA PHE A 80 6.15 -13.40 0.51
C PHE A 80 7.36 -13.28 -0.43
N ALA A 81 7.13 -12.70 -1.61
CA ALA A 81 8.11 -12.40 -2.64
C ALA A 81 7.77 -11.01 -3.16
N TYR A 82 6.53 -10.80 -3.61
CA TYR A 82 6.10 -9.48 -4.08
C TYR A 82 6.15 -8.46 -2.93
N LEU A 83 5.84 -8.88 -1.70
CA LEU A 83 5.99 -8.00 -0.55
C LEU A 83 7.45 -7.59 -0.35
N ALA A 84 8.37 -8.55 -0.45
CA ALA A 84 9.79 -8.30 -0.26
C ALA A 84 10.35 -7.39 -1.36
N GLU A 85 9.80 -7.50 -2.57
CA GLU A 85 10.09 -6.62 -3.70
C GLU A 85 9.74 -5.19 -3.29
N LEU A 86 8.48 -4.95 -2.91
CA LEU A 86 7.98 -3.64 -2.49
C LEU A 86 8.87 -3.05 -1.40
N SER A 87 9.16 -3.84 -0.37
CA SER A 87 9.94 -3.45 0.80
C SER A 87 11.32 -2.90 0.41
N LYS A 88 11.86 -3.35 -0.73
CA LYS A 88 13.19 -2.97 -1.22
C LYS A 88 13.07 -2.25 -2.56
N ASN A 89 11.91 -1.65 -2.84
CA ASN A 89 11.59 -0.89 -4.03
C ASN A 89 11.00 0.45 -3.57
N THR A 90 11.70 1.11 -2.66
CA THR A 90 11.30 2.40 -2.08
C THR A 90 12.57 3.18 -1.71
N PRO A 91 12.61 4.51 -1.88
CA PRO A 91 13.69 5.35 -1.37
C PRO A 91 13.55 5.55 0.15
N SER A 92 13.84 4.50 0.94
CA SER A 92 13.98 4.52 2.40
C SER A 92 12.94 5.41 3.13
N ALA A 93 11.65 5.26 2.80
CA ALA A 93 10.53 6.02 3.38
C ALA A 93 10.65 7.55 3.28
N ALA A 94 11.61 8.07 2.51
CA ALA A 94 12.02 9.47 2.47
C ALA A 94 11.17 10.36 1.55
N ASN A 95 10.07 9.86 0.98
CA ASN A 95 9.24 10.66 0.07
C ASN A 95 7.80 10.15 -0.03
N ILE A 96 7.31 9.48 1.02
CA ILE A 96 6.05 8.73 0.96
C ILE A 96 4.85 9.59 0.67
N SER A 97 4.78 10.73 1.36
CA SER A 97 3.70 11.68 1.13
C SER A 97 3.57 11.92 -0.36
N ALA A 98 4.68 12.29 -0.99
CA ALA A 98 4.67 12.72 -2.37
C ALA A 98 4.25 11.60 -3.33
N TYR A 99 4.47 10.33 -2.97
CA TYR A 99 3.93 9.19 -3.68
C TYR A 99 2.43 9.06 -3.40
N ALA A 100 2.03 9.04 -2.13
CA ALA A 100 0.63 8.88 -1.72
C ALA A 100 -0.23 10.01 -2.29
N ASP A 101 0.33 11.20 -2.51
CA ASP A 101 -0.32 12.34 -3.13
C ASP A 101 -0.67 12.01 -4.60
N ILE A 102 0.10 11.16 -5.29
CA ILE A 102 -0.22 10.66 -6.63
C ILE A 102 -1.31 9.59 -6.50
N VAL A 103 -1.21 8.68 -5.53
CA VAL A 103 -2.20 7.64 -5.27
C VAL A 103 -3.58 8.26 -5.06
N ARG A 104 -3.68 9.22 -4.13
CA ARG A 104 -4.92 9.93 -3.86
C ARG A 104 -5.43 10.61 -5.11
N GLU A 105 -4.57 11.26 -5.90
CA GLU A 105 -4.99 12.06 -7.03
C GLU A 105 -5.72 11.21 -8.04
N ARG A 106 -5.09 10.15 -8.55
CA ARG A 106 -5.74 9.34 -9.59
C ARG A 106 -7.08 8.80 -9.10
N ALA A 107 -7.22 8.48 -7.81
CA ALA A 107 -8.46 8.00 -7.22
C ALA A 107 -9.50 9.11 -7.08
N VAL A 108 -9.13 10.31 -6.61
CA VAL A 108 -10.04 11.46 -6.52
C VAL A 108 -10.50 11.85 -7.92
N VAL A 109 -9.60 11.87 -8.90
CA VAL A 109 -9.95 12.08 -10.29
C VAL A 109 -10.84 10.94 -10.78
N ARG A 110 -10.75 9.72 -10.22
CA ARG A 110 -11.62 8.63 -10.67
C ARG A 110 -13.09 8.93 -10.40
N GLU A 111 -13.43 9.69 -9.37
CA GLU A 111 -14.79 10.20 -9.22
C GLU A 111 -14.90 11.48 -10.07
N MET A 112 -13.98 12.42 -9.85
CA MET A 112 -13.97 13.75 -10.45
C MET A 112 -13.34 13.76 -11.85
N ILE A 113 -13.70 12.81 -12.73
CA ILE A 113 -13.09 12.58 -14.03
C ILE A 113 -13.10 13.88 -14.84
N SER A 114 -11.91 14.39 -15.15
CA SER A 114 -11.70 15.48 -16.09
C SER A 114 -12.16 15.03 -17.47
N MET A 1 -13.05 1.17 -24.75
CA MET A 1 -12.80 2.18 -23.72
C MET A 1 -11.29 2.35 -23.56
N LYS A 2 -10.81 3.53 -23.19
CA LYS A 2 -9.46 3.65 -22.65
C LYS A 2 -9.44 2.98 -21.26
N VAL A 3 -8.26 2.70 -20.73
CA VAL A 3 -8.05 2.31 -19.35
C VAL A 3 -7.61 3.62 -18.67
N PRO A 4 -8.09 3.95 -17.47
CA PRO A 4 -7.66 5.16 -16.78
C PRO A 4 -6.19 5.08 -16.35
N PRO A 5 -5.56 6.22 -16.00
CA PRO A 5 -4.23 6.20 -15.43
C PRO A 5 -4.30 5.61 -14.03
N HIS A 6 -3.31 4.79 -13.73
CA HIS A 6 -3.06 4.27 -12.39
C HIS A 6 -1.57 4.48 -12.17
N SER A 7 -1.18 5.42 -11.31
CA SER A 7 0.21 5.61 -10.92
C SER A 7 0.54 4.58 -9.81
N ILE A 8 0.18 3.33 -10.09
CA ILE A 8 0.25 2.18 -9.21
C ILE A 8 1.67 1.99 -8.71
N GLU A 9 2.66 2.15 -9.58
CA GLU A 9 4.05 2.00 -9.19
C GLU A 9 4.53 3.08 -8.21
N ALA A 10 3.96 4.28 -8.28
CA ALA A 10 4.17 5.30 -7.25
C ALA A 10 3.51 4.84 -5.95
N GLU A 11 2.29 4.29 -6.03
CA GLU A 11 1.60 3.69 -4.88
C GLU A 11 2.46 2.60 -4.23
N GLN A 12 3.20 1.83 -5.03
CA GLN A 12 4.03 0.74 -4.53
C GLN A 12 5.13 1.27 -3.58
N SER A 13 5.61 2.48 -3.78
CA SER A 13 6.55 3.12 -2.86
C SER A 13 5.86 3.56 -1.57
N VAL A 14 4.55 3.83 -1.58
CA VAL A 14 3.79 4.02 -0.34
C VAL A 14 3.75 2.69 0.39
N LEU A 15 3.23 1.64 -0.27
CA LEU A 15 3.05 0.32 0.34
C LEU A 15 4.38 -0.18 0.90
N GLY A 16 5.44 -0.10 0.10
CA GLY A 16 6.78 -0.45 0.51
C GLY A 16 7.24 0.38 1.70
N GLY A 17 7.06 1.71 1.64
CA GLY A 17 7.52 2.62 2.68
C GLY A 17 6.83 2.38 4.02
N LEU A 18 5.64 1.78 4.03
CA LEU A 18 4.91 1.48 5.25
C LEU A 18 5.57 0.37 6.06
N MET A 19 5.98 -0.73 5.43
CA MET A 19 6.79 -1.72 6.14
C MET A 19 8.15 -1.12 6.51
N LEU A 20 8.65 -0.18 5.71
CA LEU A 20 10.00 0.36 5.84
C LEU A 20 10.10 1.36 6.98
N ASP A 21 9.07 2.16 7.22
CA ASP A 21 8.98 3.10 8.33
C ASP A 21 7.56 3.11 8.85
N ASN A 22 7.35 2.24 9.82
CA ASN A 22 6.03 1.92 10.33
C ASN A 22 5.30 3.15 10.86
N GLU A 23 6.00 4.16 11.35
CA GLU A 23 5.36 5.37 11.87
C GLU A 23 4.92 6.33 10.77
N ARG A 24 5.36 6.16 9.53
CA ARG A 24 4.82 6.94 8.41
C ARG A 24 3.41 6.45 8.05
N TRP A 25 2.91 5.39 8.69
CA TRP A 25 1.52 4.96 8.60
C TRP A 25 0.54 6.10 8.72
N ASP A 26 0.65 6.94 9.76
CA ASP A 26 -0.33 8.00 9.99
C ASP A 26 -0.35 9.03 8.90
N ASP A 27 0.86 9.29 8.43
CA ASP A 27 1.21 10.28 7.41
C ASP A 27 0.59 9.90 6.08
N VAL A 28 0.78 8.63 5.75
CA VAL A 28 0.17 7.97 4.63
C VAL A 28 -1.34 7.94 4.84
N ALA A 29 -1.86 7.49 5.98
CA ALA A 29 -3.28 7.39 6.23
C ALA A 29 -3.96 8.76 6.28
N GLU A 30 -3.20 9.84 6.45
CA GLU A 30 -3.66 11.21 6.35
C GLU A 30 -3.89 11.54 4.87
N ARG A 31 -3.08 10.97 4.00
CA ARG A 31 -2.97 11.32 2.60
C ARG A 31 -3.76 10.38 1.71
N VAL A 32 -4.05 9.15 2.16
CA VAL A 32 -4.77 8.15 1.40
C VAL A 32 -5.59 7.28 2.35
N VAL A 33 -6.53 6.52 1.79
CA VAL A 33 -7.26 5.45 2.47
C VAL A 33 -7.21 4.21 1.56
N ALA A 34 -7.67 3.04 2.04
CA ALA A 34 -7.64 1.81 1.27
C ALA A 34 -8.38 1.95 -0.07
N ASP A 35 -9.35 2.85 -0.11
CA ASP A 35 -10.25 3.04 -1.25
C ASP A 35 -9.63 3.82 -2.39
N ASP A 36 -8.58 4.59 -2.10
CA ASP A 36 -7.84 5.41 -3.06
C ASP A 36 -6.95 4.52 -3.93
N PHE A 37 -6.27 3.56 -3.29
CA PHE A 37 -5.55 2.50 -3.98
C PHE A 37 -6.54 1.71 -4.83
N TYR A 38 -6.05 0.99 -5.84
CA TYR A 38 -6.95 0.42 -6.84
C TYR A 38 -6.85 -1.09 -7.03
N THR A 39 -5.66 -1.70 -6.93
CA THR A 39 -5.54 -3.08 -7.36
C THR A 39 -5.83 -4.04 -6.22
N ARG A 40 -6.20 -5.28 -6.55
CA ARG A 40 -6.41 -6.34 -5.58
C ARG A 40 -5.21 -6.50 -4.63
N PRO A 41 -3.96 -6.67 -5.11
CA PRO A 41 -2.83 -6.88 -4.22
C PRO A 41 -2.62 -5.68 -3.31
N HIS A 42 -2.58 -4.48 -3.89
CA HIS A 42 -2.33 -3.25 -3.19
C HIS A 42 -3.36 -3.00 -2.09
N ARG A 43 -4.65 -3.14 -2.43
CA ARG A 43 -5.72 -2.88 -1.45
C ARG A 43 -5.69 -3.91 -0.35
N HIS A 44 -5.44 -5.18 -0.66
CA HIS A 44 -5.24 -6.15 0.39
C HIS A 44 -4.17 -5.72 1.38
N ILE A 45 -3.03 -5.25 0.88
CA ILE A 45 -1.91 -4.85 1.72
C ILE A 45 -2.40 -3.76 2.67
N PHE A 46 -2.97 -2.67 2.17
CA PHE A 46 -3.39 -1.59 3.07
C PHE A 46 -4.53 -2.00 4.00
N THR A 47 -5.48 -2.84 3.56
CA THR A 47 -6.51 -3.39 4.43
C THR A 47 -5.87 -4.23 5.55
N GLU A 48 -4.87 -5.05 5.22
CA GLU A 48 -4.26 -5.93 6.18
C GLU A 48 -3.45 -5.11 7.19
N MET A 49 -2.71 -4.12 6.73
CA MET A 49 -2.01 -3.15 7.57
C MET A 49 -3.01 -2.47 8.51
N ALA A 50 -4.10 -1.92 7.97
CA ALA A 50 -5.11 -1.21 8.73
C ALA A 50 -5.70 -2.12 9.81
N ARG A 51 -6.07 -3.35 9.47
CA ARG A 51 -6.72 -4.23 10.42
C ARG A 51 -5.72 -4.75 11.45
N LEU A 52 -4.45 -5.01 11.09
CA LEU A 52 -3.41 -5.39 12.02
C LEU A 52 -3.22 -4.28 13.04
N GLN A 53 -3.06 -3.04 12.58
CA GLN A 53 -2.90 -1.89 13.45
C GLN A 53 -4.06 -1.78 14.42
N GLU A 54 -5.26 -2.09 13.94
CA GLU A 54 -6.45 -2.08 14.77
C GLU A 54 -6.34 -3.08 15.91
N SER A 55 -5.84 -4.28 15.63
CA SER A 55 -5.58 -5.30 16.65
C SER A 55 -4.22 -5.12 17.32
N GLY A 56 -3.56 -3.97 17.15
CA GLY A 56 -2.35 -3.62 17.88
C GLY A 56 -1.16 -4.42 17.37
N SER A 57 -1.21 -4.86 16.12
CA SER A 57 -0.14 -5.58 15.47
C SER A 57 0.56 -4.61 14.54
N PRO A 58 1.89 -4.70 14.41
CA PRO A 58 2.62 -3.82 13.53
C PRO A 58 2.30 -4.13 12.08
N ILE A 59 2.67 -3.18 11.24
CA ILE A 59 2.63 -3.30 9.79
C ILE A 59 4.01 -3.77 9.28
N ASP A 60 4.76 -4.44 10.14
CA ASP A 60 6.06 -5.04 9.84
C ASP A 60 5.96 -6.15 8.79
N LEU A 61 7.03 -6.37 8.03
CA LEU A 61 7.08 -7.21 6.84
C LEU A 61 6.58 -8.63 7.12
N ILE A 62 7.23 -9.35 8.04
CA ILE A 62 6.95 -10.75 8.25
C ILE A 62 5.58 -10.90 8.93
N THR A 63 5.20 -9.96 9.80
CA THR A 63 3.90 -9.89 10.43
C THR A 63 2.80 -9.82 9.36
N LEU A 64 2.92 -8.84 8.46
CA LEU A 64 2.01 -8.58 7.35
C LEU A 64 1.89 -9.80 6.45
N ALA A 65 3.04 -10.33 6.05
CA ALA A 65 3.11 -11.46 5.14
C ALA A 65 2.38 -12.67 5.71
N GLU A 66 2.69 -13.03 6.96
CA GLU A 66 2.00 -14.13 7.61
C GLU A 66 0.53 -13.82 7.86
N SER A 67 0.14 -12.57 8.08
CA SER A 67 -1.26 -12.19 8.24
C SER A 67 -2.03 -12.41 6.94
N LEU A 68 -1.45 -12.03 5.80
CA LEU A 68 -1.99 -12.37 4.49
C LEU A 68 -2.10 -13.89 4.32
N GLU A 69 -1.20 -14.67 4.90
CA GLU A 69 -1.35 -16.11 5.01
C GLU A 69 -2.50 -16.53 5.91
N ARG A 70 -2.74 -15.86 7.06
CA ARG A 70 -3.95 -16.08 7.87
C ARG A 70 -5.20 -15.84 7.03
N GLN A 71 -5.16 -14.89 6.10
CA GLN A 71 -6.26 -14.63 5.16
C GLN A 71 -6.31 -15.67 4.04
N GLY A 72 -5.28 -16.49 3.83
CA GLY A 72 -5.16 -17.34 2.66
C GLY A 72 -5.18 -16.48 1.39
N GLN A 73 -4.47 -15.35 1.41
CA GLN A 73 -4.38 -14.36 0.34
C GLN A 73 -2.94 -13.89 0.12
N LEU A 74 -1.93 -14.56 0.68
CA LEU A 74 -0.54 -14.21 0.42
C LEU A 74 -0.18 -14.42 -1.05
N ASP A 75 -0.67 -15.50 -1.67
CA ASP A 75 -0.54 -15.65 -3.13
C ASP A 75 -1.29 -14.54 -3.85
N SER A 76 -2.42 -14.11 -3.30
CA SER A 76 -3.27 -13.08 -3.89
C SER A 76 -2.55 -11.72 -3.97
N VAL A 77 -1.53 -11.46 -3.14
CA VAL A 77 -0.72 -10.25 -3.32
C VAL A 77 0.45 -10.48 -4.28
N GLY A 78 0.83 -11.73 -4.55
CA GLY A 78 1.99 -12.10 -5.36
C GLY A 78 3.04 -12.86 -4.56
N GLY A 79 2.69 -13.41 -3.39
CA GLY A 79 3.57 -14.12 -2.49
C GLY A 79 4.31 -13.16 -1.56
N PHE A 80 5.04 -13.72 -0.58
CA PHE A 80 5.93 -12.97 0.30
C PHE A 80 6.90 -12.13 -0.55
N ALA A 81 7.40 -12.69 -1.65
CA ALA A 81 8.33 -12.03 -2.55
C ALA A 81 7.79 -10.70 -3.07
N TYR A 82 6.46 -10.53 -3.24
CA TYR A 82 5.88 -9.26 -3.65
C TYR A 82 6.05 -8.22 -2.54
N LEU A 83 5.78 -8.59 -1.29
CA LEU A 83 5.94 -7.69 -0.14
C LEU A 83 7.43 -7.31 0.01
N ALA A 84 8.31 -8.30 -0.10
CA ALA A 84 9.74 -8.07 -0.07
C ALA A 84 10.19 -7.14 -1.20
N GLU A 85 9.63 -7.32 -2.39
CA GLU A 85 9.90 -6.50 -3.56
C GLU A 85 9.46 -5.06 -3.26
N LEU A 86 8.26 -4.85 -2.73
CA LEU A 86 7.77 -3.52 -2.34
C LEU A 86 8.72 -2.85 -1.34
N SER A 87 9.19 -3.61 -0.34
CA SER A 87 10.16 -3.13 0.63
C SER A 87 11.46 -2.69 -0.09
N LYS A 88 11.89 -3.40 -1.13
CA LYS A 88 13.01 -2.98 -1.97
C LYS A 88 12.64 -1.81 -2.90
N ASN A 89 11.36 -1.51 -3.12
CA ASN A 89 10.87 -0.59 -4.16
C ASN A 89 10.73 0.85 -3.67
N THR A 90 11.39 1.18 -2.57
CA THR A 90 11.18 2.44 -1.88
C THR A 90 12.52 3.05 -1.42
N PRO A 91 12.74 4.36 -1.61
CA PRO A 91 13.88 5.08 -1.04
C PRO A 91 13.66 5.27 0.47
N SER A 92 13.75 4.19 1.24
CA SER A 92 13.37 4.12 2.64
C SER A 92 11.91 4.56 2.84
N ALA A 93 11.65 5.80 3.25
CA ALA A 93 10.32 6.40 3.28
C ALA A 93 10.39 7.84 2.75
N ALA A 94 11.44 8.20 2.03
CA ALA A 94 11.56 9.51 1.42
C ALA A 94 10.39 9.69 0.45
N ASN A 95 9.85 10.91 0.41
CA ASN A 95 8.79 11.34 -0.50
C ASN A 95 7.48 10.54 -0.33
N ILE A 96 7.25 9.87 0.81
CA ILE A 96 6.07 9.03 1.00
C ILE A 96 4.78 9.82 0.80
N SER A 97 4.73 11.04 1.35
CA SER A 97 3.58 11.89 1.14
C SER A 97 3.40 12.20 -0.35
N ALA A 98 4.47 12.46 -1.07
CA ALA A 98 4.37 12.79 -2.50
C ALA A 98 3.79 11.60 -3.26
N TYR A 99 4.23 10.38 -2.95
CA TYR A 99 3.71 9.15 -3.52
C TYR A 99 2.23 8.95 -3.14
N ALA A 100 1.86 9.19 -1.88
CA ALA A 100 0.47 9.11 -1.42
C ALA A 100 -0.42 10.18 -2.07
N ASP A 101 0.09 11.40 -2.20
CA ASP A 101 -0.60 12.53 -2.83
C ASP A 101 -0.81 12.22 -4.32
N ILE A 102 0.16 11.53 -4.95
CA ILE A 102 -0.02 10.98 -6.29
C ILE A 102 -1.21 10.03 -6.26
N VAL A 103 -1.21 9.01 -5.40
CA VAL A 103 -2.28 8.03 -5.31
C VAL A 103 -3.64 8.72 -5.14
N ARG A 104 -3.81 9.58 -4.13
CA ARG A 104 -5.11 10.15 -3.84
C ARG A 104 -5.58 11.05 -4.97
N GLU A 105 -4.68 11.81 -5.60
CA GLU A 105 -5.05 12.58 -6.78
C GLU A 105 -5.50 11.64 -7.88
N ARG A 106 -4.67 10.65 -8.19
CA ARG A 106 -4.94 9.67 -9.24
C ARG A 106 -6.18 8.85 -8.93
N ALA A 107 -6.60 8.72 -7.66
CA ALA A 107 -7.85 8.10 -7.25
C ALA A 107 -9.02 8.98 -7.62
N VAL A 108 -8.97 10.27 -7.27
CA VAL A 108 -10.00 11.25 -7.64
C VAL A 108 -10.09 11.32 -9.17
N VAL A 109 -8.95 11.35 -9.86
CA VAL A 109 -8.88 11.35 -11.31
C VAL A 109 -9.46 10.04 -11.86
N ARG A 110 -9.19 8.89 -11.26
CA ARG A 110 -9.77 7.59 -11.61
C ARG A 110 -11.28 7.58 -11.44
N GLU A 111 -11.85 8.52 -10.69
CA GLU A 111 -13.29 8.74 -10.66
C GLU A 111 -13.66 9.62 -11.87
N MET A 112 -13.02 10.79 -11.96
CA MET A 112 -13.28 11.94 -12.84
C MET A 112 -12.86 11.71 -14.32
N ILE A 113 -12.84 10.45 -14.76
CA ILE A 113 -12.30 10.00 -16.03
C ILE A 113 -13.14 10.50 -17.21
N SER A 114 -12.47 10.72 -18.35
CA SER A 114 -13.06 10.99 -19.66
C SER A 114 -12.54 9.97 -20.67
N MET A 1 -4.09 4.70 -27.58
CA MET A 1 -4.83 4.98 -26.34
C MET A 1 -3.98 5.88 -25.45
N LYS A 2 -4.60 6.66 -24.55
CA LYS A 2 -3.84 7.32 -23.48
C LYS A 2 -3.23 6.27 -22.52
N VAL A 3 -2.43 6.70 -21.56
CA VAL A 3 -2.00 5.84 -20.46
C VAL A 3 -3.06 6.02 -19.37
N PRO A 4 -3.73 4.95 -18.89
CA PRO A 4 -4.72 5.11 -17.83
C PRO A 4 -4.08 5.71 -16.57
N PRO A 5 -4.82 6.46 -15.73
CA PRO A 5 -4.32 6.91 -14.44
C PRO A 5 -4.10 5.72 -13.52
N HIS A 6 -2.98 5.73 -12.77
CA HIS A 6 -2.74 4.75 -11.72
C HIS A 6 -1.65 5.18 -10.74
N SER A 7 -0.44 5.49 -11.22
CA SER A 7 0.73 5.66 -10.36
C SER A 7 0.95 4.41 -9.48
N ILE A 8 0.99 3.23 -10.13
CA ILE A 8 1.33 1.92 -9.54
C ILE A 8 2.57 2.07 -8.68
N GLU A 9 3.65 2.60 -9.25
CA GLU A 9 4.92 2.65 -8.54
C GLU A 9 4.89 3.58 -7.33
N ALA A 10 4.07 4.62 -7.35
CA ALA A 10 3.79 5.44 -6.17
C ALA A 10 3.07 4.59 -5.11
N GLU A 11 2.03 3.84 -5.50
CA GLU A 11 1.35 2.87 -4.65
C GLU A 11 2.38 1.92 -4.01
N GLN A 12 3.29 1.37 -4.83
CA GLN A 12 4.34 0.45 -4.35
C GLN A 12 5.32 1.15 -3.41
N SER A 13 5.68 2.39 -3.70
CA SER A 13 6.63 3.18 -2.92
C SER A 13 6.08 3.41 -1.51
N VAL A 14 4.79 3.72 -1.39
CA VAL A 14 4.13 3.86 -0.10
C VAL A 14 4.17 2.52 0.63
N LEU A 15 3.64 1.46 0.03
CA LEU A 15 3.48 0.19 0.72
C LEU A 15 4.84 -0.39 1.13
N GLY A 16 5.85 -0.24 0.29
CA GLY A 16 7.22 -0.56 0.62
C GLY A 16 7.70 0.29 1.81
N GLY A 17 7.53 1.61 1.75
CA GLY A 17 8.02 2.52 2.79
C GLY A 17 7.42 2.23 4.15
N LEU A 18 6.14 1.87 4.18
CA LEU A 18 5.42 1.58 5.40
C LEU A 18 6.02 0.36 6.13
N MET A 19 6.59 -0.60 5.39
CA MET A 19 7.26 -1.75 6.00
C MET A 19 8.46 -1.33 6.85
N LEU A 20 9.06 -0.17 6.56
CA LEU A 20 10.08 0.44 7.41
C LEU A 20 9.40 1.28 8.49
N ASP A 21 8.73 2.35 8.06
CA ASP A 21 8.19 3.43 8.90
C ASP A 21 6.69 3.26 9.08
N ASN A 22 6.32 2.58 10.16
CA ASN A 22 4.94 2.24 10.47
C ASN A 22 4.16 3.47 10.93
N GLU A 23 4.80 4.48 11.53
CA GLU A 23 4.11 5.68 12.00
C GLU A 23 3.67 6.58 10.83
N ARG A 24 4.28 6.49 9.65
CA ARG A 24 3.78 7.21 8.49
C ARG A 24 2.50 6.57 7.96
N TRP A 25 2.02 5.48 8.54
CA TRP A 25 0.70 4.95 8.26
C TRP A 25 -0.36 6.03 8.32
N ASP A 26 -0.37 6.86 9.37
CA ASP A 26 -1.39 7.89 9.52
C ASP A 26 -1.27 8.97 8.45
N ASP A 27 -0.04 9.23 8.03
CA ASP A 27 0.34 10.25 7.06
C ASP A 27 0.01 9.85 5.64
N VAL A 28 -0.01 8.56 5.42
CA VAL A 28 -0.52 7.91 4.23
C VAL A 28 -2.04 7.92 4.34
N ALA A 29 -2.62 7.41 5.43
CA ALA A 29 -4.04 7.24 5.59
C ALA A 29 -4.83 8.56 5.57
N GLU A 30 -4.16 9.69 5.80
CA GLU A 30 -4.79 11.00 5.72
C GLU A 30 -4.94 11.46 4.26
N ARG A 31 -4.15 10.85 3.35
CA ARG A 31 -4.24 11.05 1.92
C ARG A 31 -5.12 9.97 1.31
N VAL A 32 -4.84 8.70 1.60
CA VAL A 32 -5.42 7.54 0.91
C VAL A 32 -6.04 6.51 1.83
N VAL A 33 -6.71 5.51 1.26
CA VAL A 33 -7.22 4.29 1.89
C VAL A 33 -7.10 3.16 0.86
N ALA A 34 -7.33 1.90 1.28
CA ALA A 34 -7.33 0.76 0.36
C ALA A 34 -8.36 0.89 -0.75
N ASP A 35 -9.42 1.67 -0.52
CA ASP A 35 -10.46 1.94 -1.52
C ASP A 35 -10.00 2.95 -2.58
N ASP A 36 -9.00 3.78 -2.26
CA ASP A 36 -8.42 4.74 -3.19
C ASP A 36 -7.30 4.07 -3.99
N PHE A 37 -6.59 3.11 -3.39
CA PHE A 37 -5.66 2.26 -4.11
C PHE A 37 -6.45 1.47 -5.16
N TYR A 38 -5.86 1.27 -6.34
CA TYR A 38 -6.50 0.61 -7.47
C TYR A 38 -5.98 -0.82 -7.62
N THR A 39 -4.68 -1.05 -7.45
CA THR A 39 -4.05 -2.31 -7.81
C THR A 39 -4.39 -3.41 -6.80
N ARG A 40 -4.97 -4.52 -7.26
CA ARG A 40 -5.47 -5.60 -6.39
C ARG A 40 -4.55 -6.01 -5.25
N PRO A 41 -3.29 -6.42 -5.47
CA PRO A 41 -2.42 -6.83 -4.37
C PRO A 41 -2.06 -5.64 -3.49
N HIS A 42 -1.92 -4.44 -4.06
CA HIS A 42 -1.66 -3.24 -3.26
C HIS A 42 -2.85 -2.96 -2.33
N ARG A 43 -4.10 -3.11 -2.80
CA ARG A 43 -5.29 -2.95 -1.97
C ARG A 43 -5.29 -3.96 -0.83
N HIS A 44 -5.06 -5.24 -1.14
CA HIS A 44 -4.94 -6.30 -0.14
C HIS A 44 -3.92 -5.92 0.94
N ILE A 45 -2.72 -5.52 0.53
CA ILE A 45 -1.65 -5.14 1.44
C ILE A 45 -2.13 -3.98 2.31
N PHE A 46 -2.66 -2.90 1.72
CA PHE A 46 -3.16 -1.76 2.47
C PHE A 46 -4.23 -2.20 3.46
N THR A 47 -5.16 -3.06 3.05
CA THR A 47 -6.21 -3.58 3.91
C THR A 47 -5.61 -4.37 5.07
N GLU A 48 -4.53 -5.11 4.85
CA GLU A 48 -3.88 -5.87 5.90
C GLU A 48 -3.09 -4.95 6.84
N MET A 49 -2.39 -3.95 6.31
CA MET A 49 -1.66 -2.98 7.10
C MET A 49 -2.65 -2.22 7.99
N ALA A 50 -3.78 -1.80 7.44
CA ALA A 50 -4.87 -1.20 8.18
C ALA A 50 -5.34 -2.14 9.27
N ARG A 51 -5.65 -3.41 8.92
CA ARG A 51 -6.08 -4.43 9.87
C ARG A 51 -5.07 -4.62 11.00
N LEU A 52 -3.77 -4.69 10.70
CA LEU A 52 -2.71 -4.88 11.67
C LEU A 52 -2.62 -3.68 12.59
N GLN A 53 -2.67 -2.47 12.05
CA GLN A 53 -2.63 -1.25 12.85
C GLN A 53 -3.87 -1.18 13.73
N GLU A 54 -5.03 -1.54 13.21
CA GLU A 54 -6.30 -1.69 13.93
C GLU A 54 -6.18 -2.77 15.02
N SER A 55 -5.35 -3.80 14.82
CA SER A 55 -4.95 -4.80 15.78
C SER A 55 -3.77 -4.36 16.67
N GLY A 56 -3.32 -3.11 16.61
CA GLY A 56 -2.28 -2.58 17.49
C GLY A 56 -0.96 -3.28 17.24
N SER A 57 -0.71 -3.64 15.98
CA SER A 57 0.41 -4.46 15.55
C SER A 57 1.18 -3.79 14.40
N PRO A 58 2.49 -4.09 14.24
CA PRO A 58 3.30 -3.51 13.19
C PRO A 58 2.82 -3.88 11.80
N ILE A 59 3.30 -3.12 10.82
CA ILE A 59 3.01 -3.29 9.40
C ILE A 59 4.31 -3.59 8.62
N ASP A 60 5.31 -4.14 9.31
CA ASP A 60 6.51 -4.69 8.68
C ASP A 60 6.15 -5.88 7.77
N LEU A 61 7.04 -6.22 6.83
CA LEU A 61 6.87 -7.32 5.89
C LEU A 61 6.52 -8.64 6.57
N ILE A 62 7.27 -9.10 7.58
CA ILE A 62 7.04 -10.42 8.13
C ILE A 62 5.65 -10.45 8.77
N THR A 63 5.35 -9.42 9.57
CA THR A 63 4.07 -9.28 10.25
C THR A 63 2.94 -9.29 9.22
N LEU A 64 3.08 -8.48 8.16
CA LEU A 64 2.17 -8.33 7.05
C LEU A 64 1.88 -9.67 6.39
N ALA A 65 2.94 -10.31 5.89
CA ALA A 65 2.81 -11.53 5.12
C ALA A 65 2.05 -12.58 5.92
N GLU A 66 2.45 -12.80 7.18
CA GLU A 66 1.80 -13.74 8.08
C GLU A 66 0.38 -13.33 8.45
N SER A 67 0.06 -12.04 8.47
CA SER A 67 -1.30 -11.59 8.71
C SER A 67 -2.17 -12.00 7.51
N LEU A 68 -1.68 -11.75 6.29
CA LEU A 68 -2.31 -12.18 5.05
C LEU A 68 -2.39 -13.70 4.94
N GLU A 69 -1.41 -14.46 5.42
CA GLU A 69 -1.51 -15.92 5.49
C GLU A 69 -2.64 -16.35 6.40
N ARG A 70 -2.76 -15.72 7.56
CA ARG A 70 -3.87 -16.01 8.45
C ARG A 70 -5.20 -15.61 7.82
N GLN A 71 -5.24 -14.65 6.88
CA GLN A 71 -6.43 -14.40 6.06
C GLN A 71 -6.53 -15.39 4.89
N GLY A 72 -5.48 -16.15 4.55
CA GLY A 72 -5.50 -17.07 3.41
C GLY A 72 -5.28 -16.35 2.08
N GLN A 73 -4.66 -15.17 2.13
CA GLN A 73 -4.54 -14.22 1.02
C GLN A 73 -3.08 -13.89 0.69
N LEU A 74 -2.09 -14.61 1.25
CA LEU A 74 -0.69 -14.39 0.91
C LEU A 74 -0.46 -14.60 -0.59
N ASP A 75 -1.04 -15.66 -1.15
CA ASP A 75 -0.96 -15.90 -2.59
C ASP A 75 -1.68 -14.79 -3.37
N SER A 76 -2.81 -14.29 -2.88
CA SER A 76 -3.53 -13.14 -3.43
C SER A 76 -2.72 -11.83 -3.40
N VAL A 77 -1.55 -11.79 -2.77
CA VAL A 77 -0.63 -10.67 -2.78
C VAL A 77 0.75 -11.04 -3.34
N GLY A 78 0.87 -12.19 -4.02
CA GLY A 78 2.07 -12.54 -4.75
C GLY A 78 3.01 -13.47 -3.96
N GLY A 79 2.45 -14.30 -3.09
CA GLY A 79 3.15 -15.40 -2.45
C GLY A 79 4.31 -15.06 -1.53
N PHE A 80 4.36 -13.86 -0.96
CA PHE A 80 5.47 -13.29 -0.16
C PHE A 80 6.52 -12.72 -1.09
N ALA A 81 6.93 -13.45 -2.13
CA ALA A 81 8.03 -13.03 -2.99
C ALA A 81 7.76 -11.67 -3.62
N TYR A 82 6.52 -11.39 -4.01
CA TYR A 82 6.14 -10.07 -4.52
C TYR A 82 6.28 -9.00 -3.43
N LEU A 83 5.84 -9.31 -2.21
CA LEU A 83 5.94 -8.38 -1.08
C LEU A 83 7.40 -8.03 -0.80
N ALA A 84 8.29 -9.03 -0.90
CA ALA A 84 9.70 -8.82 -0.71
C ALA A 84 10.28 -7.91 -1.78
N GLU A 85 9.83 -8.04 -3.03
CA GLU A 85 10.19 -7.13 -4.11
C GLU A 85 9.70 -5.71 -3.83
N LEU A 86 8.46 -5.56 -3.37
CA LEU A 86 7.92 -4.26 -2.96
C LEU A 86 8.78 -3.65 -1.87
N SER A 87 9.17 -4.44 -0.86
CA SER A 87 10.07 -4.05 0.20
C SER A 87 11.43 -3.64 -0.38
N LYS A 88 11.97 -4.38 -1.35
CA LYS A 88 13.26 -4.09 -1.95
C LYS A 88 13.26 -2.80 -2.74
N ASN A 89 12.13 -2.45 -3.35
CA ASN A 89 12.03 -1.32 -4.27
C ASN A 89 11.68 -0.01 -3.58
N THR A 90 11.81 0.01 -2.26
CA THR A 90 11.33 1.07 -1.38
C THR A 90 12.23 2.31 -1.49
N PRO A 91 11.69 3.48 -1.92
CA PRO A 91 12.41 4.75 -1.86
C PRO A 91 12.44 5.37 -0.46
N SER A 92 11.90 4.67 0.54
CA SER A 92 11.94 4.96 1.96
C SER A 92 11.25 6.28 2.35
N ALA A 93 11.23 6.57 3.66
CA ALA A 93 10.67 7.77 4.26
C ALA A 93 11.53 8.99 3.92
N ALA A 94 11.45 9.39 2.65
CA ALA A 94 12.03 10.59 2.09
C ALA A 94 11.11 11.19 1.02
N ASN A 95 9.92 10.61 0.80
CA ASN A 95 8.90 11.08 -0.14
C ASN A 95 7.52 10.44 0.10
N ILE A 96 7.31 9.71 1.20
CA ILE A 96 6.12 8.87 1.40
C ILE A 96 4.84 9.69 1.34
N SER A 97 4.80 10.87 1.96
CA SER A 97 3.66 11.78 1.87
C SER A 97 3.37 12.13 0.43
N ALA A 98 4.40 12.47 -0.35
CA ALA A 98 4.26 12.88 -1.74
C ALA A 98 3.74 11.72 -2.59
N TYR A 99 4.26 10.50 -2.39
CA TYR A 99 3.76 9.33 -3.10
C TYR A 99 2.30 9.05 -2.72
N ALA A 100 1.93 9.14 -1.45
CA ALA A 100 0.54 8.94 -1.02
C ALA A 100 -0.37 10.02 -1.60
N ASP A 101 0.11 11.27 -1.66
CA ASP A 101 -0.58 12.38 -2.30
C ASP A 101 -0.81 12.08 -3.77
N ILE A 102 0.19 11.53 -4.46
CA ILE A 102 0.11 11.14 -5.86
C ILE A 102 -0.96 10.06 -6.04
N VAL A 103 -0.99 9.02 -5.19
CA VAL A 103 -2.02 7.99 -5.28
C VAL A 103 -3.39 8.63 -5.07
N ARG A 104 -3.56 9.47 -4.04
CA ARG A 104 -4.78 10.23 -3.80
C ARG A 104 -5.14 11.05 -5.04
N GLU A 105 -4.18 11.67 -5.72
CA GLU A 105 -4.40 12.43 -6.93
C GLU A 105 -5.07 11.54 -7.97
N ARG A 106 -4.55 10.32 -8.19
CA ARG A 106 -5.13 9.43 -9.21
C ARG A 106 -6.48 8.88 -8.76
N ALA A 107 -6.70 8.69 -7.46
CA ALA A 107 -8.02 8.36 -6.94
C ALA A 107 -8.99 9.52 -7.21
N VAL A 108 -8.57 10.77 -7.00
CA VAL A 108 -9.38 11.93 -7.30
C VAL A 108 -9.64 12.05 -8.80
N VAL A 109 -8.72 11.63 -9.67
CA VAL A 109 -9.01 11.58 -11.11
C VAL A 109 -10.14 10.57 -11.39
N ARG A 110 -10.24 9.48 -10.63
CA ARG A 110 -11.40 8.57 -10.72
C ARG A 110 -12.67 9.27 -10.24
N GLU A 111 -12.62 9.91 -9.08
CA GLU A 111 -13.79 10.53 -8.47
C GLU A 111 -14.31 11.70 -9.31
N MET A 112 -13.42 12.44 -9.98
CA MET A 112 -13.75 13.52 -10.90
C MET A 112 -14.12 13.04 -12.31
N ILE A 113 -13.88 11.76 -12.62
CA ILE A 113 -13.98 11.13 -13.93
C ILE A 113 -13.01 11.77 -14.94
N SER A 114 -11.91 11.07 -15.22
CA SER A 114 -11.02 11.39 -16.33
C SER A 114 -11.77 11.27 -17.64
N MET A 1 -13.68 10.83 -21.94
CA MET A 1 -13.34 9.40 -21.86
C MET A 1 -12.05 9.22 -21.07
N LYS A 2 -12.06 9.55 -19.76
CA LYS A 2 -10.85 9.60 -18.94
C LYS A 2 -10.30 8.21 -18.71
N VAL A 3 -9.21 7.86 -19.38
CA VAL A 3 -8.47 6.65 -19.05
C VAL A 3 -7.58 7.11 -17.88
N PRO A 4 -7.66 6.50 -16.70
CA PRO A 4 -6.74 6.84 -15.63
C PRO A 4 -5.32 6.41 -16.04
N PRO A 5 -4.29 7.21 -15.74
CA PRO A 5 -2.91 6.78 -16.00
C PRO A 5 -2.45 5.77 -14.94
N HIS A 6 -3.18 5.67 -13.82
CA HIS A 6 -2.81 4.97 -12.60
C HIS A 6 -1.47 5.54 -12.11
N SER A 7 -1.00 5.06 -10.98
CA SER A 7 0.34 5.29 -10.47
C SER A 7 0.66 4.05 -9.66
N ILE A 8 0.65 2.91 -10.35
CA ILE A 8 0.97 1.58 -9.84
C ILE A 8 2.23 1.70 -9.00
N GLU A 9 3.30 2.25 -9.56
CA GLU A 9 4.56 2.34 -8.86
C GLU A 9 4.53 3.27 -7.65
N ALA A 10 3.78 4.38 -7.71
CA ALA A 10 3.60 5.23 -6.54
C ALA A 10 2.85 4.45 -5.45
N GLU A 11 1.79 3.72 -5.82
CA GLU A 11 1.05 2.81 -4.96
C GLU A 11 2.03 1.80 -4.33
N GLN A 12 2.89 1.17 -5.14
CA GLN A 12 3.91 0.24 -4.69
C GLN A 12 4.81 0.91 -3.65
N SER A 13 5.42 2.05 -4.01
CA SER A 13 6.41 2.73 -3.18
C SER A 13 5.82 3.29 -1.89
N VAL A 14 4.54 3.65 -1.86
CA VAL A 14 3.84 3.98 -0.63
C VAL A 14 3.83 2.75 0.26
N LEU A 15 3.24 1.65 -0.22
CA LEU A 15 3.00 0.46 0.57
C LEU A 15 4.31 -0.17 1.04
N GLY A 16 5.34 -0.10 0.20
CA GLY A 16 6.71 -0.43 0.53
C GLY A 16 7.29 0.48 1.60
N GLY A 17 7.07 1.80 1.48
CA GLY A 17 7.63 2.78 2.37
C GLY A 17 7.04 2.69 3.78
N LEU A 18 5.84 2.14 3.92
CA LEU A 18 5.26 1.83 5.21
C LEU A 18 6.07 0.75 5.92
N MET A 19 6.51 -0.29 5.20
CA MET A 19 7.36 -1.34 5.77
C MET A 19 8.74 -0.77 6.15
N LEU A 20 9.17 0.31 5.50
CA LEU A 20 10.40 1.02 5.87
C LEU A 20 10.21 1.85 7.14
N ASP A 21 9.07 2.50 7.29
CA ASP A 21 8.80 3.51 8.31
C ASP A 21 7.33 3.55 8.69
N ASN A 22 7.01 2.91 9.83
CA ASN A 22 5.64 2.74 10.30
C ASN A 22 4.97 4.06 10.66
N GLU A 23 5.71 5.11 11.03
CA GLU A 23 5.06 6.39 11.39
C GLU A 23 4.57 7.12 10.13
N ARG A 24 4.99 6.70 8.94
CA ARG A 24 4.42 7.21 7.70
C ARG A 24 3.03 6.64 7.47
N TRP A 25 2.57 5.63 8.24
CA TRP A 25 1.19 5.17 8.19
C TRP A 25 0.23 6.33 8.35
N ASP A 26 0.45 7.16 9.38
CA ASP A 26 -0.43 8.28 9.67
C ASP A 26 -0.42 9.32 8.57
N ASP A 27 0.68 9.38 7.81
CA ASP A 27 0.85 10.37 6.75
C ASP A 27 0.16 9.89 5.48
N VAL A 28 0.35 8.62 5.16
CA VAL A 28 -0.28 7.94 4.06
C VAL A 28 -1.79 7.90 4.33
N ALA A 29 -2.25 7.31 5.43
CA ALA A 29 -3.66 7.20 5.78
C ALA A 29 -4.34 8.54 6.05
N GLU A 30 -3.60 9.63 6.21
CA GLU A 30 -4.16 10.96 6.25
C GLU A 30 -4.56 11.40 4.84
N ARG A 31 -3.82 10.95 3.82
CA ARG A 31 -4.04 11.35 2.43
C ARG A 31 -4.99 10.37 1.77
N VAL A 32 -4.74 9.07 1.91
CA VAL A 32 -5.41 8.04 1.14
C VAL A 32 -6.14 7.05 2.05
N VAL A 33 -6.93 6.16 1.46
CA VAL A 33 -7.60 5.04 2.08
C VAL A 33 -7.35 3.79 1.23
N ALA A 34 -7.69 2.58 1.70
CA ALA A 34 -7.52 1.38 0.88
C ALA A 34 -8.32 1.50 -0.42
N ASP A 35 -9.48 2.16 -0.36
CA ASP A 35 -10.41 2.33 -1.48
C ASP A 35 -9.81 3.13 -2.65
N ASP A 36 -8.69 3.82 -2.43
CA ASP A 36 -7.97 4.60 -3.43
C ASP A 36 -7.06 3.71 -4.29
N PHE A 37 -6.61 2.57 -3.75
CA PHE A 37 -5.67 1.67 -4.41
C PHE A 37 -6.48 0.76 -5.33
N TYR A 38 -6.59 1.14 -6.61
CA TYR A 38 -7.32 0.42 -7.63
C TYR A 38 -6.82 -1.02 -7.75
N THR A 39 -5.50 -1.19 -7.67
CA THR A 39 -4.80 -2.42 -7.93
C THR A 39 -5.03 -3.38 -6.76
N ARG A 40 -5.73 -4.49 -6.98
CA ARG A 40 -6.16 -5.42 -5.93
C ARG A 40 -5.01 -5.87 -5.01
N PRO A 41 -3.82 -6.31 -5.48
CA PRO A 41 -2.75 -6.67 -4.55
C PRO A 41 -2.20 -5.48 -3.78
N HIS A 42 -2.20 -4.27 -4.36
CA HIS A 42 -1.81 -3.06 -3.63
C HIS A 42 -2.84 -2.79 -2.53
N ARG A 43 -4.14 -2.91 -2.84
CA ARG A 43 -5.24 -2.78 -1.90
C ARG A 43 -5.05 -3.72 -0.73
N HIS A 44 -4.82 -5.00 -1.02
CA HIS A 44 -4.62 -6.03 -0.01
C HIS A 44 -3.57 -5.68 1.02
N ILE A 45 -2.51 -4.95 0.65
CA ILE A 45 -1.50 -4.53 1.61
C ILE A 45 -2.16 -3.54 2.57
N PHE A 46 -2.73 -2.45 2.08
CA PHE A 46 -3.40 -1.45 2.93
C PHE A 46 -4.47 -2.13 3.80
N THR A 47 -5.28 -3.01 3.21
CA THR A 47 -6.29 -3.78 3.93
C THR A 47 -5.65 -4.52 5.09
N GLU A 48 -4.70 -5.43 4.85
CA GLU A 48 -4.26 -6.29 5.93
C GLU A 48 -3.40 -5.52 6.94
N MET A 49 -2.73 -4.45 6.51
CA MET A 49 -2.07 -3.51 7.42
C MET A 49 -3.12 -2.90 8.37
N ALA A 50 -4.19 -2.31 7.85
CA ALA A 50 -5.26 -1.74 8.69
C ALA A 50 -5.98 -2.83 9.50
N ARG A 51 -6.10 -4.04 8.96
CA ARG A 51 -6.68 -5.20 9.65
C ARG A 51 -5.85 -5.51 10.90
N LEU A 52 -4.53 -5.56 10.78
CA LEU A 52 -3.62 -5.78 11.88
C LEU A 52 -3.67 -4.64 12.87
N GLN A 53 -3.71 -3.41 12.39
CA GLN A 53 -3.76 -2.22 13.24
C GLN A 53 -5.02 -2.21 14.10
N GLU A 54 -6.10 -2.82 13.61
CA GLU A 54 -7.29 -3.05 14.41
C GLU A 54 -6.93 -3.80 15.70
N SER A 55 -6.07 -4.81 15.62
CA SER A 55 -5.61 -5.54 16.80
C SER A 55 -4.45 -4.83 17.51
N GLY A 56 -4.08 -3.63 17.08
CA GLY A 56 -2.94 -2.90 17.60
C GLY A 56 -1.62 -3.54 17.16
N SER A 57 -1.67 -4.47 16.22
CA SER A 57 -0.47 -5.13 15.71
C SER A 57 0.22 -4.17 14.73
N PRO A 58 1.54 -4.32 14.50
CA PRO A 58 2.23 -3.51 13.52
C PRO A 58 1.78 -3.86 12.11
N ILE A 59 2.11 -2.99 11.18
CA ILE A 59 1.93 -3.17 9.74
C ILE A 59 3.21 -3.74 9.10
N ASP A 60 4.12 -4.23 9.94
CA ASP A 60 5.46 -4.68 9.57
C ASP A 60 5.36 -5.88 8.64
N LEU A 61 6.29 -6.00 7.68
CA LEU A 61 6.27 -7.02 6.64
C LEU A 61 6.01 -8.41 7.20
N ILE A 62 6.74 -8.84 8.23
CA ILE A 62 6.59 -10.19 8.73
C ILE A 62 5.18 -10.39 9.27
N THR A 63 4.75 -9.55 10.21
CA THR A 63 3.41 -9.60 10.77
C THR A 63 2.32 -9.55 9.68
N LEU A 64 2.48 -8.65 8.71
CA LEU A 64 1.63 -8.49 7.54
C LEU A 64 1.52 -9.76 6.74
N ALA A 65 2.64 -10.28 6.27
CA ALA A 65 2.72 -11.48 5.44
C ALA A 65 2.13 -12.68 6.18
N GLU A 66 2.40 -12.78 7.49
CA GLU A 66 1.83 -13.79 8.35
C GLU A 66 0.31 -13.65 8.39
N SER A 67 -0.21 -12.42 8.49
CA SER A 67 -1.64 -12.14 8.54
C SER A 67 -2.28 -12.50 7.21
N LEU A 68 -1.62 -12.16 6.10
CA LEU A 68 -2.08 -12.51 4.76
C LEU A 68 -2.15 -14.03 4.63
N GLU A 69 -1.19 -14.78 5.17
CA GLU A 69 -1.29 -16.21 5.25
C GLU A 69 -2.45 -16.68 6.14
N ARG A 70 -2.77 -16.00 7.24
CA ARG A 70 -3.96 -16.31 8.05
C ARG A 70 -5.23 -16.02 7.27
N GLN A 71 -5.21 -15.10 6.31
CA GLN A 71 -6.30 -14.90 5.35
C GLN A 71 -6.26 -15.93 4.22
N GLY A 72 -5.14 -16.64 4.00
CA GLY A 72 -4.94 -17.51 2.85
C GLY A 72 -4.66 -16.72 1.57
N GLN A 73 -4.28 -15.44 1.69
CA GLN A 73 -4.15 -14.48 0.60
C GLN A 73 -2.69 -14.21 0.22
N LEU A 74 -1.71 -14.83 0.87
CA LEU A 74 -0.29 -14.54 0.63
C LEU A 74 0.07 -14.77 -0.84
N ASP A 75 -0.26 -15.94 -1.41
CA ASP A 75 -0.14 -16.20 -2.85
C ASP A 75 -0.91 -15.16 -3.68
N SER A 76 -2.12 -14.81 -3.25
CA SER A 76 -3.02 -13.90 -3.95
C SER A 76 -2.50 -12.47 -4.05
N VAL A 77 -1.43 -12.12 -3.32
CA VAL A 77 -0.79 -10.80 -3.42
C VAL A 77 0.59 -10.90 -4.06
N GLY A 78 1.02 -12.08 -4.49
CA GLY A 78 2.28 -12.30 -5.19
C GLY A 78 3.33 -13.01 -4.34
N GLY A 79 2.93 -13.55 -3.19
CA GLY A 79 3.81 -14.28 -2.30
C GLY A 79 4.66 -13.34 -1.46
N PHE A 80 5.41 -13.94 -0.52
CA PHE A 80 6.30 -13.20 0.37
C PHE A 80 7.35 -12.43 -0.44
N ALA A 81 7.78 -12.97 -1.59
CA ALA A 81 8.75 -12.30 -2.46
C ALA A 81 8.23 -10.95 -2.93
N TYR A 82 6.97 -10.86 -3.38
CA TYR A 82 6.43 -9.59 -3.86
C TYR A 82 6.37 -8.57 -2.72
N LEU A 83 5.96 -8.98 -1.53
CA LEU A 83 5.93 -8.07 -0.39
C LEU A 83 7.34 -7.62 -0.02
N ALA A 84 8.33 -8.52 -0.04
CA ALA A 84 9.71 -8.18 0.27
C ALA A 84 10.30 -7.24 -0.79
N GLU A 85 9.97 -7.45 -2.06
CA GLU A 85 10.33 -6.56 -3.15
C GLU A 85 9.77 -5.18 -2.86
N LEU A 86 8.46 -5.09 -2.61
CA LEU A 86 7.79 -3.83 -2.29
C LEU A 86 8.45 -3.15 -1.10
N SER A 87 8.85 -3.89 -0.07
CA SER A 87 9.51 -3.36 1.11
C SER A 87 10.82 -2.63 0.79
N LYS A 88 11.38 -2.81 -0.42
CA LYS A 88 12.53 -2.02 -0.88
C LYS A 88 12.25 -1.35 -2.22
N ASN A 89 11.01 -1.30 -2.69
CA ASN A 89 10.60 -0.59 -3.91
C ASN A 89 10.35 0.89 -3.62
N THR A 90 11.06 1.45 -2.64
CA THR A 90 10.92 2.82 -2.20
C THR A 90 12.32 3.33 -1.88
N PRO A 91 12.73 4.52 -2.36
CA PRO A 91 13.95 5.16 -1.90
C PRO A 91 13.75 5.57 -0.44
N SER A 92 14.13 4.70 0.50
CA SER A 92 14.25 4.94 1.94
C SER A 92 13.03 5.61 2.61
N ALA A 93 11.81 5.46 2.06
CA ALA A 93 10.62 6.24 2.45
C ALA A 93 10.87 7.76 2.45
N ALA A 94 11.90 8.23 1.75
CA ALA A 94 12.30 9.63 1.65
C ALA A 94 11.39 10.45 0.73
N ASN A 95 10.70 9.76 -0.19
CA ASN A 95 9.80 10.35 -1.19
C ASN A 95 8.36 9.85 -0.95
N ILE A 96 8.11 9.22 0.21
CA ILE A 96 6.89 8.49 0.52
C ILE A 96 5.69 9.42 0.50
N SER A 97 5.84 10.60 1.08
CA SER A 97 4.82 11.63 1.15
C SER A 97 4.43 12.11 -0.24
N ALA A 98 5.41 12.21 -1.15
CA ALA A 98 5.20 12.61 -2.53
C ALA A 98 4.48 11.51 -3.30
N TYR A 99 4.86 10.24 -3.11
CA TYR A 99 4.16 9.15 -3.75
C TYR A 99 2.71 9.07 -3.26
N ALA A 100 2.47 9.23 -1.96
CA ALA A 100 1.11 9.22 -1.40
C ALA A 100 0.26 10.35 -1.97
N ASP A 101 0.86 11.52 -2.19
CA ASP A 101 0.23 12.67 -2.85
C ASP A 101 -0.21 12.27 -4.26
N ILE A 102 0.69 11.62 -5.01
CA ILE A 102 0.46 11.13 -6.36
C ILE A 102 -0.68 10.11 -6.35
N VAL A 103 -0.69 9.12 -5.44
CA VAL A 103 -1.79 8.17 -5.33
C VAL A 103 -3.10 8.93 -5.09
N ARG A 104 -3.12 9.90 -4.17
CA ARG A 104 -4.34 10.66 -3.92
C ARG A 104 -4.79 11.42 -5.16
N GLU A 105 -3.89 11.95 -5.99
CA GLU A 105 -4.25 12.63 -7.25
C GLU A 105 -4.96 11.65 -8.20
N ARG A 106 -4.47 10.41 -8.26
CA ARG A 106 -5.12 9.36 -9.04
C ARG A 106 -6.50 9.05 -8.47
N ALA A 107 -6.64 8.92 -7.14
CA ALA A 107 -7.91 8.65 -6.49
C ALA A 107 -8.88 9.83 -6.63
N VAL A 108 -8.38 11.06 -6.65
CA VAL A 108 -9.15 12.25 -6.98
C VAL A 108 -9.77 12.07 -8.36
N VAL A 109 -9.02 11.66 -9.38
CA VAL A 109 -9.59 11.36 -10.70
C VAL A 109 -10.50 10.12 -10.66
N ARG A 110 -10.33 9.22 -9.70
CA ARG A 110 -11.23 8.09 -9.50
C ARG A 110 -12.62 8.53 -9.06
N GLU A 111 -12.72 9.46 -8.12
CA GLU A 111 -14.02 9.96 -7.68
C GLU A 111 -14.51 11.07 -8.62
N MET A 112 -13.64 12.03 -8.94
CA MET A 112 -13.86 13.13 -9.87
C MET A 112 -13.67 12.63 -11.32
N ILE A 113 -14.24 11.48 -11.65
CA ILE A 113 -14.35 10.99 -13.02
C ILE A 113 -15.11 12.03 -13.87
N SER A 114 -14.38 12.83 -14.64
CA SER A 114 -14.89 13.71 -15.67
C SER A 114 -13.86 13.65 -16.80
N MET A 1 -6.07 8.78 -27.55
CA MET A 1 -5.28 8.32 -26.40
C MET A 1 -5.93 8.81 -25.13
N LYS A 2 -6.41 7.89 -24.30
CA LYS A 2 -6.89 8.17 -22.95
C LYS A 2 -6.68 6.93 -22.11
N VAL A 3 -6.07 7.08 -20.95
CA VAL A 3 -5.77 6.02 -19.99
C VAL A 3 -5.89 6.68 -18.61
N PRO A 4 -6.24 5.97 -17.53
CA PRO A 4 -6.13 6.53 -16.19
C PRO A 4 -4.64 6.80 -15.88
N PRO A 5 -4.32 7.84 -15.09
CA PRO A 5 -2.94 8.20 -14.71
C PRO A 5 -2.34 7.25 -13.66
N HIS A 6 -2.80 6.00 -13.60
CA HIS A 6 -2.40 5.00 -12.64
C HIS A 6 -0.87 4.83 -12.64
N SER A 7 -0.27 4.84 -11.45
CA SER A 7 1.16 4.72 -11.26
C SER A 7 1.38 3.63 -10.23
N ILE A 8 1.41 2.38 -10.71
CA ILE A 8 1.63 1.19 -9.89
C ILE A 8 2.86 1.40 -9.03
N GLU A 9 3.97 1.84 -9.59
CA GLU A 9 5.20 2.03 -8.82
C GLU A 9 5.12 3.13 -7.77
N ALA A 10 4.34 4.17 -8.02
CA ALA A 10 4.01 5.16 -6.99
C ALA A 10 3.23 4.49 -5.85
N GLU A 11 2.24 3.65 -6.18
CA GLU A 11 1.52 2.84 -5.21
C GLU A 11 2.50 1.94 -4.44
N GLN A 12 3.45 1.28 -5.12
CA GLN A 12 4.48 0.47 -4.47
C GLN A 12 5.28 1.32 -3.48
N SER A 13 5.68 2.53 -3.90
CA SER A 13 6.57 3.40 -3.16
C SER A 13 6.01 3.74 -1.77
N VAL A 14 4.69 3.86 -1.66
CA VAL A 14 4.03 4.09 -0.38
C VAL A 14 4.06 2.82 0.46
N LEU A 15 3.57 1.70 -0.09
CA LEU A 15 3.37 0.46 0.66
C LEU A 15 4.69 -0.14 1.13
N GLY A 16 5.74 0.00 0.34
CA GLY A 16 7.10 -0.33 0.75
C GLY A 16 7.60 0.67 1.79
N GLY A 17 7.27 1.96 1.61
CA GLY A 17 7.60 3.03 2.54
C GLY A 17 7.09 2.75 3.96
N LEU A 18 5.89 2.18 4.09
CA LEU A 18 5.28 1.85 5.38
C LEU A 18 6.08 0.81 6.16
N MET A 19 6.72 -0.13 5.47
CA MET A 19 7.61 -1.14 6.06
C MET A 19 8.95 -0.51 6.44
N LEU A 20 9.35 0.58 5.77
CA LEU A 20 10.56 1.34 6.04
C LEU A 20 10.39 2.24 7.26
N ASP A 21 9.27 2.94 7.33
CA ASP A 21 9.00 4.02 8.27
C ASP A 21 7.55 3.97 8.71
N ASN A 22 7.33 3.22 9.78
CA ASN A 22 5.99 2.85 10.24
C ASN A 22 5.14 4.06 10.63
N GLU A 23 5.77 5.18 11.04
CA GLU A 23 4.98 6.36 11.46
C GLU A 23 4.18 6.94 10.30
N ARG A 24 4.58 6.62 9.07
CA ARG A 24 3.93 7.09 7.87
C ARG A 24 2.61 6.36 7.66
N TRP A 25 2.26 5.36 8.46
CA TRP A 25 0.91 4.82 8.43
C TRP A 25 -0.10 5.93 8.57
N ASP A 26 0.08 6.80 9.57
CA ASP A 26 -0.85 7.89 9.80
C ASP A 26 -0.86 8.91 8.69
N ASP A 27 0.24 9.04 7.95
CA ASP A 27 0.34 9.98 6.84
C ASP A 27 -0.49 9.44 5.70
N VAL A 28 -0.21 8.19 5.37
CA VAL A 28 -0.81 7.47 4.28
C VAL A 28 -2.31 7.31 4.56
N ALA A 29 -2.73 6.93 5.77
CA ALA A 29 -4.14 6.84 6.14
C ALA A 29 -4.83 8.21 6.13
N GLU A 30 -4.07 9.31 6.25
CA GLU A 30 -4.54 10.68 6.14
C GLU A 30 -4.51 11.18 4.70
N ARG A 31 -4.08 10.34 3.74
CA ARG A 31 -4.18 10.63 2.32
C ARG A 31 -5.15 9.69 1.64
N VAL A 32 -5.17 8.41 2.01
CA VAL A 32 -5.87 7.40 1.25
C VAL A 32 -6.51 6.30 2.10
N VAL A 33 -7.23 5.42 1.41
CA VAL A 33 -7.78 4.14 1.85
C VAL A 33 -7.31 3.10 0.83
N ALA A 34 -7.53 1.80 1.08
CA ALA A 34 -7.16 0.78 0.11
C ALA A 34 -7.85 1.00 -1.24
N ASP A 35 -9.08 1.52 -1.22
CA ASP A 35 -9.89 1.73 -2.43
C ASP A 35 -9.32 2.82 -3.34
N ASP A 36 -8.31 3.58 -2.89
CA ASP A 36 -7.63 4.61 -3.66
C ASP A 36 -6.46 4.01 -4.44
N PHE A 37 -5.92 2.86 -4.01
CA PHE A 37 -4.96 2.08 -4.77
C PHE A 37 -5.75 1.32 -5.84
N TYR A 38 -5.26 1.26 -7.06
CA TYR A 38 -5.96 0.58 -8.15
C TYR A 38 -5.75 -0.94 -8.05
N THR A 39 -4.49 -1.32 -7.86
CA THR A 39 -3.95 -2.65 -7.97
C THR A 39 -4.37 -3.52 -6.78
N ARG A 40 -5.05 -4.64 -7.03
CA ARG A 40 -5.60 -5.53 -5.98
C ARG A 40 -4.54 -5.94 -4.95
N PRO A 41 -3.34 -6.42 -5.33
CA PRO A 41 -2.32 -6.77 -4.35
C PRO A 41 -1.76 -5.54 -3.61
N HIS A 42 -1.84 -4.33 -4.19
CA HIS A 42 -1.52 -3.10 -3.46
C HIS A 42 -2.64 -2.80 -2.45
N ARG A 43 -3.92 -2.89 -2.85
CA ARG A 43 -5.08 -2.65 -1.98
C ARG A 43 -4.97 -3.52 -0.73
N HIS A 44 -4.70 -4.82 -0.94
CA HIS A 44 -4.53 -5.82 0.10
C HIS A 44 -3.66 -5.33 1.24
N ILE A 45 -2.48 -4.78 0.91
CA ILE A 45 -1.48 -4.43 1.89
C ILE A 45 -2.02 -3.31 2.74
N PHE A 46 -2.64 -2.28 2.15
CA PHE A 46 -3.28 -1.23 2.93
C PHE A 46 -4.36 -1.84 3.84
N THR A 47 -5.25 -2.69 3.32
CA THR A 47 -6.33 -3.26 4.11
C THR A 47 -5.78 -4.08 5.28
N GLU A 48 -4.66 -4.75 5.10
CA GLU A 48 -4.07 -5.60 6.11
C GLU A 48 -3.29 -4.79 7.13
N MET A 49 -2.55 -3.76 6.71
CA MET A 49 -1.85 -2.86 7.63
C MET A 49 -2.89 -2.12 8.48
N ALA A 50 -3.98 -1.64 7.87
CA ALA A 50 -5.09 -1.03 8.58
C ALA A 50 -5.68 -1.99 9.58
N ARG A 51 -5.94 -3.24 9.16
CA ARG A 51 -6.46 -4.28 10.03
C ARG A 51 -5.50 -4.53 11.19
N LEU A 52 -4.21 -4.69 10.94
CA LEU A 52 -3.21 -5.04 11.93
C LEU A 52 -3.14 -3.92 12.95
N GLN A 53 -3.03 -2.66 12.54
CA GLN A 53 -2.99 -1.55 13.47
C GLN A 53 -4.26 -1.51 14.32
N GLU A 54 -5.40 -1.72 13.69
CA GLU A 54 -6.70 -1.75 14.35
C GLU A 54 -6.82 -2.94 15.32
N SER A 55 -6.09 -4.03 15.08
CA SER A 55 -5.98 -5.16 15.99
C SER A 55 -4.92 -4.93 17.07
N GLY A 56 -4.16 -3.84 17.00
CA GLY A 56 -3.03 -3.61 17.88
C GLY A 56 -1.95 -4.61 17.53
N SER A 57 -1.46 -4.54 16.30
CA SER A 57 -0.32 -5.33 15.85
C SER A 57 0.56 -4.50 14.91
N PRO A 58 1.86 -4.80 14.81
CA PRO A 58 2.78 -4.17 13.87
C PRO A 58 2.34 -4.30 12.41
N ILE A 59 2.97 -3.51 11.54
CA ILE A 59 2.71 -3.48 10.11
C ILE A 59 3.95 -3.92 9.31
N ASP A 60 4.88 -4.62 9.98
CA ASP A 60 6.10 -5.11 9.34
C ASP A 60 5.76 -6.13 8.25
N LEU A 61 6.71 -6.35 7.35
CA LEU A 61 6.70 -7.34 6.27
C LEU A 61 6.18 -8.68 6.75
N ILE A 62 6.83 -9.26 7.76
CA ILE A 62 6.53 -10.57 8.28
C ILE A 62 5.15 -10.58 8.94
N THR A 63 4.82 -9.54 9.71
CA THR A 63 3.53 -9.43 10.37
C THR A 63 2.40 -9.46 9.33
N LEU A 64 2.57 -8.68 8.26
CA LEU A 64 1.68 -8.56 7.12
C LEU A 64 1.52 -9.90 6.42
N ALA A 65 2.63 -10.49 6.04
CA ALA A 65 2.68 -11.75 5.30
C ALA A 65 1.92 -12.84 6.06
N GLU A 66 2.22 -12.98 7.35
CA GLU A 66 1.54 -13.88 8.26
C GLU A 66 0.04 -13.58 8.28
N SER A 67 -0.32 -12.30 8.43
CA SER A 67 -1.71 -11.90 8.57
C SER A 67 -2.51 -12.24 7.30
N LEU A 68 -1.85 -12.20 6.14
CA LEU A 68 -2.43 -12.58 4.86
C LEU A 68 -2.55 -14.09 4.73
N GLU A 69 -1.53 -14.89 5.06
CA GLU A 69 -1.65 -16.36 4.93
C GLU A 69 -2.67 -16.95 5.89
N ARG A 70 -2.91 -16.34 7.07
CA ARG A 70 -4.02 -16.74 7.94
C ARG A 70 -5.36 -16.61 7.21
N GLN A 71 -5.49 -15.64 6.32
CA GLN A 71 -6.66 -15.43 5.49
C GLN A 71 -6.56 -16.12 4.13
N GLY A 72 -5.51 -16.91 3.88
CA GLY A 72 -5.28 -17.54 2.58
C GLY A 72 -5.19 -16.51 1.46
N GLN A 73 -4.64 -15.31 1.72
CA GLN A 73 -4.54 -14.20 0.79
C GLN A 73 -3.08 -13.81 0.53
N LEU A 74 -2.10 -14.58 1.04
CA LEU A 74 -0.69 -14.31 0.79
C LEU A 74 -0.33 -14.57 -0.67
N ASP A 75 -0.88 -15.63 -1.30
CA ASP A 75 -0.64 -15.83 -2.73
C ASP A 75 -1.42 -14.78 -3.54
N SER A 76 -2.54 -14.32 -3.01
CA SER A 76 -3.38 -13.26 -3.56
C SER A 76 -2.67 -11.89 -3.56
N VAL A 77 -1.52 -11.75 -2.87
CA VAL A 77 -0.66 -10.58 -3.02
C VAL A 77 0.52 -10.94 -3.91
N GLY A 78 0.92 -12.22 -3.91
CA GLY A 78 1.97 -12.78 -4.76
C GLY A 78 2.98 -13.67 -4.01
N GLY A 79 2.82 -13.86 -2.70
CA GLY A 79 3.74 -14.59 -1.84
C GLY A 79 4.60 -13.65 -1.02
N PHE A 80 5.36 -14.21 -0.08
CA PHE A 80 6.29 -13.44 0.74
C PHE A 80 7.32 -12.72 -0.14
N ALA A 81 7.81 -13.36 -1.20
CA ALA A 81 8.79 -12.77 -2.11
C ALA A 81 8.23 -11.54 -2.82
N TYR A 82 6.93 -11.50 -3.12
CA TYR A 82 6.30 -10.32 -3.70
C TYR A 82 6.32 -9.17 -2.70
N LEU A 83 5.93 -9.44 -1.46
CA LEU A 83 5.95 -8.42 -0.40
C LEU A 83 7.38 -7.93 -0.20
N ALA A 84 8.35 -8.85 -0.16
CA ALA A 84 9.76 -8.53 -0.02
C ALA A 84 10.24 -7.67 -1.19
N GLU A 85 9.76 -7.93 -2.40
CA GLU A 85 10.05 -7.11 -3.57
C GLU A 85 9.55 -5.69 -3.33
N LEU A 86 8.30 -5.53 -2.93
CA LEU A 86 7.72 -4.20 -2.67
C LEU A 86 8.51 -3.48 -1.59
N SER A 87 8.92 -4.19 -0.54
CA SER A 87 9.75 -3.64 0.53
C SER A 87 11.05 -3.10 -0.10
N LYS A 88 11.74 -3.92 -0.91
CA LYS A 88 12.99 -3.52 -1.55
C LYS A 88 12.78 -2.36 -2.53
N ASN A 89 11.60 -2.27 -3.13
CA ASN A 89 11.25 -1.28 -4.15
C ASN A 89 10.82 0.05 -3.54
N THR A 90 11.12 0.25 -2.27
CA THR A 90 10.88 1.52 -1.60
C THR A 90 11.93 2.51 -2.10
N PRO A 91 11.55 3.67 -2.65
CA PRO A 91 12.48 4.73 -3.03
C PRO A 91 12.91 5.52 -1.77
N SER A 92 13.40 4.80 -0.75
CA SER A 92 13.68 5.30 0.60
C SER A 92 12.46 6.01 1.21
N ALA A 93 12.61 6.50 2.45
CA ALA A 93 11.64 7.40 3.05
C ALA A 93 12.16 8.76 2.59
N ALA A 94 11.65 9.24 1.45
CA ALA A 94 12.19 10.40 0.75
C ALA A 94 11.10 11.34 0.25
N ASN A 95 10.05 10.78 -0.34
CA ASN A 95 8.96 11.53 -0.95
C ASN A 95 7.65 10.81 -0.66
N ILE A 96 7.57 10.06 0.45
CA ILE A 96 6.47 9.17 0.78
C ILE A 96 5.15 9.90 0.86
N SER A 97 5.14 11.01 1.58
CA SER A 97 4.00 11.90 1.69
C SER A 97 3.54 12.34 0.31
N ALA A 98 4.48 12.68 -0.56
CA ALA A 98 4.19 13.12 -1.92
C ALA A 98 3.64 11.97 -2.75
N TYR A 99 4.15 10.74 -2.60
CA TYR A 99 3.63 9.56 -3.27
C TYR A 99 2.20 9.26 -2.79
N ALA A 100 1.93 9.37 -1.49
CA ALA A 100 0.61 9.14 -0.92
C ALA A 100 -0.38 10.20 -1.43
N ASP A 101 0.04 11.46 -1.47
CA ASP A 101 -0.72 12.55 -2.09
C ASP A 101 -0.96 12.25 -3.58
N ILE A 102 0.00 11.63 -4.27
CA ILE A 102 -0.12 11.21 -5.67
C ILE A 102 -1.19 10.11 -5.82
N VAL A 103 -1.17 9.06 -4.99
CA VAL A 103 -2.20 8.01 -5.05
C VAL A 103 -3.56 8.66 -4.76
N ARG A 104 -3.64 9.54 -3.75
CA ARG A 104 -4.86 10.29 -3.49
C ARG A 104 -5.27 11.11 -4.71
N GLU A 105 -4.35 11.78 -5.41
CA GLU A 105 -4.66 12.48 -6.63
C GLU A 105 -5.33 11.54 -7.62
N ARG A 106 -4.76 10.34 -7.80
CA ARG A 106 -5.32 9.35 -8.72
C ARG A 106 -6.72 8.89 -8.26
N ALA A 107 -7.03 8.93 -6.96
CA ALA A 107 -8.37 8.69 -6.44
C ALA A 107 -9.29 9.91 -6.65
N VAL A 108 -8.80 11.13 -6.51
CA VAL A 108 -9.60 12.32 -6.84
C VAL A 108 -9.87 12.34 -8.35
N VAL A 109 -8.98 11.82 -9.19
CA VAL A 109 -9.25 11.59 -10.61
C VAL A 109 -10.37 10.54 -10.76
N ARG A 110 -10.45 9.54 -9.87
CA ARG A 110 -11.54 8.57 -9.79
C ARG A 110 -12.88 9.18 -9.37
N GLU A 111 -12.92 10.39 -8.81
CA GLU A 111 -14.18 11.09 -8.46
C GLU A 111 -14.47 12.15 -9.53
N MET A 112 -13.53 13.06 -9.77
CA MET A 112 -13.56 14.06 -10.83
C MET A 112 -13.13 13.45 -12.17
N ILE A 113 -13.76 12.33 -12.52
CA ILE A 113 -13.67 11.62 -13.77
C ILE A 113 -13.78 12.52 -15.01
N SER A 114 -13.20 12.05 -16.12
CA SER A 114 -13.18 12.73 -17.39
C SER A 114 -14.55 12.65 -18.06
N MET A 1 -9.84 4.78 -21.40
CA MET A 1 -9.72 4.32 -22.79
C MET A 1 -8.34 3.72 -22.97
N LYS A 2 -8.24 2.41 -23.25
CA LYS A 2 -7.01 1.64 -23.42
C LYS A 2 -5.99 1.93 -22.32
N VAL A 3 -6.11 1.18 -21.22
CA VAL A 3 -5.38 1.29 -19.96
C VAL A 3 -5.88 2.53 -19.19
N PRO A 4 -6.60 2.36 -18.08
CA PRO A 4 -6.90 3.47 -17.18
C PRO A 4 -5.58 3.93 -16.54
N PRO A 5 -5.40 5.22 -16.25
CA PRO A 5 -4.20 5.69 -15.56
C PRO A 5 -4.23 5.30 -14.08
N HIS A 6 -3.08 5.45 -13.43
CA HIS A 6 -2.75 5.20 -12.03
C HIS A 6 -1.26 5.56 -11.88
N SER A 7 -0.69 5.43 -10.69
CA SER A 7 0.75 5.51 -10.47
C SER A 7 1.16 4.32 -9.61
N ILE A 8 1.08 3.12 -10.18
CA ILE A 8 1.30 1.83 -9.54
C ILE A 8 2.66 1.77 -8.86
N GLU A 9 3.76 2.03 -9.57
CA GLU A 9 5.07 1.94 -8.95
C GLU A 9 5.29 3.00 -7.87
N ALA A 10 4.58 4.12 -8.00
CA ALA A 10 4.54 5.17 -6.99
C ALA A 10 3.73 4.73 -5.76
N GLU A 11 2.69 3.90 -5.94
CA GLU A 11 1.95 3.21 -4.89
C GLU A 11 2.88 2.21 -4.19
N GLN A 12 3.60 1.38 -4.96
CA GLN A 12 4.55 0.38 -4.44
C GLN A 12 5.53 1.00 -3.45
N SER A 13 6.03 2.21 -3.74
CA SER A 13 6.93 2.94 -2.84
C SER A 13 6.27 3.29 -1.51
N VAL A 14 5.00 3.68 -1.49
CA VAL A 14 4.27 3.98 -0.26
C VAL A 14 4.02 2.69 0.51
N LEU A 15 3.58 1.64 -0.19
CA LEU A 15 3.22 0.36 0.40
C LEU A 15 4.42 -0.25 1.10
N GLY A 16 5.56 -0.40 0.40
CA GLY A 16 6.78 -0.88 1.03
C GLY A 16 7.33 0.13 2.04
N GLY A 17 7.07 1.42 1.83
CA GLY A 17 7.40 2.51 2.74
C GLY A 17 6.82 2.31 4.11
N LEU A 18 5.55 1.94 4.21
CA LEU A 18 4.89 1.78 5.50
C LEU A 18 5.46 0.61 6.30
N MET A 19 5.98 -0.41 5.62
CA MET A 19 6.74 -1.50 6.24
C MET A 19 8.05 -0.97 6.84
N LEU A 20 8.59 0.15 6.32
CA LEU A 20 9.92 0.67 6.62
C LEU A 20 9.88 1.78 7.67
N ASP A 21 9.01 2.76 7.46
CA ASP A 21 8.89 3.99 8.24
C ASP A 21 7.45 4.20 8.67
N ASN A 22 7.10 3.59 9.81
CA ASN A 22 5.73 3.53 10.30
C ASN A 22 5.21 4.92 10.69
N GLU A 23 6.09 5.90 10.90
CA GLU A 23 5.69 7.28 11.20
C GLU A 23 5.11 7.99 9.98
N ARG A 24 5.23 7.43 8.77
CA ARG A 24 4.48 7.96 7.63
C ARG A 24 3.04 7.43 7.65
N TRP A 25 2.69 6.44 8.47
CA TRP A 25 1.33 5.88 8.50
C TRP A 25 0.31 7.00 8.62
N ASP A 26 0.49 7.91 9.56
CA ASP A 26 -0.46 9.00 9.77
C ASP A 26 -0.56 10.00 8.63
N ASP A 27 0.48 10.16 7.82
CA ASP A 27 0.49 11.06 6.67
C ASP A 27 -0.17 10.38 5.49
N VAL A 28 0.17 9.11 5.30
CA VAL A 28 -0.36 8.28 4.26
C VAL A 28 -1.86 8.12 4.52
N ALA A 29 -2.29 7.77 5.73
CA ALA A 29 -3.70 7.60 6.09
C ALA A 29 -4.52 8.87 5.89
N GLU A 30 -3.87 10.04 5.99
CA GLU A 30 -4.46 11.34 5.76
C GLU A 30 -4.72 11.64 4.28
N ARG A 31 -4.15 10.84 3.39
CA ARG A 31 -4.31 10.97 1.94
C ARG A 31 -5.09 9.77 1.43
N VAL A 32 -4.79 8.58 1.93
CA VAL A 32 -5.29 7.36 1.36
C VAL A 32 -5.61 6.32 2.41
N VAL A 33 -6.55 5.45 2.08
CA VAL A 33 -6.85 4.23 2.81
C VAL A 33 -7.04 3.12 1.76
N ALA A 34 -7.48 1.94 2.18
CA ALA A 34 -7.77 0.84 1.26
C ALA A 34 -8.73 1.26 0.14
N ASP A 35 -9.58 2.27 0.37
CA ASP A 35 -10.49 2.77 -0.66
C ASP A 35 -9.75 3.31 -1.89
N ASP A 36 -8.49 3.70 -1.78
CA ASP A 36 -7.76 4.42 -2.81
C ASP A 36 -6.88 3.49 -3.64
N PHE A 37 -6.53 2.31 -3.13
CA PHE A 37 -5.71 1.32 -3.82
C PHE A 37 -6.61 0.38 -4.62
N TYR A 38 -6.65 0.58 -5.93
CA TYR A 38 -7.47 -0.18 -6.86
C TYR A 38 -7.06 -1.65 -6.99
N THR A 39 -5.77 -2.01 -7.07
CA THR A 39 -5.42 -3.41 -7.37
C THR A 39 -5.64 -4.26 -6.10
N ARG A 40 -6.00 -5.55 -6.22
CA ARG A 40 -6.16 -6.37 -5.03
C ARG A 40 -4.89 -6.47 -4.19
N PRO A 41 -3.67 -6.71 -4.73
CA PRO A 41 -2.49 -6.75 -3.88
C PRO A 41 -2.28 -5.42 -3.18
N HIS A 42 -2.27 -4.30 -3.92
CA HIS A 42 -2.04 -2.99 -3.33
C HIS A 42 -3.07 -2.67 -2.25
N ARG A 43 -4.35 -3.01 -2.48
CA ARG A 43 -5.38 -2.89 -1.47
C ARG A 43 -5.16 -3.77 -0.27
N HIS A 44 -5.03 -5.06 -0.47
CA HIS A 44 -4.91 -6.00 0.63
C HIS A 44 -3.78 -5.59 1.55
N ILE A 45 -2.64 -5.19 0.95
CA ILE A 45 -1.47 -4.73 1.69
C ILE A 45 -1.91 -3.61 2.63
N PHE A 46 -2.51 -2.53 2.12
CA PHE A 46 -2.98 -1.44 2.96
C PHE A 46 -4.02 -1.90 3.99
N THR A 47 -5.03 -2.65 3.56
CA THR A 47 -6.18 -3.03 4.39
C THR A 47 -5.68 -3.83 5.60
N GLU A 48 -4.83 -4.83 5.37
CA GLU A 48 -4.39 -5.71 6.42
C GLU A 48 -3.38 -4.97 7.31
N MET A 49 -2.60 -4.02 6.78
CA MET A 49 -1.78 -3.12 7.61
C MET A 49 -2.69 -2.31 8.52
N ALA A 50 -3.72 -1.66 7.95
CA ALA A 50 -4.64 -0.84 8.71
C ALA A 50 -5.26 -1.69 9.82
N ARG A 51 -5.74 -2.89 9.49
CA ARG A 51 -6.39 -3.77 10.45
C ARG A 51 -5.39 -4.36 11.45
N LEU A 52 -4.10 -4.56 11.13
CA LEU A 52 -3.05 -4.89 12.09
C LEU A 52 -2.83 -3.74 13.05
N GLN A 53 -2.62 -2.53 12.55
CA GLN A 53 -2.37 -1.36 13.38
C GLN A 53 -3.59 -1.09 14.27
N GLU A 54 -4.79 -1.38 13.77
CA GLU A 54 -6.04 -1.32 14.52
C GLU A 54 -6.04 -2.31 15.70
N SER A 55 -5.39 -3.47 15.56
CA SER A 55 -5.18 -4.40 16.66
C SER A 55 -3.83 -4.19 17.37
N GLY A 56 -3.18 -3.02 17.17
CA GLY A 56 -1.94 -2.66 17.84
C GLY A 56 -0.80 -3.58 17.42
N SER A 57 -0.94 -4.22 16.26
CA SER A 57 -0.02 -5.22 15.75
C SER A 57 0.80 -4.58 14.62
N PRO A 58 2.06 -4.99 14.44
CA PRO A 58 2.96 -4.27 13.56
C PRO A 58 2.55 -4.39 12.10
N ILE A 59 2.83 -3.35 11.33
CA ILE A 59 2.60 -3.29 9.88
C ILE A 59 3.88 -3.71 9.14
N ASP A 60 4.75 -4.47 9.83
CA ASP A 60 5.93 -5.06 9.23
C ASP A 60 5.51 -6.05 8.16
N LEU A 61 6.34 -6.14 7.11
CA LEU A 61 6.16 -7.04 5.98
C LEU A 61 5.79 -8.44 6.45
N ILE A 62 6.60 -9.03 7.31
CA ILE A 62 6.47 -10.41 7.69
C ILE A 62 5.14 -10.64 8.40
N THR A 63 4.79 -9.76 9.34
CA THR A 63 3.50 -9.78 10.03
C THR A 63 2.35 -9.78 9.02
N LEU A 64 2.43 -8.84 8.08
CA LEU A 64 1.47 -8.60 7.02
C LEU A 64 1.31 -9.83 6.12
N ALA A 65 2.41 -10.37 5.63
CA ALA A 65 2.46 -11.53 4.76
C ALA A 65 1.87 -12.76 5.45
N GLU A 66 2.20 -12.96 6.72
CA GLU A 66 1.64 -14.06 7.50
C GLU A 66 0.14 -13.86 7.70
N SER A 67 -0.31 -12.60 7.87
CA SER A 67 -1.73 -12.27 7.98
C SER A 67 -2.43 -12.51 6.63
N LEU A 68 -1.77 -12.23 5.50
CA LEU A 68 -2.25 -12.57 4.17
C LEU A 68 -2.39 -14.08 4.02
N GLU A 69 -1.47 -14.88 4.54
CA GLU A 69 -1.59 -16.32 4.55
C GLU A 69 -2.73 -16.80 5.44
N ARG A 70 -2.93 -16.17 6.60
CA ARG A 70 -4.09 -16.45 7.44
C ARG A 70 -5.38 -16.15 6.68
N GLN A 71 -5.39 -15.08 5.88
CA GLN A 71 -6.48 -14.71 4.98
C GLN A 71 -6.55 -15.62 3.74
N GLY A 72 -5.54 -16.45 3.45
CA GLY A 72 -5.53 -17.29 2.25
C GLY A 72 -5.35 -16.47 0.97
N GLN A 73 -4.76 -15.27 1.08
CA GLN A 73 -4.56 -14.30 0.00
C GLN A 73 -3.08 -14.15 -0.35
N LEU A 74 -2.14 -14.73 0.42
CA LEU A 74 -0.70 -14.51 0.22
C LEU A 74 -0.26 -14.84 -1.20
N ASP A 75 -0.65 -16.00 -1.73
CA ASP A 75 -0.37 -16.39 -3.11
C ASP A 75 -1.00 -15.39 -4.08
N SER A 76 -2.29 -15.05 -3.86
CA SER A 76 -3.04 -14.14 -4.72
C SER A 76 -2.33 -12.80 -4.91
N VAL A 77 -1.65 -12.29 -3.88
CA VAL A 77 -1.02 -10.97 -3.93
C VAL A 77 0.44 -11.06 -4.42
N GLY A 78 0.95 -12.27 -4.70
CA GLY A 78 2.26 -12.47 -5.30
C GLY A 78 3.19 -13.37 -4.49
N GLY A 79 2.65 -14.15 -3.55
CA GLY A 79 3.37 -15.22 -2.86
C GLY A 79 4.55 -14.79 -2.00
N PHE A 80 4.35 -13.82 -1.11
CA PHE A 80 5.37 -13.17 -0.27
C PHE A 80 6.37 -12.37 -1.12
N ALA A 81 7.02 -13.00 -2.09
CA ALA A 81 8.09 -12.44 -2.88
C ALA A 81 7.72 -11.08 -3.50
N TYR A 82 6.48 -10.92 -3.98
CA TYR A 82 6.04 -9.63 -4.51
C TYR A 82 6.02 -8.53 -3.43
N LEU A 83 5.62 -8.88 -2.20
CA LEU A 83 5.59 -7.95 -1.07
C LEU A 83 7.01 -7.57 -0.70
N ALA A 84 7.90 -8.56 -0.68
CA ALA A 84 9.32 -8.37 -0.43
C ALA A 84 9.95 -7.51 -1.53
N GLU A 85 9.48 -7.61 -2.76
CA GLU A 85 9.87 -6.74 -3.85
C GLU A 85 9.41 -5.31 -3.56
N LEU A 86 8.16 -5.08 -3.13
CA LEU A 86 7.72 -3.73 -2.75
C LEU A 86 8.63 -3.16 -1.66
N SER A 87 8.88 -3.96 -0.63
CA SER A 87 9.74 -3.63 0.50
C SER A 87 11.13 -3.22 -0.04
N LYS A 88 11.71 -4.01 -0.95
CA LYS A 88 13.03 -3.75 -1.49
C LYS A 88 13.05 -2.62 -2.53
N ASN A 89 11.90 -2.23 -3.07
CA ASN A 89 11.71 -1.13 -4.02
C ASN A 89 11.28 0.15 -3.32
N THR A 90 11.47 0.20 -2.01
CA THR A 90 11.12 1.34 -1.18
C THR A 90 12.30 2.31 -1.16
N PRO A 91 12.12 3.59 -1.53
CA PRO A 91 13.14 4.63 -1.42
C PRO A 91 13.26 5.11 0.05
N SER A 92 13.47 4.19 0.99
CA SER A 92 13.42 4.38 2.44
C SER A 92 12.11 5.02 2.90
N ALA A 93 12.00 6.36 2.89
CA ALA A 93 10.80 7.11 3.22
C ALA A 93 10.60 8.32 2.29
N ALA A 94 11.29 8.36 1.14
CA ALA A 94 11.40 9.51 0.25
C ALA A 94 10.05 10.17 -0.03
N ASN A 95 9.82 11.30 0.62
CA ASN A 95 8.67 12.19 0.42
C ASN A 95 7.36 11.40 0.46
N ILE A 96 7.29 10.35 1.29
CA ILE A 96 6.19 9.40 1.23
C ILE A 96 4.82 10.04 1.47
N SER A 97 4.72 11.11 2.25
CA SER A 97 3.51 11.90 2.39
C SER A 97 3.03 12.43 1.03
N ALA A 98 3.95 13.07 0.31
CA ALA A 98 3.74 13.66 -1.01
C ALA A 98 3.49 12.58 -2.07
N TYR A 99 4.07 11.38 -1.90
CA TYR A 99 3.79 10.21 -2.73
C TYR A 99 2.39 9.70 -2.46
N ALA A 100 1.96 9.60 -1.20
CA ALA A 100 0.60 9.19 -0.86
C ALA A 100 -0.39 10.21 -1.41
N ASP A 101 -0.01 11.48 -1.46
CA ASP A 101 -0.81 12.52 -2.09
C ASP A 101 -0.99 12.22 -3.58
N ILE A 102 0.06 11.74 -4.26
CA ILE A 102 -0.06 11.31 -5.65
C ILE A 102 -1.02 10.13 -5.76
N VAL A 103 -0.98 9.15 -4.85
CA VAL A 103 -1.95 8.04 -4.87
C VAL A 103 -3.36 8.58 -4.69
N ARG A 104 -3.59 9.43 -3.69
CA ARG A 104 -4.86 10.12 -3.43
C ARG A 104 -5.33 10.83 -4.68
N GLU A 105 -4.49 11.65 -5.29
CA GLU A 105 -4.81 12.41 -6.48
C GLU A 105 -5.14 11.49 -7.64
N ARG A 106 -4.38 10.42 -7.81
CA ARG A 106 -4.65 9.42 -8.85
C ARG A 106 -5.97 8.71 -8.59
N ALA A 107 -6.34 8.46 -7.33
CA ALA A 107 -7.64 7.91 -6.96
C ALA A 107 -8.75 8.92 -7.29
N VAL A 108 -8.54 10.20 -6.98
CA VAL A 108 -9.41 11.31 -7.31
C VAL A 108 -9.61 11.44 -8.83
N VAL A 109 -8.55 11.25 -9.63
CA VAL A 109 -8.64 11.19 -11.08
C VAL A 109 -9.36 9.89 -11.53
N ARG A 110 -9.18 8.78 -10.82
CA ARG A 110 -9.79 7.49 -11.15
C ARG A 110 -11.30 7.54 -11.02
N GLU A 111 -11.84 8.43 -10.18
CA GLU A 111 -13.28 8.63 -10.04
C GLU A 111 -13.73 9.77 -10.96
N MET A 112 -13.05 10.91 -10.92
CA MET A 112 -13.27 12.05 -11.82
C MET A 112 -12.52 11.84 -13.15
N ILE A 113 -12.71 10.68 -13.78
CA ILE A 113 -12.21 10.43 -15.13
C ILE A 113 -12.83 11.45 -16.10
N SER A 114 -14.10 11.78 -15.86
CA SER A 114 -14.91 12.82 -16.51
C SER A 114 -14.74 12.76 -18.02
N MET A 1 -1.85 -4.51 -12.84
CA MET A 1 -1.35 -5.38 -13.93
C MET A 1 -2.39 -5.30 -15.04
N LYS A 2 -2.19 -4.38 -16.00
CA LYS A 2 -3.28 -3.71 -16.71
C LYS A 2 -4.23 -3.05 -15.67
N VAL A 3 -5.29 -2.38 -16.15
CA VAL A 3 -6.16 -1.50 -15.36
C VAL A 3 -5.37 -0.21 -15.06
N PRO A 4 -6.03 0.97 -14.98
CA PRO A 4 -5.36 2.27 -14.95
C PRO A 4 -4.33 2.39 -13.82
N PRO A 5 -3.01 2.47 -14.15
CA PRO A 5 -1.96 2.67 -13.17
C PRO A 5 -2.06 4.11 -12.66
N HIS A 6 -2.72 4.26 -11.52
CA HIS A 6 -2.84 5.47 -10.71
C HIS A 6 -1.51 5.67 -9.98
N SER A 7 -0.44 5.82 -10.76
CA SER A 7 0.96 5.79 -10.34
C SER A 7 1.21 4.60 -9.42
N ILE A 8 0.92 3.41 -9.95
CA ILE A 8 1.04 2.11 -9.29
C ILE A 8 2.45 1.94 -8.72
N GLU A 9 3.49 2.27 -9.45
CA GLU A 9 4.85 2.09 -8.96
C GLU A 9 5.20 3.01 -7.77
N ALA A 10 4.62 4.20 -7.74
CA ALA A 10 4.65 5.09 -6.57
C ALA A 10 3.83 4.50 -5.43
N GLU A 11 2.63 3.99 -5.71
CA GLU A 11 1.73 3.39 -4.73
C GLU A 11 2.43 2.19 -4.07
N GLN A 12 3.14 1.37 -4.86
CA GLN A 12 4.00 0.31 -4.36
C GLN A 12 5.09 0.85 -3.42
N SER A 13 5.67 2.02 -3.70
CA SER A 13 6.63 2.65 -2.80
C SER A 13 5.97 3.13 -1.51
N VAL A 14 4.71 3.58 -1.51
CA VAL A 14 4.00 3.86 -0.27
C VAL A 14 3.94 2.57 0.55
N LEU A 15 3.46 1.47 -0.06
CA LEU A 15 3.35 0.18 0.62
C LEU A 15 4.70 -0.26 1.19
N GLY A 16 5.78 -0.18 0.41
CA GLY A 16 7.11 -0.53 0.85
C GLY A 16 7.66 0.43 1.92
N GLY A 17 7.24 1.69 1.88
CA GLY A 17 7.64 2.71 2.84
C GLY A 17 7.08 2.39 4.22
N LEU A 18 5.85 1.90 4.28
CA LEU A 18 5.16 1.62 5.54
C LEU A 18 5.76 0.44 6.29
N MET A 19 6.33 -0.54 5.58
CA MET A 19 7.02 -1.66 6.23
C MET A 19 8.24 -1.16 6.99
N LEU A 20 8.90 -0.12 6.47
CA LEU A 20 10.02 0.57 7.07
C LEU A 20 9.55 1.46 8.21
N ASP A 21 8.64 2.35 7.88
CA ASP A 21 8.19 3.46 8.70
C ASP A 21 6.69 3.36 8.96
N ASN A 22 6.38 2.69 10.06
CA ASN A 22 5.02 2.46 10.52
C ASN A 22 4.48 3.64 11.33
N GLU A 23 5.31 4.65 11.65
CA GLU A 23 4.85 5.92 12.21
C GLU A 23 4.24 6.78 11.10
N ARG A 24 4.79 6.71 9.89
CA ARG A 24 4.20 7.40 8.75
C ARG A 24 2.93 6.70 8.30
N TRP A 25 2.51 5.58 8.92
CA TRP A 25 1.19 5.02 8.68
C TRP A 25 0.13 6.10 8.85
N ASP A 26 0.14 6.81 9.97
CA ASP A 26 -0.88 7.82 10.27
C ASP A 26 -0.82 9.00 9.33
N ASP A 27 0.35 9.25 8.77
CA ASP A 27 0.62 10.35 7.85
C ASP A 27 0.06 9.99 6.49
N VAL A 28 0.37 8.79 6.02
CA VAL A 28 -0.14 8.18 4.82
C VAL A 28 -1.64 7.96 4.95
N ALA A 29 -2.20 7.55 6.09
CA ALA A 29 -3.64 7.45 6.29
C ALA A 29 -4.31 8.82 6.16
N GLU A 30 -3.58 9.90 6.47
CA GLU A 30 -3.93 11.30 6.27
C GLU A 30 -3.66 11.79 4.85
N ARG A 31 -3.13 10.95 3.97
CA ARG A 31 -3.03 11.21 2.53
C ARG A 31 -4.00 10.34 1.77
N VAL A 32 -4.23 9.10 2.21
CA VAL A 32 -4.94 8.08 1.46
C VAL A 32 -5.66 7.10 2.38
N VAL A 33 -6.54 6.26 1.82
CA VAL A 33 -7.14 5.11 2.48
C VAL A 33 -7.13 3.96 1.46
N ALA A 34 -7.39 2.72 1.88
CA ALA A 34 -7.46 1.58 0.95
C ALA A 34 -8.55 1.77 -0.11
N ASP A 35 -9.57 2.59 0.17
CA ASP A 35 -10.63 2.92 -0.78
C ASP A 35 -10.11 3.75 -1.96
N ASP A 36 -8.94 4.37 -1.85
CA ASP A 36 -8.33 5.11 -2.95
C ASP A 36 -7.63 4.13 -3.89
N PHE A 37 -6.91 3.15 -3.33
CA PHE A 37 -6.09 2.17 -4.02
C PHE A 37 -7.01 1.34 -4.92
N TYR A 38 -7.02 1.62 -6.22
CA TYR A 38 -7.93 0.92 -7.14
C TYR A 38 -7.50 -0.53 -7.34
N THR A 39 -6.22 -0.85 -7.14
CA THR A 39 -5.60 -2.12 -7.47
C THR A 39 -5.94 -3.20 -6.44
N ARG A 40 -6.73 -4.20 -6.84
CA ARG A 40 -7.10 -5.38 -6.06
C ARG A 40 -5.99 -5.95 -5.16
N PRO A 41 -4.79 -6.30 -5.67
CA PRO A 41 -3.75 -6.85 -4.81
C PRO A 41 -3.23 -5.78 -3.86
N HIS A 42 -2.94 -4.58 -4.36
CA HIS A 42 -2.38 -3.50 -3.57
C HIS A 42 -3.29 -3.12 -2.39
N ARG A 43 -4.61 -3.08 -2.60
CA ARG A 43 -5.58 -2.83 -1.54
C ARG A 43 -5.36 -3.77 -0.39
N HIS A 44 -5.06 -5.03 -0.67
CA HIS A 44 -4.95 -6.02 0.36
C HIS A 44 -3.89 -5.63 1.38
N ILE A 45 -2.70 -5.21 0.92
CA ILE A 45 -1.65 -4.74 1.80
C ILE A 45 -2.21 -3.61 2.66
N PHE A 46 -2.80 -2.57 2.07
CA PHE A 46 -3.33 -1.43 2.83
C PHE A 46 -4.31 -1.91 3.91
N THR A 47 -5.27 -2.75 3.53
CA THR A 47 -6.33 -3.25 4.40
C THR A 47 -5.74 -4.10 5.52
N GLU A 48 -4.71 -4.88 5.23
CA GLU A 48 -4.07 -5.77 6.20
C GLU A 48 -3.20 -4.95 7.16
N MET A 49 -2.42 -4.00 6.64
CA MET A 49 -1.63 -3.07 7.44
C MET A 49 -2.55 -2.26 8.36
N ALA A 50 -3.66 -1.75 7.83
CA ALA A 50 -4.67 -1.04 8.59
C ALA A 50 -5.19 -1.93 9.72
N ARG A 51 -5.55 -3.17 9.41
CA ARG A 51 -6.02 -4.15 10.41
C ARG A 51 -4.96 -4.47 11.46
N LEU A 52 -3.68 -4.58 11.07
CA LEU A 52 -2.57 -4.84 11.97
C LEU A 52 -2.38 -3.67 12.93
N GLN A 53 -2.30 -2.44 12.42
CA GLN A 53 -2.14 -1.24 13.21
C GLN A 53 -3.34 -1.03 14.14
N GLU A 54 -4.54 -1.35 13.65
CA GLU A 54 -5.79 -1.42 14.41
C GLU A 54 -5.68 -2.44 15.54
N SER A 55 -5.00 -3.56 15.32
CA SER A 55 -4.63 -4.57 16.30
C SER A 55 -3.33 -4.21 17.05
N GLY A 56 -2.79 -3.01 16.89
CA GLY A 56 -1.66 -2.51 17.65
C GLY A 56 -0.40 -3.33 17.36
N SER A 57 -0.33 -3.92 16.17
CA SER A 57 0.68 -4.87 15.75
C SER A 57 1.50 -4.27 14.59
N PRO A 58 2.79 -4.65 14.45
CA PRO A 58 3.65 -4.13 13.42
C PRO A 58 3.14 -4.48 12.01
N ILE A 59 3.58 -3.69 11.05
CA ILE A 59 3.29 -3.84 9.63
C ILE A 59 4.59 -4.13 8.85
N ASP A 60 5.61 -4.63 9.56
CA ASP A 60 6.83 -5.17 8.98
C ASP A 60 6.44 -6.39 8.14
N LEU A 61 7.17 -6.61 7.03
CA LEU A 61 6.86 -7.59 6.00
C LEU A 61 6.49 -8.95 6.58
N ILE A 62 7.21 -9.41 7.60
CA ILE A 62 7.00 -10.75 8.12
C ILE A 62 5.61 -10.87 8.74
N THR A 63 5.22 -9.92 9.59
CA THR A 63 3.92 -9.85 10.23
C THR A 63 2.83 -9.65 9.19
N LEU A 64 3.08 -8.77 8.23
CA LEU A 64 2.18 -8.48 7.12
C LEU A 64 1.85 -9.75 6.34
N ALA A 65 2.90 -10.45 5.91
CA ALA A 65 2.76 -11.67 5.16
C ALA A 65 2.00 -12.70 5.99
N GLU A 66 2.34 -12.85 7.27
CA GLU A 66 1.67 -13.76 8.18
C GLU A 66 0.20 -13.41 8.39
N SER A 67 -0.19 -12.14 8.27
CA SER A 67 -1.57 -11.75 8.36
C SER A 67 -2.28 -12.16 7.06
N LEU A 68 -1.73 -11.79 5.89
CA LEU A 68 -2.22 -12.20 4.57
C LEU A 68 -2.33 -13.72 4.44
N GLU A 69 -1.42 -14.47 5.02
CA GLU A 69 -1.45 -15.92 5.10
C GLU A 69 -2.61 -16.41 5.96
N ARG A 70 -2.89 -15.80 7.12
CA ARG A 70 -4.10 -16.15 7.86
C ARG A 70 -5.35 -15.86 7.03
N GLN A 71 -5.35 -14.78 6.22
CA GLN A 71 -6.47 -14.52 5.32
C GLN A 71 -6.47 -15.49 4.13
N GLY A 72 -5.36 -16.21 3.87
CA GLY A 72 -5.29 -17.12 2.75
C GLY A 72 -5.26 -16.35 1.45
N GLN A 73 -4.45 -15.28 1.41
CA GLN A 73 -4.43 -14.27 0.37
C GLN A 73 -3.01 -13.86 -0.04
N LEU A 74 -1.96 -14.45 0.57
CA LEU A 74 -0.59 -14.12 0.20
C LEU A 74 -0.32 -14.46 -1.27
N ASP A 75 -0.88 -15.56 -1.79
CA ASP A 75 -0.84 -15.90 -3.20
C ASP A 75 -1.40 -14.77 -4.07
N SER A 76 -2.48 -14.13 -3.61
CA SER A 76 -3.27 -13.20 -4.38
C SER A 76 -2.63 -11.82 -4.45
N VAL A 77 -1.72 -11.49 -3.54
CA VAL A 77 -0.93 -10.28 -3.72
C VAL A 77 0.26 -10.55 -4.64
N GLY A 78 0.61 -11.82 -4.86
CA GLY A 78 1.66 -12.26 -5.78
C GLY A 78 2.65 -13.23 -5.15
N GLY A 79 2.39 -13.75 -3.96
CA GLY A 79 3.30 -14.58 -3.17
C GLY A 79 4.22 -13.71 -2.31
N PHE A 80 5.00 -14.35 -1.43
CA PHE A 80 5.83 -13.64 -0.46
C PHE A 80 6.76 -12.63 -1.13
N ALA A 81 7.45 -13.05 -2.20
CA ALA A 81 8.41 -12.20 -2.86
C ALA A 81 7.76 -11.02 -3.59
N TYR A 82 6.44 -11.01 -3.84
CA TYR A 82 5.79 -9.80 -4.32
C TYR A 82 5.73 -8.75 -3.21
N LEU A 83 5.43 -9.16 -1.97
CA LEU A 83 5.51 -8.20 -0.87
C LEU A 83 6.95 -7.75 -0.68
N ALA A 84 7.92 -8.65 -0.84
CA ALA A 84 9.32 -8.28 -0.79
C ALA A 84 9.67 -7.28 -1.90
N GLU A 85 9.00 -7.34 -3.06
CA GLU A 85 9.14 -6.43 -4.19
C GLU A 85 8.81 -5.01 -3.72
N LEU A 86 7.67 -4.85 -3.02
CA LEU A 86 7.26 -3.59 -2.39
C LEU A 86 8.33 -3.18 -1.38
N SER A 87 8.72 -4.11 -0.51
CA SER A 87 9.66 -3.93 0.58
C SER A 87 11.06 -3.51 0.10
N LYS A 88 11.35 -3.62 -1.20
CA LYS A 88 12.60 -3.12 -1.80
C LYS A 88 12.35 -1.98 -2.80
N ASN A 89 11.11 -1.73 -3.22
CA ASN A 89 10.71 -0.61 -4.08
C ASN A 89 10.48 0.65 -3.23
N THR A 90 11.29 0.84 -2.20
CA THR A 90 11.11 1.86 -1.18
C THR A 90 12.44 2.60 -1.02
N PRO A 91 12.54 3.89 -1.37
CA PRO A 91 13.75 4.68 -1.24
C PRO A 91 13.98 5.14 0.21
N SER A 92 13.66 4.31 1.19
CA SER A 92 13.58 4.67 2.62
C SER A 92 12.37 5.58 2.84
N ALA A 93 12.10 6.03 4.07
CA ALA A 93 11.07 7.03 4.32
C ALA A 93 11.57 8.36 3.74
N ALA A 94 11.11 8.70 2.54
CA ALA A 94 11.61 9.81 1.74
C ALA A 94 10.49 10.26 0.82
N ASN A 95 9.78 11.33 1.19
CA ASN A 95 8.65 11.88 0.43
C ASN A 95 7.53 10.83 0.25
N ILE A 96 7.33 9.99 1.27
CA ILE A 96 6.24 9.01 1.31
C ILE A 96 4.89 9.72 1.20
N SER A 97 4.77 10.83 1.90
CA SER A 97 3.59 11.66 1.90
C SER A 97 3.28 12.16 0.49
N ALA A 98 4.32 12.57 -0.24
CA ALA A 98 4.19 13.12 -1.58
C ALA A 98 3.83 12.01 -2.57
N TYR A 99 4.35 10.80 -2.37
CA TYR A 99 3.97 9.63 -3.15
C TYR A 99 2.49 9.29 -2.92
N ALA A 100 2.06 9.23 -1.66
CA ALA A 100 0.67 8.97 -1.33
C ALA A 100 -0.27 10.05 -1.88
N ASP A 101 0.17 11.31 -1.91
CA ASP A 101 -0.58 12.41 -2.49
C ASP A 101 -0.87 12.19 -3.98
N ILE A 102 0.05 11.55 -4.71
CA ILE A 102 -0.18 11.17 -6.10
C ILE A 102 -1.29 10.12 -6.12
N VAL A 103 -1.16 9.04 -5.34
CA VAL A 103 -2.13 7.95 -5.30
C VAL A 103 -3.53 8.50 -5.02
N ARG A 104 -3.70 9.33 -3.99
CA ARG A 104 -5.03 9.84 -3.65
C ARG A 104 -5.61 10.66 -4.80
N GLU A 105 -4.82 11.54 -5.40
CA GLU A 105 -5.29 12.36 -6.50
C GLU A 105 -5.66 11.46 -7.68
N ARG A 106 -4.80 10.52 -8.00
CA ARG A 106 -5.06 9.57 -9.07
C ARG A 106 -6.27 8.68 -8.76
N ALA A 107 -6.66 8.48 -7.50
CA ALA A 107 -7.92 7.85 -7.16
C ALA A 107 -9.09 8.78 -7.46
N VAL A 108 -8.94 10.10 -7.33
CA VAL A 108 -9.95 11.03 -7.83
C VAL A 108 -10.02 10.92 -9.36
N VAL A 109 -8.86 10.81 -10.03
CA VAL A 109 -8.78 10.57 -11.47
C VAL A 109 -9.38 9.19 -11.83
N ARG A 110 -9.47 8.22 -10.90
CA ARG A 110 -10.11 6.94 -11.19
C ARG A 110 -11.54 7.13 -11.63
N GLU A 111 -12.27 8.10 -11.10
CA GLU A 111 -13.64 8.33 -11.58
C GLU A 111 -13.65 8.95 -12.98
N MET A 112 -12.57 9.65 -13.33
CA MET A 112 -12.40 10.30 -14.62
C MET A 112 -12.11 9.28 -15.73
N ILE A 113 -11.84 8.02 -15.40
CA ILE A 113 -11.45 6.97 -16.34
C ILE A 113 -12.61 5.99 -16.43
N SER A 114 -13.60 6.32 -17.26
CA SER A 114 -14.79 5.53 -17.56
C SER A 114 -15.70 5.35 -16.36
#